data_7M10
# 
_entry.id   7M10 
# 
_audit_conform.dict_name       mmcif_pdbx.dic 
_audit_conform.dict_version    5.380 
_audit_conform.dict_location   http://mmcif.pdb.org/dictionaries/ascii/mmcif_pdbx.dic 
# 
loop_
_database_2.database_id 
_database_2.database_code 
_database_2.pdbx_database_accession 
_database_2.pdbx_DOI 
PDB   7M10         pdb_00007m10 10.2210/pdb7m10/pdb 
WWPDB D_1000255448 ?            ?                   
# 
_pdbx_database_status.status_code                     REL 
_pdbx_database_status.status_code_sf                  REL 
_pdbx_database_status.status_code_mr                  ? 
_pdbx_database_status.entry_id                        7M10 
_pdbx_database_status.recvd_initial_deposition_date   2021-03-11 
_pdbx_database_status.SG_entry                        N 
_pdbx_database_status.deposit_site                    RCSB 
_pdbx_database_status.process_site                    RCSB 
_pdbx_database_status.status_code_cs                  ? 
_pdbx_database_status.status_code_nmr_data            ? 
_pdbx_database_status.methods_development_category    ? 
_pdbx_database_status.pdb_format_compatible           Y 
# 
loop_
_audit_author.name 
_audit_author.pdbx_ordinal 
_audit_author.identifier_ORCID 
'Horton, J.R.' 1 ? 
'Cheng, X.'    2 ? 
# 
_citation.abstract                  ? 
_citation.abstract_id_CAS           ? 
_citation.book_id_ISBN              ? 
_citation.book_publisher            ? 
_citation.book_publisher_city       ? 
_citation.book_title                ? 
_citation.coordinate_linkage        ? 
_citation.country                   UK 
_citation.database_id_Medline       ? 
_citation.details                   ? 
_citation.id                        primary 
_citation.journal_abbrev            Biochem.J. 
_citation.journal_id_ASTM           BIJOAK 
_citation.journal_id_CSD            0043 
_citation.journal_id_ISSN           1470-8728 
_citation.journal_full              ? 
_citation.journal_issue             ? 
_citation.journal_volume            478 
_citation.language                  ? 
_citation.page_first                1943 
_citation.page_last                 1958 
_citation.title                     'Histone H3 N-terminal mimicry drives a novel network of methyl-effector interactions.' 
_citation.year                      2021 
_citation.database_id_CSD           ? 
_citation.pdbx_database_id_DOI      10.1042/BCJ20210203 
_citation.pdbx_database_id_PubMed   33969871 
_citation.pdbx_database_id_patent   ? 
_citation.unpublished_flag          ? 
# 
loop_
_citation_author.citation_id 
_citation_author.name 
_citation_author.ordinal 
_citation_author.identifier_ORCID 
primary 'Chen, J.'      1 ? 
primary 'Horton, J.'    2 ? 
primary 'Sagum, C.'     3 ? 
primary 'Zhou, J.'      4 ? 
primary 'Cheng, X.'     5 ? 
primary 'Bedford, M.T.' 6 ? 
# 
_cell.angle_alpha                  90.000 
_cell.angle_alpha_esd              ? 
_cell.angle_beta                   90.000 
_cell.angle_beta_esd               ? 
_cell.angle_gamma                  90.000 
_cell.angle_gamma_esd              ? 
_cell.entry_id                     7M10 
_cell.details                      ? 
_cell.formula_units_Z              ? 
_cell.length_a                     34.240 
_cell.length_a_esd                 ? 
_cell.length_b                     63.717 
_cell.length_b_esd                 ? 
_cell.length_c                     103.152 
_cell.length_c_esd                 ? 
_cell.volume                       225043.632 
_cell.volume_esd                   ? 
_cell.Z_PDB                        8 
_cell.reciprocal_angle_alpha       ? 
_cell.reciprocal_angle_beta        ? 
_cell.reciprocal_angle_gamma       ? 
_cell.reciprocal_angle_alpha_esd   ? 
_cell.reciprocal_angle_beta_esd    ? 
_cell.reciprocal_angle_gamma_esd   ? 
_cell.reciprocal_length_a          ? 
_cell.reciprocal_length_b          ? 
_cell.reciprocal_length_c          ? 
_cell.reciprocal_length_a_esd      ? 
_cell.reciprocal_length_b_esd      ? 
_cell.reciprocal_length_c_esd      ? 
_cell.pdbx_unique_axis             ? 
# 
_symmetry.entry_id                         7M10 
_symmetry.cell_setting                     ? 
_symmetry.Int_Tables_number                23 
_symmetry.space_group_name_Hall            'I 2 2' 
_symmetry.space_group_name_H-M             'I 2 2 2' 
_symmetry.pdbx_full_space_group_name_H-M   ? 
# 
loop_
_entity.id 
_entity.type 
_entity.src_method 
_entity.pdbx_description 
_entity.formula_weight 
_entity.pdbx_number_of_molecules 
_entity.pdbx_ec 
_entity.pdbx_mutation 
_entity.pdbx_fragment 
_entity.details 
1 polymer     man 'Lysine-specific demethylase PHF2'                        8535.833 1   1.14.11.- ? 'PHD domain' ? 
2 polymer     syn 'Serine/threonine-protein kinase VRK1 N-terminus peptide' 1313.529 1   2.7.11.1  ? ?            ? 
3 non-polymer syn 'ZINC ION'                                                65.409   2   ?         ? ?            ? 
4 non-polymer syn 'FORMIC ACID'                                             46.025   6   ?         ? ?            ? 
5 water       nat water                                                     18.015   124 ?         ? ?            ? 
# 
loop_
_entity_name_com.entity_id 
_entity_name_com.name 
1 'GRC5,PHD finger protein 2' 
2 'Vaccinia-related kinase 1' 
# 
loop_
_entity_poly.entity_id 
_entity_poly.type 
_entity_poly.nstd_linkage 
_entity_poly.nstd_monomer 
_entity_poly.pdbx_seq_one_letter_code 
_entity_poly.pdbx_seq_one_letter_code_can 
_entity_poly.pdbx_strand_id 
_entity_poly.pdbx_target_identifier 
1 'polypeptide(L)' no no  GSINMATVPVYCVCRLPYDVTRFMIECDACKDWFHGSCVGVEEEEAPDIDIYHCPNCEKTHGKSTLKKKRTWHK 
GSINMATVPVYCVCRLPYDVTRFMIECDACKDWFHGSCVGVEEEEAPDIDIYHCPNCEKTHGKSTLKKKRTWHK A ? 
2 'polypeptide(L)' no yes 'PRV(M3L)AAQAGRQS'                                                         PRVKAAQAGRQS B ? 
# 
loop_
_entity_poly_seq.entity_id 
_entity_poly_seq.num 
_entity_poly_seq.mon_id 
_entity_poly_seq.hetero 
1 1  GLY n 
1 2  SER n 
1 3  ILE n 
1 4  ASN n 
1 5  MET n 
1 6  ALA n 
1 7  THR n 
1 8  VAL n 
1 9  PRO n 
1 10 VAL n 
1 11 TYR n 
1 12 CYS n 
1 13 VAL n 
1 14 CYS n 
1 15 ARG n 
1 16 LEU n 
1 17 PRO n 
1 18 TYR n 
1 19 ASP n 
1 20 VAL n 
1 21 THR n 
1 22 ARG n 
1 23 PHE n 
1 24 MET n 
1 25 ILE n 
1 26 GLU n 
1 27 CYS n 
1 28 ASP n 
1 29 ALA n 
1 30 CYS n 
1 31 LYS n 
1 32 ASP n 
1 33 TRP n 
1 34 PHE n 
1 35 HIS n 
1 36 GLY n 
1 37 SER n 
1 38 CYS n 
1 39 VAL n 
1 40 GLY n 
1 41 VAL n 
1 42 GLU n 
1 43 GLU n 
1 44 GLU n 
1 45 GLU n 
1 46 ALA n 
1 47 PRO n 
1 48 ASP n 
1 49 ILE n 
1 50 ASP n 
1 51 ILE n 
1 52 TYR n 
1 53 HIS n 
1 54 CYS n 
1 55 PRO n 
1 56 ASN n 
1 57 CYS n 
1 58 GLU n 
1 59 LYS n 
1 60 THR n 
1 61 HIS n 
1 62 GLY n 
1 63 LYS n 
1 64 SER n 
1 65 THR n 
1 66 LEU n 
1 67 LYS n 
1 68 LYS n 
1 69 LYS n 
1 70 ARG n 
1 71 THR n 
1 72 TRP n 
1 73 HIS n 
1 74 LYS n 
2 1  PRO n 
2 2  ARG n 
2 3  VAL n 
2 4  M3L n 
2 5  ALA n 
2 6  ALA n 
2 7  GLN n 
2 8  ALA n 
2 9  GLY n 
2 10 ARG n 
2 11 GLN n 
2 12 SER n 
# 
_entity_src_gen.entity_id                          1 
_entity_src_gen.pdbx_src_id                        1 
_entity_src_gen.pdbx_alt_source_flag               sample 
_entity_src_gen.pdbx_seq_type                      'Biological sequence' 
_entity_src_gen.pdbx_beg_seq_num                   1 
_entity_src_gen.pdbx_end_seq_num                   74 
_entity_src_gen.gene_src_common_name               Human 
_entity_src_gen.gene_src_genus                     ? 
_entity_src_gen.pdbx_gene_src_gene                 'PHF2, CENP-35, KIAA0662' 
_entity_src_gen.gene_src_species                   ? 
_entity_src_gen.gene_src_strain                    ? 
_entity_src_gen.gene_src_tissue                    ? 
_entity_src_gen.gene_src_tissue_fraction           ? 
_entity_src_gen.gene_src_details                   ? 
_entity_src_gen.pdbx_gene_src_fragment             ? 
_entity_src_gen.pdbx_gene_src_scientific_name      'Homo sapiens' 
_entity_src_gen.pdbx_gene_src_ncbi_taxonomy_id     9606 
_entity_src_gen.pdbx_gene_src_variant              ? 
_entity_src_gen.pdbx_gene_src_cell_line            ? 
_entity_src_gen.pdbx_gene_src_atcc                 ? 
_entity_src_gen.pdbx_gene_src_organ                ? 
_entity_src_gen.pdbx_gene_src_organelle            ? 
_entity_src_gen.pdbx_gene_src_cell                 ? 
_entity_src_gen.pdbx_gene_src_cellular_location    ? 
_entity_src_gen.host_org_common_name               ? 
_entity_src_gen.pdbx_host_org_scientific_name      'Escherichia coli BL21(DE3)' 
_entity_src_gen.pdbx_host_org_ncbi_taxonomy_id     469008 
_entity_src_gen.host_org_genus                     ? 
_entity_src_gen.pdbx_host_org_gene                 ? 
_entity_src_gen.pdbx_host_org_organ                ? 
_entity_src_gen.host_org_species                   ? 
_entity_src_gen.pdbx_host_org_tissue               ? 
_entity_src_gen.pdbx_host_org_tissue_fraction      ? 
_entity_src_gen.pdbx_host_org_strain               ? 
_entity_src_gen.pdbx_host_org_variant              'Gold plus' 
_entity_src_gen.pdbx_host_org_cell_line            ? 
_entity_src_gen.pdbx_host_org_atcc                 ? 
_entity_src_gen.pdbx_host_org_culture_collection   ? 
_entity_src_gen.pdbx_host_org_cell                 ? 
_entity_src_gen.pdbx_host_org_organelle            ? 
_entity_src_gen.pdbx_host_org_cellular_location    ? 
_entity_src_gen.pdbx_host_org_vector_type          ? 
_entity_src_gen.pdbx_host_org_vector               ? 
_entity_src_gen.host_org_details                   ? 
_entity_src_gen.expression_system_id               ? 
_entity_src_gen.plasmid_name                       ? 
_entity_src_gen.plasmid_details                    ? 
_entity_src_gen.pdbx_description                   ? 
# 
_pdbx_entity_src_syn.entity_id              2 
_pdbx_entity_src_syn.pdbx_src_id            1 
_pdbx_entity_src_syn.pdbx_alt_source_flag   sample 
_pdbx_entity_src_syn.pdbx_beg_seq_num       1 
_pdbx_entity_src_syn.pdbx_end_seq_num       12 
_pdbx_entity_src_syn.organism_scientific    'Homo sapiens' 
_pdbx_entity_src_syn.organism_common_name   Human 
_pdbx_entity_src_syn.ncbi_taxonomy_id       9606 
_pdbx_entity_src_syn.details                ? 
# 
loop_
_struct_ref.id 
_struct_ref.db_name 
_struct_ref.db_code 
_struct_ref.pdbx_db_accession 
_struct_ref.pdbx_db_isoform 
_struct_ref.entity_id 
_struct_ref.pdbx_seq_one_letter_code 
_struct_ref.pdbx_align_begin 
1 UNP PHF2_HUMAN O75151 ? 1 MATVPVYCVCRLPYDVTRFMIECDACKDWFHGSCVGVEEEEAPDIDIYHCPNCEKTHGKSTLKKKRTWHK 1 
2 UNP VRK1_HUMAN Q99986 ? 2 PRVKAAQAGRQS                                                           2 
# 
loop_
_struct_ref_seq.align_id 
_struct_ref_seq.ref_id 
_struct_ref_seq.pdbx_PDB_id_code 
_struct_ref_seq.pdbx_strand_id 
_struct_ref_seq.seq_align_beg 
_struct_ref_seq.pdbx_seq_align_beg_ins_code 
_struct_ref_seq.seq_align_end 
_struct_ref_seq.pdbx_seq_align_end_ins_code 
_struct_ref_seq.pdbx_db_accession 
_struct_ref_seq.db_align_beg 
_struct_ref_seq.pdbx_db_align_beg_ins_code 
_struct_ref_seq.db_align_end 
_struct_ref_seq.pdbx_db_align_end_ins_code 
_struct_ref_seq.pdbx_auth_seq_align_beg 
_struct_ref_seq.pdbx_auth_seq_align_end 
1 1 7M10 A 5 ? 74 ? O75151 1 ? 70 ? 1 70 
2 2 7M10 B 1 ? 12 ? Q99986 2 ? 13 ? 1 12 
# 
loop_
_struct_ref_seq_dif.align_id 
_struct_ref_seq_dif.pdbx_pdb_id_code 
_struct_ref_seq_dif.mon_id 
_struct_ref_seq_dif.pdbx_pdb_strand_id 
_struct_ref_seq_dif.seq_num 
_struct_ref_seq_dif.pdbx_pdb_ins_code 
_struct_ref_seq_dif.pdbx_seq_db_name 
_struct_ref_seq_dif.pdbx_seq_db_accession_code 
_struct_ref_seq_dif.db_mon_id 
_struct_ref_seq_dif.pdbx_seq_db_seq_num 
_struct_ref_seq_dif.details 
_struct_ref_seq_dif.pdbx_auth_seq_num 
_struct_ref_seq_dif.pdbx_ordinal 
1 7M10 GLY A 1 ? UNP O75151 ? ? 'expression tag' -3 1 
1 7M10 SER A 2 ? UNP O75151 ? ? 'expression tag' -2 2 
1 7M10 ILE A 3 ? UNP O75151 ? ? 'expression tag' -1 3 
1 7M10 ASN A 4 ? UNP O75151 ? ? 'expression tag' 0  4 
# 
loop_
_chem_comp.id 
_chem_comp.type 
_chem_comp.mon_nstd_flag 
_chem_comp.name 
_chem_comp.pdbx_synonyms 
_chem_comp.formula 
_chem_comp.formula_weight 
ALA 'L-peptide linking' y ALANINE           ? 'C3 H7 N O2'     89.093  
ARG 'L-peptide linking' y ARGININE          ? 'C6 H15 N4 O2 1' 175.209 
ASN 'L-peptide linking' y ASPARAGINE        ? 'C4 H8 N2 O3'    132.118 
ASP 'L-peptide linking' y 'ASPARTIC ACID'   ? 'C4 H7 N O4'     133.103 
CYS 'L-peptide linking' y CYSTEINE          ? 'C3 H7 N O2 S'   121.158 
FMT non-polymer         . 'FORMIC ACID'     ? 'C H2 O2'        46.025  
GLN 'L-peptide linking' y GLUTAMINE         ? 'C5 H10 N2 O3'   146.144 
GLU 'L-peptide linking' y 'GLUTAMIC ACID'   ? 'C5 H9 N O4'     147.129 
GLY 'peptide linking'   y GLYCINE           ? 'C2 H5 N O2'     75.067  
HIS 'L-peptide linking' y HISTIDINE         ? 'C6 H10 N3 O2 1' 156.162 
HOH non-polymer         . WATER             ? 'H2 O'           18.015  
ILE 'L-peptide linking' y ISOLEUCINE        ? 'C6 H13 N O2'    131.173 
LEU 'L-peptide linking' y LEUCINE           ? 'C6 H13 N O2'    131.173 
LYS 'L-peptide linking' y LYSINE            ? 'C6 H15 N2 O2 1' 147.195 
M3L 'L-peptide linking' n N-TRIMETHYLLYSINE ? 'C9 H21 N2 O2 1' 189.275 
MET 'L-peptide linking' y METHIONINE        ? 'C5 H11 N O2 S'  149.211 
PHE 'L-peptide linking' y PHENYLALANINE     ? 'C9 H11 N O2'    165.189 
PRO 'L-peptide linking' y PROLINE           ? 'C5 H9 N O2'     115.130 
SER 'L-peptide linking' y SERINE            ? 'C3 H7 N O3'     105.093 
THR 'L-peptide linking' y THREONINE         ? 'C4 H9 N O3'     119.119 
TRP 'L-peptide linking' y TRYPTOPHAN        ? 'C11 H12 N2 O2'  204.225 
TYR 'L-peptide linking' y TYROSINE          ? 'C9 H11 N O3'    181.189 
VAL 'L-peptide linking' y VALINE            ? 'C5 H11 N O2'    117.146 
ZN  non-polymer         . 'ZINC ION'        ? 'Zn 2'           65.409  
# 
_exptl.absorpt_coefficient_mu     ? 
_exptl.absorpt_correction_T_max   ? 
_exptl.absorpt_correction_T_min   ? 
_exptl.absorpt_correction_type    ? 
_exptl.absorpt_process_details    ? 
_exptl.entry_id                   7M10 
_exptl.crystals_number            1 
_exptl.details                    ? 
_exptl.method                     'X-RAY DIFFRACTION' 
_exptl.method_details             ? 
# 
_exptl_crystal.colour                      ? 
_exptl_crystal.density_diffrn              ? 
_exptl_crystal.density_Matthews            2.86 
_exptl_crystal.density_method              ? 
_exptl_crystal.density_percent_sol         56.93 
_exptl_crystal.description                 ? 
_exptl_crystal.F_000                       ? 
_exptl_crystal.id                          1 
_exptl_crystal.preparation                 ? 
_exptl_crystal.size_max                    ? 
_exptl_crystal.size_mid                    ? 
_exptl_crystal.size_min                    ? 
_exptl_crystal.size_rad                    ? 
_exptl_crystal.colour_lustre               ? 
_exptl_crystal.colour_modifier             ? 
_exptl_crystal.colour_primary              ? 
_exptl_crystal.density_meas                ? 
_exptl_crystal.density_meas_esd            ? 
_exptl_crystal.density_meas_gt             ? 
_exptl_crystal.density_meas_lt             ? 
_exptl_crystal.density_meas_temp           ? 
_exptl_crystal.density_meas_temp_esd       ? 
_exptl_crystal.density_meas_temp_gt        ? 
_exptl_crystal.density_meas_temp_lt        ? 
_exptl_crystal.pdbx_crystal_image_url      ? 
_exptl_crystal.pdbx_crystal_image_format   ? 
_exptl_crystal.pdbx_mosaicity              ? 
_exptl_crystal.pdbx_mosaicity_esd          ? 
# 
_exptl_crystal_grow.apparatus       ? 
_exptl_crystal_grow.atmosphere      ? 
_exptl_crystal_grow.crystal_id      1 
_exptl_crystal_grow.details         ? 
_exptl_crystal_grow.method          'VAPOR DIFFUSION, HANGING DROP' 
_exptl_crystal_grow.method_ref      ? 
_exptl_crystal_grow.pH              8.2 
_exptl_crystal_grow.pressure        ? 
_exptl_crystal_grow.pressure_esd    ? 
_exptl_crystal_grow.seeding         ? 
_exptl_crystal_grow.seeding_ref     ? 
_exptl_crystal_grow.temp            292 
_exptl_crystal_grow.temp_details    ? 
_exptl_crystal_grow.temp_esd        ? 
_exptl_crystal_grow.time            ? 
_exptl_crystal_grow.pdbx_details    '3.5M Sodium Formate,100mM TRIS pH 8.2' 
_exptl_crystal_grow.pdbx_pH_range   ? 
# 
_diffrn.ambient_environment              ? 
_diffrn.ambient_temp                     100 
_diffrn.ambient_temp_details             ? 
_diffrn.ambient_temp_esd                 ? 
_diffrn.crystal_id                       1 
_diffrn.crystal_support                  ? 
_diffrn.crystal_treatment                ? 
_diffrn.details                          ? 
_diffrn.id                               1 
_diffrn.ambient_pressure                 ? 
_diffrn.ambient_pressure_esd             ? 
_diffrn.ambient_pressure_gt              ? 
_diffrn.ambient_pressure_lt              ? 
_diffrn.ambient_temp_gt                  ? 
_diffrn.ambient_temp_lt                  ? 
_diffrn.pdbx_serial_crystal_experiment   N 
# 
_diffrn_detector.details                      ? 
_diffrn_detector.detector                     PIXEL 
_diffrn_detector.diffrn_id                    1 
_diffrn_detector.type                         'DECTRIS EIGER X 16M' 
_diffrn_detector.area_resol_mean              ? 
_diffrn_detector.dtime                        ? 
_diffrn_detector.pdbx_frames_total            ? 
_diffrn_detector.pdbx_collection_time_total   ? 
_diffrn_detector.pdbx_collection_date         2021-03-06 
_diffrn_detector.pdbx_frequency               ? 
# 
_diffrn_radiation.collimation                      ? 
_diffrn_radiation.diffrn_id                        1 
_diffrn_radiation.filter_edge                      ? 
_diffrn_radiation.inhomogeneity                    ? 
_diffrn_radiation.monochromator                    ? 
_diffrn_radiation.polarisn_norm                    ? 
_diffrn_radiation.polarisn_ratio                   ? 
_diffrn_radiation.probe                            ? 
_diffrn_radiation.type                             ? 
_diffrn_radiation.xray_symbol                      ? 
_diffrn_radiation.wavelength_id                    1 
_diffrn_radiation.pdbx_monochromatic_or_laue_m_l   M 
_diffrn_radiation.pdbx_wavelength_list             ? 
_diffrn_radiation.pdbx_wavelength                  ? 
_diffrn_radiation.pdbx_diffrn_protocol             'SINGLE WAVELENGTH' 
_diffrn_radiation.pdbx_analyzer                    ? 
_diffrn_radiation.pdbx_scattering_type             x-ray 
# 
_diffrn_radiation_wavelength.id           1 
_diffrn_radiation_wavelength.wavelength   1.00000 
_diffrn_radiation_wavelength.wt           1.0 
# 
_diffrn_source.current                     ? 
_diffrn_source.details                     ? 
_diffrn_source.diffrn_id                   1 
_diffrn_source.power                       ? 
_diffrn_source.size                        ? 
_diffrn_source.source                      SYNCHROTRON 
_diffrn_source.target                      ? 
_diffrn_source.type                        'APS BEAMLINE 22-ID' 
_diffrn_source.voltage                     ? 
_diffrn_source.take-off_angle              ? 
_diffrn_source.pdbx_wavelength_list        1.00000 
_diffrn_source.pdbx_wavelength             ? 
_diffrn_source.pdbx_synchrotron_beamline   22-ID 
_diffrn_source.pdbx_synchrotron_site       APS 
# 
_reflns.B_iso_Wilson_estimate            9.83 
_reflns.entry_id                         7M10 
_reflns.data_reduction_details           ? 
_reflns.data_reduction_method            ? 
_reflns.d_resolution_high                1.15 
_reflns.d_resolution_low                 32.50 
_reflns.details                          ? 
_reflns.limit_h_max                      ? 
_reflns.limit_h_min                      ? 
_reflns.limit_k_max                      ? 
_reflns.limit_k_min                      ? 
_reflns.limit_l_max                      ? 
_reflns.limit_l_min                      ? 
_reflns.number_all                       ? 
_reflns.number_obs                       33230 
_reflns.observed_criterion               ? 
_reflns.observed_criterion_F_max         ? 
_reflns.observed_criterion_F_min         ? 
_reflns.observed_criterion_I_max         ? 
_reflns.observed_criterion_I_min         ? 
_reflns.observed_criterion_sigma_F       ? 
_reflns.observed_criterion_sigma_I       ? 
_reflns.percent_possible_obs             81.5 
_reflns.R_free_details                   ? 
_reflns.Rmerge_F_all                     ? 
_reflns.Rmerge_F_obs                     ? 
_reflns.Friedel_coverage                 ? 
_reflns.number_gt                        ? 
_reflns.threshold_expression             ? 
_reflns.pdbx_redundancy                  9.1 
_reflns.pdbx_Rmerge_I_obs                0.106 
_reflns.pdbx_Rmerge_I_all                ? 
_reflns.pdbx_Rsym_value                  ? 
_reflns.pdbx_netI_over_av_sigmaI         ? 
_reflns.pdbx_netI_over_sigmaI            20.1 
_reflns.pdbx_res_netI_over_av_sigmaI_2   ? 
_reflns.pdbx_res_netI_over_sigmaI_2      ? 
_reflns.pdbx_chi_squared                 ? 
_reflns.pdbx_scaling_rejects             ? 
_reflns.pdbx_d_res_high_opt              ? 
_reflns.pdbx_d_res_low_opt               ? 
_reflns.pdbx_d_res_opt_method            ? 
_reflns.phase_calculation_details        ? 
_reflns.pdbx_Rrim_I_all                  ? 
_reflns.pdbx_Rpim_I_all                  0.034 
_reflns.pdbx_d_opt                       ? 
_reflns.pdbx_number_measured_all         ? 
_reflns.pdbx_diffrn_id                   1 
_reflns.pdbx_ordinal                     1 
_reflns.pdbx_CC_half                     1.000 
_reflns.pdbx_CC_star                     1.000 
_reflns.pdbx_R_split                     ? 
# 
_reflns_shell.d_res_high                  1.15 
_reflns_shell.d_res_low                   1.19 
_reflns_shell.meanI_over_sigI_all         ? 
_reflns_shell.meanI_over_sigI_obs         1.5 
_reflns_shell.number_measured_all         ? 
_reflns_shell.number_measured_obs         ? 
_reflns_shell.number_possible             ? 
_reflns_shell.number_unique_all           ? 
_reflns_shell.number_unique_obs           991 
_reflns_shell.percent_possible_all        24.7 
_reflns_shell.percent_possible_obs        ? 
_reflns_shell.Rmerge_F_all                ? 
_reflns_shell.Rmerge_F_obs                ? 
_reflns_shell.Rmerge_I_all                ? 
_reflns_shell.Rmerge_I_obs                0.579 
_reflns_shell.meanI_over_sigI_gt          ? 
_reflns_shell.meanI_over_uI_all           ? 
_reflns_shell.meanI_over_uI_gt            ? 
_reflns_shell.number_measured_gt          ? 
_reflns_shell.number_unique_gt            ? 
_reflns_shell.percent_possible_gt         ? 
_reflns_shell.Rmerge_F_gt                 ? 
_reflns_shell.Rmerge_I_gt                 ? 
_reflns_shell.pdbx_redundancy             2.3 
_reflns_shell.pdbx_Rsym_value             ? 
_reflns_shell.pdbx_chi_squared            ? 
_reflns_shell.pdbx_netI_over_sigmaI_all   ? 
_reflns_shell.pdbx_netI_over_sigmaI_obs   ? 
_reflns_shell.pdbx_Rrim_I_all             ? 
_reflns_shell.pdbx_Rpim_I_all             0.370 
_reflns_shell.pdbx_rejects                ? 
_reflns_shell.pdbx_ordinal                1 
_reflns_shell.pdbx_diffrn_id              1 
_reflns_shell.pdbx_CC_half                0.740 
_reflns_shell.pdbx_CC_star                0.922 
_reflns_shell.pdbx_R_split                ? 
# 
_refine.aniso_B[1][1]                            ? 
_refine.aniso_B[1][2]                            ? 
_refine.aniso_B[1][3]                            ? 
_refine.aniso_B[2][2]                            ? 
_refine.aniso_B[2][3]                            ? 
_refine.aniso_B[3][3]                            ? 
_refine.B_iso_max                                ? 
_refine.B_iso_mean                               20.61 
_refine.B_iso_min                                ? 
_refine.correlation_coeff_Fo_to_Fc               ? 
_refine.correlation_coeff_Fo_to_Fc_free          ? 
_refine.details                                  ? 
_refine.diff_density_max                         ? 
_refine.diff_density_max_esd                     ? 
_refine.diff_density_min                         ? 
_refine.diff_density_min_esd                     ? 
_refine.diff_density_rms                         ? 
_refine.diff_density_rms_esd                     ? 
_refine.entry_id                                 7M10 
_refine.pdbx_refine_id                           'X-RAY DIFFRACTION' 
_refine.ls_abs_structure_details                 ? 
_refine.ls_abs_structure_Flack                   ? 
_refine.ls_abs_structure_Flack_esd               ? 
_refine.ls_abs_structure_Rogers                  ? 
_refine.ls_abs_structure_Rogers_esd              ? 
_refine.ls_d_res_high                            1.15 
_refine.ls_d_res_low                             32.50 
_refine.ls_extinction_coef                       ? 
_refine.ls_extinction_coef_esd                   ? 
_refine.ls_extinction_expression                 ? 
_refine.ls_extinction_method                     ? 
_refine.ls_goodness_of_fit_all                   ? 
_refine.ls_goodness_of_fit_all_esd               ? 
_refine.ls_goodness_of_fit_obs                   ? 
_refine.ls_goodness_of_fit_obs_esd               ? 
_refine.ls_hydrogen_treatment                    ? 
_refine.ls_matrix_type                           ? 
_refine.ls_number_constraints                    ? 
_refine.ls_number_parameters                     ? 
_refine.ls_number_reflns_all                     ? 
_refine.ls_number_reflns_obs                     33196 
_refine.ls_number_reflns_R_free                  1668 
_refine.ls_number_reflns_R_work                  31528 
_refine.ls_number_restraints                     ? 
_refine.ls_percent_reflns_obs                    81.43 
_refine.ls_percent_reflns_R_free                 5.02 
_refine.ls_R_factor_all                          ? 
_refine.ls_R_factor_obs                          0.1570 
_refine.ls_R_factor_R_free                       0.1648 
_refine.ls_R_factor_R_free_error                 ? 
_refine.ls_R_factor_R_free_error_details         ? 
_refine.ls_R_factor_R_work                       0.1565 
_refine.ls_R_Fsqd_factor_obs                     ? 
_refine.ls_R_I_factor_obs                        ? 
_refine.ls_redundancy_reflns_all                 ? 
_refine.ls_redundancy_reflns_obs                 ? 
_refine.ls_restrained_S_all                      ? 
_refine.ls_restrained_S_obs                      ? 
_refine.ls_shift_over_esd_max                    ? 
_refine.ls_shift_over_esd_mean                   ? 
_refine.ls_structure_factor_coef                 ? 
_refine.ls_weighting_details                     ? 
_refine.ls_weighting_scheme                      ? 
_refine.ls_wR_factor_all                         ? 
_refine.ls_wR_factor_obs                         ? 
_refine.ls_wR_factor_R_free                      ? 
_refine.ls_wR_factor_R_work                      ? 
_refine.occupancy_max                            ? 
_refine.occupancy_min                            ? 
_refine.solvent_model_details                    'FLAT BULK SOLVENT MODEL' 
_refine.solvent_model_param_bsol                 ? 
_refine.solvent_model_param_ksol                 ? 
_refine.pdbx_R_complete                          ? 
_refine.ls_R_factor_gt                           ? 
_refine.ls_goodness_of_fit_gt                    ? 
_refine.ls_goodness_of_fit_ref                   ? 
_refine.ls_shift_over_su_max                     ? 
_refine.ls_shift_over_su_max_lt                  ? 
_refine.ls_shift_over_su_mean                    ? 
_refine.ls_shift_over_su_mean_lt                 ? 
_refine.pdbx_ls_sigma_I                          ? 
_refine.pdbx_ls_sigma_F                          1.35 
_refine.pdbx_ls_sigma_Fsqd                       ? 
_refine.pdbx_data_cutoff_high_absF               ? 
_refine.pdbx_data_cutoff_high_rms_absF           ? 
_refine.pdbx_data_cutoff_low_absF                ? 
_refine.pdbx_isotropic_thermal_model             ? 
_refine.pdbx_ls_cross_valid_method               'FREE R-VALUE' 
_refine.pdbx_method_to_determine_struct          'MOLECULAR REPLACEMENT' 
_refine.pdbx_starting_model                      3KQI 
_refine.pdbx_stereochemistry_target_values       'GeoStd + Monomer Library + CDL v1.2' 
_refine.pdbx_R_Free_selection_details            ? 
_refine.pdbx_stereochem_target_val_spec_case     ? 
_refine.pdbx_overall_ESU_R                       ? 
_refine.pdbx_overall_ESU_R_Free                  ? 
_refine.pdbx_solvent_vdw_probe_radii             1.1100 
_refine.pdbx_solvent_ion_probe_radii             ? 
_refine.pdbx_solvent_shrinkage_radii             0.9000 
_refine.pdbx_real_space_R                        ? 
_refine.pdbx_density_correlation                 ? 
_refine.pdbx_pd_number_of_powder_patterns        ? 
_refine.pdbx_pd_number_of_points                 ? 
_refine.pdbx_pd_meas_number_of_points            ? 
_refine.pdbx_pd_proc_ls_prof_R_factor            ? 
_refine.pdbx_pd_proc_ls_prof_wR_factor           ? 
_refine.pdbx_pd_Marquardt_correlation_coeff      ? 
_refine.pdbx_pd_Fsqrd_R_factor                   ? 
_refine.pdbx_pd_ls_matrix_band_width             ? 
_refine.pdbx_overall_phase_error                 19.8546 
_refine.pdbx_overall_SU_R_free_Cruickshank_DPI   ? 
_refine.pdbx_overall_SU_R_free_Blow_DPI          ? 
_refine.pdbx_overall_SU_R_Blow_DPI               ? 
_refine.pdbx_TLS_residual_ADP_flag               ? 
_refine.pdbx_diffrn_id                           1 
_refine.overall_SU_B                             ? 
_refine.overall_SU_ML                            0.1070 
_refine.overall_SU_R_Cruickshank_DPI             ? 
_refine.overall_SU_R_free                        ? 
_refine.overall_FOM_free_R_set                   ? 
_refine.overall_FOM_work_R_set                   ? 
_refine.pdbx_average_fsc_overall                 ? 
_refine.pdbx_average_fsc_work                    ? 
_refine.pdbx_average_fsc_free                    ? 
# 
_refine_hist.pdbx_refine_id                   'X-RAY DIFFRACTION' 
_refine_hist.cycle_id                         LAST 
_refine_hist.details                          ? 
_refine_hist.d_res_high                       1.15 
_refine_hist.d_res_low                        32.50 
_refine_hist.number_atoms_solvent             124 
_refine_hist.number_atoms_total               759 
_refine_hist.number_reflns_all                ? 
_refine_hist.number_reflns_obs                ? 
_refine_hist.number_reflns_R_free             ? 
_refine_hist.number_reflns_R_work             ? 
_refine_hist.R_factor_all                     ? 
_refine_hist.R_factor_obs                     ? 
_refine_hist.R_factor_R_free                  ? 
_refine_hist.R_factor_R_work                  ? 
_refine_hist.pdbx_number_residues_total       ? 
_refine_hist.pdbx_B_iso_mean_ligand           ? 
_refine_hist.pdbx_B_iso_mean_solvent          ? 
_refine_hist.pdbx_number_atoms_protein        615 
_refine_hist.pdbx_number_atoms_nucleic_acid   0 
_refine_hist.pdbx_number_atoms_ligand         20 
_refine_hist.pdbx_number_atoms_lipid          ? 
_refine_hist.pdbx_number_atoms_carb           ? 
_refine_hist.pdbx_pseudo_atom_details         ? 
# 
loop_
_refine_ls_restr.pdbx_refine_id 
_refine_ls_restr.criterion 
_refine_ls_restr.dev_ideal 
_refine_ls_restr.dev_ideal_target 
_refine_ls_restr.number 
_refine_ls_restr.rejects 
_refine_ls_restr.type 
_refine_ls_restr.weight 
_refine_ls_restr.pdbx_restraint_function 
'X-RAY DIFFRACTION' ? 0.0039  ? 681 ? f_bond_d           ? ? 
'X-RAY DIFFRACTION' ? 0.7847  ? 921 ? f_angle_d          ? ? 
'X-RAY DIFFRACTION' ? 0.0819  ? 94  ? f_chiral_restr     ? ? 
'X-RAY DIFFRACTION' ? 0.0059  ? 117 ? f_plane_restr      ? ? 
'X-RAY DIFFRACTION' ? 10.8059 ? 251 ? f_dihedral_angle_d ? ? 
# 
loop_
_refine_ls_shell.pdbx_refine_id 
_refine_ls_shell.d_res_high 
_refine_ls_shell.d_res_low 
_refine_ls_shell.number_reflns_all 
_refine_ls_shell.number_reflns_obs 
_refine_ls_shell.number_reflns_R_free 
_refine_ls_shell.number_reflns_R_work 
_refine_ls_shell.percent_reflns_obs 
_refine_ls_shell.percent_reflns_R_free 
_refine_ls_shell.R_factor_all 
_refine_ls_shell.R_factor_obs 
_refine_ls_shell.R_factor_R_free 
_refine_ls_shell.R_factor_R_free_error 
_refine_ls_shell.R_factor_R_work 
_refine_ls_shell.redundancy_reflns_all 
_refine_ls_shell.redundancy_reflns_obs 
_refine_ls_shell.wR_factor_all 
_refine_ls_shell.wR_factor_obs 
_refine_ls_shell.wR_factor_R_free 
_refine_ls_shell.wR_factor_R_work 
_refine_ls_shell.pdbx_R_complete 
_refine_ls_shell.pdbx_total_number_of_bins_used 
_refine_ls_shell.pdbx_phase_error 
_refine_ls_shell.pdbx_fsc_work 
_refine_ls_shell.pdbx_fsc_free 
'X-RAY DIFFRACTION' 1.18 1.22 . . 167 1193 40.74 . . . 0.2962 . 0.2597 . . . . . . . . . . . 
'X-RAY DIFFRACTION' 1.26 1.31 . . 166 2378 76.14 . . . 0.2610 . 0.2235 . . . . . . . . . . . 
'X-RAY DIFFRACTION' 1.31 1.37 . . 167 2707 85.54 . . . 0.2095 . 0.1659 . . . . . . . . . . . 
'X-RAY DIFFRACTION' 1.37 1.45 . . 167 2995 94.02 . . . 0.1695 . 0.1542 . . . . . . . . . . . 
'X-RAY DIFFRACTION' 1.45 1.54 . . 167 3127 97.51 . . . 0.1740 . 0.1382 . . . . . . . . . . . 
'X-RAY DIFFRACTION' 1.54 1.66 . . 166 3184 99.11 . . . 0.1677 . 0.1358 . . . . . . . . . . . 
'X-RAY DIFFRACTION' 1.66 1.82 . . 167 3190 98.94 . . . 0.1495 . 0.1357 . . . . . . . . . . . 
'X-RAY DIFFRACTION' 1.82 2.09 . . 167 3174 97.78 . . . 0.1445 . 0.1403 . . . . . . . . . . . 
'X-RAY DIFFRACTION' 2.09 2.63 . . 167 3287 99.65 . . . 0.1615 . 0.1559 . . . . . . . . . . . 
# 
_struct.entry_id                     7M10 
_struct.title                        'PHF2 PHD Domain Complexed with Peptide From N-terminus of VRK1' 
_struct.pdbx_model_details           ? 
_struct.pdbx_formula_weight          ? 
_struct.pdbx_formula_weight_method   ? 
_struct.pdbx_model_type_details      ? 
_struct.pdbx_CASP_flag               N 
# 
_struct_keywords.entry_id        7M10 
_struct_keywords.text            'PHD FINGER, METAL-BINDING, ZINC-FINGER, HISTONE-BINDING, NON-HISTONE BINDING, PROTEIN BINDING' 
_struct_keywords.pdbx_keywords   'PROTEIN BINDING' 
# 
loop_
_struct_asym.id 
_struct_asym.pdbx_blank_PDB_chainid_flag 
_struct_asym.pdbx_modified 
_struct_asym.entity_id 
_struct_asym.details 
A N N 1 ? 
B N N 2 ? 
C N N 3 ? 
D N N 3 ? 
E N N 4 ? 
F N N 4 ? 
G N N 4 ? 
H N N 4 ? 
I N N 4 ? 
J N N 4 ? 
K N N 5 ? 
L N N 5 ? 
# 
loop_
_struct_conf.conf_type_id 
_struct_conf.id 
_struct_conf.pdbx_PDB_helix_id 
_struct_conf.beg_label_comp_id 
_struct_conf.beg_label_asym_id 
_struct_conf.beg_label_seq_id 
_struct_conf.pdbx_beg_PDB_ins_code 
_struct_conf.end_label_comp_id 
_struct_conf.end_label_asym_id 
_struct_conf.end_label_seq_id 
_struct_conf.pdbx_end_PDB_ins_code 
_struct_conf.beg_auth_comp_id 
_struct_conf.beg_auth_asym_id 
_struct_conf.beg_auth_seq_id 
_struct_conf.end_auth_comp_id 
_struct_conf.end_auth_asym_id 
_struct_conf.end_auth_seq_id 
_struct_conf.pdbx_PDB_helix_class 
_struct_conf.details 
_struct_conf.pdbx_PDB_helix_length 
HELX_P HELX_P1 AA1 GLY A 36 ? GLY A 40 ? GLY A 32 GLY A 36 1 ? 5 
HELX_P HELX_P2 AA2 GLU A 42 ? PRO A 47 ? GLU A 38 PRO A 43 5 ? 6 
HELX_P HELX_P3 AA3 CYS A 54 ? GLY A 62 ? CYS A 50 GLY A 58 1 ? 9 
# 
_struct_conf_type.id          HELX_P 
_struct_conf_type.criteria    ? 
_struct_conf_type.reference   ? 
# 
loop_
_struct_conn.id 
_struct_conn.conn_type_id 
_struct_conn.pdbx_leaving_atom_flag 
_struct_conn.pdbx_PDB_id 
_struct_conn.ptnr1_label_asym_id 
_struct_conn.ptnr1_label_comp_id 
_struct_conn.ptnr1_label_seq_id 
_struct_conn.ptnr1_label_atom_id 
_struct_conn.pdbx_ptnr1_label_alt_id 
_struct_conn.pdbx_ptnr1_PDB_ins_code 
_struct_conn.pdbx_ptnr1_standard_comp_id 
_struct_conn.ptnr1_symmetry 
_struct_conn.ptnr2_label_asym_id 
_struct_conn.ptnr2_label_comp_id 
_struct_conn.ptnr2_label_seq_id 
_struct_conn.ptnr2_label_atom_id 
_struct_conn.pdbx_ptnr2_label_alt_id 
_struct_conn.pdbx_ptnr2_PDB_ins_code 
_struct_conn.ptnr1_auth_asym_id 
_struct_conn.ptnr1_auth_comp_id 
_struct_conn.ptnr1_auth_seq_id 
_struct_conn.ptnr2_auth_asym_id 
_struct_conn.ptnr2_auth_comp_id 
_struct_conn.ptnr2_auth_seq_id 
_struct_conn.ptnr2_symmetry 
_struct_conn.pdbx_ptnr3_label_atom_id 
_struct_conn.pdbx_ptnr3_label_seq_id 
_struct_conn.pdbx_ptnr3_label_comp_id 
_struct_conn.pdbx_ptnr3_label_asym_id 
_struct_conn.pdbx_ptnr3_label_alt_id 
_struct_conn.pdbx_ptnr3_PDB_ins_code 
_struct_conn.details 
_struct_conn.pdbx_dist_value 
_struct_conn.pdbx_value_order 
_struct_conn.pdbx_role 
covale1 covale both ? B VAL 3  C   ? ? ? 1_555 B M3L 4 N  ? ? B VAL 3  B M3L 4   1_555 ? ? ? ? ? ? ? 1.330 ? ? 
covale2 covale both ? B M3L 4  C   ? ? ? 1_555 B ALA 5 N  ? ? B M3L 4  B ALA 5   1_555 ? ? ? ? ? ? ? 1.331 ? ? 
metalc1 metalc ?    ? A CYS 12 SG  ? ? ? 1_555 D ZN  . ZN ? ? A CYS 8  A ZN  102 1_555 ? ? ? ? ? ? ? 2.334 ? ? 
metalc2 metalc ?    ? A CYS 14 SG  ? ? ? 1_555 D ZN  . ZN ? ? A CYS 10 A ZN  102 1_555 ? ? ? ? ? ? ? 2.311 ? ? 
metalc3 metalc ?    ? A CYS 27 SG  ? ? ? 1_555 C ZN  . ZN ? ? A CYS 23 A ZN  101 1_555 ? ? ? ? ? ? ? 2.342 ? ? 
metalc4 metalc ?    ? A CYS 30 SG  ? ? ? 1_555 C ZN  . ZN ? ? A CYS 26 A ZN  101 1_555 ? ? ? ? ? ? ? 2.332 ? ? 
metalc5 metalc ?    ? A HIS 35 ND1 ? ? ? 1_555 D ZN  . ZN ? ? A HIS 31 A ZN  102 1_555 ? ? ? ? ? ? ? 2.085 ? ? 
metalc6 metalc ?    ? A CYS 38 SG  ? ? ? 1_555 D ZN  . ZN ? ? A CYS 34 A ZN  102 1_555 ? ? ? ? ? ? ? 2.328 ? ? 
metalc7 metalc ?    ? A CYS 54 SG  ? ? ? 1_555 C ZN  . ZN ? ? A CYS 50 A ZN  101 1_555 ? ? ? ? ? ? ? 2.355 ? ? 
metalc8 metalc ?    ? A CYS 57 SG  ? ? ? 1_555 C ZN  . ZN ? ? A CYS 53 A ZN  101 1_555 ? ? ? ? ? ? ? 2.326 ? ? 
# 
loop_
_struct_conn_type.id 
_struct_conn_type.criteria 
_struct_conn_type.reference 
covale ? ? 
metalc ? ? 
# 
loop_
_struct_sheet.id 
_struct_sheet.type 
_struct_sheet.number_strands 
_struct_sheet.details 
AA1 ? 2 ? 
AA2 ? 3 ? 
AA3 ? 2 ? 
# 
loop_
_struct_sheet_order.sheet_id 
_struct_sheet_order.range_id_1 
_struct_sheet_order.range_id_2 
_struct_sheet_order.offset 
_struct_sheet_order.sense 
AA1 1 2 ? anti-parallel 
AA2 1 2 ? anti-parallel 
AA2 2 3 ? anti-parallel 
AA3 1 2 ? anti-parallel 
# 
loop_
_struct_sheet_range.sheet_id 
_struct_sheet_range.id 
_struct_sheet_range.beg_label_comp_id 
_struct_sheet_range.beg_label_asym_id 
_struct_sheet_range.beg_label_seq_id 
_struct_sheet_range.pdbx_beg_PDB_ins_code 
_struct_sheet_range.end_label_comp_id 
_struct_sheet_range.end_label_asym_id 
_struct_sheet_range.end_label_seq_id 
_struct_sheet_range.pdbx_end_PDB_ins_code 
_struct_sheet_range.beg_auth_comp_id 
_struct_sheet_range.beg_auth_asym_id 
_struct_sheet_range.beg_auth_seq_id 
_struct_sheet_range.end_auth_comp_id 
_struct_sheet_range.end_auth_asym_id 
_struct_sheet_range.end_auth_seq_id 
AA1 1 VAL A 10 ? TYR A 11 ? VAL A 6  TYR A 7  
AA1 2 LEU A 16 ? PRO A 17 ? LEU A 12 PRO A 13 
AA2 1 TRP A 33 ? HIS A 35 ? TRP A 29 HIS A 31 
AA2 2 MET A 24 ? GLU A 26 ? MET A 20 GLU A 22 
AA2 3 VAL B 3  ? M3L B 4  ? VAL B 3  M3L B 4  
AA3 1 ILE A 49 ? ILE A 51 ? ILE A 45 ILE A 47 
AA3 2 THR A 65 ? LEU A 66 ? THR A 61 LEU A 62 
# 
loop_
_pdbx_struct_sheet_hbond.sheet_id 
_pdbx_struct_sheet_hbond.range_id_1 
_pdbx_struct_sheet_hbond.range_id_2 
_pdbx_struct_sheet_hbond.range_1_label_atom_id 
_pdbx_struct_sheet_hbond.range_1_label_comp_id 
_pdbx_struct_sheet_hbond.range_1_label_asym_id 
_pdbx_struct_sheet_hbond.range_1_label_seq_id 
_pdbx_struct_sheet_hbond.range_1_PDB_ins_code 
_pdbx_struct_sheet_hbond.range_1_auth_atom_id 
_pdbx_struct_sheet_hbond.range_1_auth_comp_id 
_pdbx_struct_sheet_hbond.range_1_auth_asym_id 
_pdbx_struct_sheet_hbond.range_1_auth_seq_id 
_pdbx_struct_sheet_hbond.range_2_label_atom_id 
_pdbx_struct_sheet_hbond.range_2_label_comp_id 
_pdbx_struct_sheet_hbond.range_2_label_asym_id 
_pdbx_struct_sheet_hbond.range_2_label_seq_id 
_pdbx_struct_sheet_hbond.range_2_PDB_ins_code 
_pdbx_struct_sheet_hbond.range_2_auth_atom_id 
_pdbx_struct_sheet_hbond.range_2_auth_comp_id 
_pdbx_struct_sheet_hbond.range_2_auth_asym_id 
_pdbx_struct_sheet_hbond.range_2_auth_seq_id 
AA1 1 2 N TYR A 11 ? N TYR A 7  O LEU A 16 ? O LEU A 12 
AA2 1 2 O PHE A 34 ? O PHE A 30 N ILE A 25 ? N ILE A 21 
AA2 2 3 N MET A 24 ? N MET A 20 O M3L B 4  ? O M3L B 4  
AA3 1 2 N ASP A 50 ? N ASP A 46 O THR A 65 ? O THR A 61 
# 
_atom_sites.entry_id                    7M10 
_atom_sites.Cartn_transf_matrix[1][1]   ? 
_atom_sites.Cartn_transf_matrix[1][2]   ? 
_atom_sites.Cartn_transf_matrix[1][3]   ? 
_atom_sites.Cartn_transf_matrix[2][1]   ? 
_atom_sites.Cartn_transf_matrix[2][2]   ? 
_atom_sites.Cartn_transf_matrix[2][3]   ? 
_atom_sites.Cartn_transf_matrix[3][1]   ? 
_atom_sites.Cartn_transf_matrix[3][2]   ? 
_atom_sites.Cartn_transf_matrix[3][3]   ? 
_atom_sites.Cartn_transf_vector[1]      ? 
_atom_sites.Cartn_transf_vector[2]      ? 
_atom_sites.Cartn_transf_vector[3]      ? 
_atom_sites.fract_transf_matrix[1][1]   0.01574102 
_atom_sites.fract_transf_matrix[1][2]   0.02269661 
_atom_sites.fract_transf_matrix[1][3]   -0.00949077 
_atom_sites.fract_transf_matrix[2][1]   -0.00494846 
_atom_sites.fract_transf_matrix[2][2]   0.00853553 
_atom_sites.fract_transf_matrix[2][3]   0.01220489 
_atom_sites.fract_transf_matrix[3][1]   0.00757186 
_atom_sites.fract_transf_matrix[3][2]   -0.00306989 
_atom_sites.fract_transf_matrix[3][3]   0.00521694 
_atom_sites.fract_transf_vector[1]      0.202762 
_atom_sites.fract_transf_vector[2]      0.307359 
_atom_sites.fract_transf_vector[3]      0.135530 
_atom_sites.solution_primary            ? 
_atom_sites.solution_secondary          ? 
_atom_sites.solution_hydrogens          ? 
_atom_sites.special_details             ? 
# 
loop_
_atom_type.symbol 
_atom_type.scat_dispersion_real 
_atom_type.scat_dispersion_imag 
_atom_type.scat_Cromer_Mann_a1 
_atom_type.scat_Cromer_Mann_a2 
_atom_type.scat_Cromer_Mann_a3 
_atom_type.scat_Cromer_Mann_a4 
_atom_type.scat_Cromer_Mann_b1 
_atom_type.scat_Cromer_Mann_b2 
_atom_type.scat_Cromer_Mann_b3 
_atom_type.scat_Cromer_Mann_b4 
_atom_type.scat_Cromer_Mann_c 
_atom_type.scat_source 
_atom_type.scat_dispersion_source 
C  ? ? 3.54356  2.42580 ? ? 25.62398 1.50364  ? ? 0.0 
;2-Gaussian fit: Grosse-Kunstleve RW, Sauter NK, Adams PD: Newsletter of the IUCr Commission on Crystallographic Computing 2004, 3, 22-31.
;
? 
N  ? ? 4.01032  2.96436 ? ? 19.97189 1.75589  ? ? 0.0 
;2-Gaussian fit: Grosse-Kunstleve RW, Sauter NK, Adams PD: Newsletter of the IUCr Commission on Crystallographic Computing 2004, 3, 22-31.
;
? 
O  ? ? 4.49882  3.47563 ? ? 15.80542 1.70748  ? ? 0.0 
;2-Gaussian fit: Grosse-Kunstleve RW, Sauter NK, Adams PD: Newsletter of the IUCr Commission on Crystallographic Computing 2004, 3, 22-31.
;
? 
S  ? ? 9.55732  6.39887 ? ? 1.23737  29.19336 ? ? 0.0 
;2-Gaussian fit: Grosse-Kunstleve RW, Sauter NK, Adams PD: Newsletter of the IUCr Commission on Crystallographic Computing 2004, 3, 22-31.
;
? 
ZN ? ? 24.64596 5.25405 ? ? 2.14387  29.76375 ? ? 0.0 
;2-Gaussian fit: Grosse-Kunstleve RW, Sauter NK, Adams PD: Newsletter of the IUCr Commission on Crystallographic Computing 2004, 3, 22-31.
;
? 
# 
loop_
_atom_site.group_PDB 
_atom_site.id 
_atom_site.type_symbol 
_atom_site.label_atom_id 
_atom_site.label_alt_id 
_atom_site.label_comp_id 
_atom_site.label_asym_id 
_atom_site.label_entity_id 
_atom_site.label_seq_id 
_atom_site.pdbx_PDB_ins_code 
_atom_site.Cartn_x 
_atom_site.Cartn_y 
_atom_site.Cartn_z 
_atom_site.occupancy 
_atom_site.B_iso_or_equiv 
_atom_site.pdbx_formal_charge 
_atom_site.auth_seq_id 
_atom_site.auth_comp_id 
_atom_site.auth_asym_id 
_atom_site.auth_atom_id 
_atom_site.pdbx_PDB_model_num 
ATOM   1   N  N   . THR A 1 7  ? 22.64087  3.46976   12.14905  1.000 32.67532 ? 3   THR A N   1 
ATOM   2   C  CA  . THR A 1 7  ? 21.39989  2.98821   11.55119  1.000 30.74143 ? 3   THR A CA  1 
ATOM   3   C  C   . THR A 1 7  ? 20.58174  4.14319   10.97200  1.000 28.08519 ? 3   THR A C   1 
ATOM   4   O  O   . THR A 1 7  ? 20.75549  5.29913   11.36550  1.000 30.05770 ? 3   THR A O   1 
ATOM   5   C  CB  . THR A 1 7  ? 20.54753  2.20169   12.56631  1.000 34.26674 ? 3   THR A CB  1 
ATOM   6   O  OG1 . THR A 1 7  ? 20.08196  3.08675   13.59280  1.000 37.46769 ? 3   THR A OG1 1 
ATOM   7   C  CG2 . THR A 1 7  ? 21.36992  1.08459   13.19959  1.000 33.95138 ? 3   THR A CG2 1 
ATOM   8   N  N   . VAL A 1 8  ? 19.69828  3.81596   10.03271  1.000 23.06204 ? 4   VAL A N   1 
ATOM   9   C  CA  . VAL A 1 8  ? 18.91879  4.79272   9.27122   1.000 19.16946 ? 4   VAL A CA  1 
ATOM   10  C  C   . VAL A 1 8  ? 17.45804  4.35790   9.33683   1.000 16.39218 ? 4   VAL A C   1 
ATOM   11  O  O   . VAL A 1 8  ? 17.18930  3.23817   9.78539   1.000 17.97301 ? 4   VAL A O   1 
ATOM   12  C  CB  . VAL A 1 8  ? 19.42914  4.87238   7.82313   1.000 21.02803 ? 4   VAL A CB  1 
ATOM   13  C  CG1 . VAL A 1 8  ? 20.93067  5.13751   7.79894   1.000 21.64123 ? 4   VAL A CG1 1 
ATOM   14  C  CG2 . VAL A 1 8  ? 19.10263  3.59818   7.06894   1.000 18.88859 ? 4   VAL A CG2 1 
ATOM   15  N  N   . PRO A 1 9  ? 16.48433  5.17652   8.92870   1.000 16.32886 ? 5   PRO A N   1 
ATOM   16  C  CA  . PRO A 1 9  ? 15.09335  4.69394   8.92336   1.000 15.79713 ? 5   PRO A CA  1 
ATOM   17  C  C   . PRO A 1 9  ? 14.93053  3.55097   7.93326   1.000 14.60149 ? 5   PRO A C   1 
ATOM   18  O  O   . PRO A 1 9  ? 15.40980  3.61935   6.80145   1.000 14.30619 ? 5   PRO A O   1 
ATOM   19  C  CB  . PRO A 1 9  ? 14.29301  5.92665   8.48527   1.000 18.36284 ? 5   PRO A CB  1 
ATOM   20  C  CG  . PRO A 1 9  ? 15.18117  7.09143   8.77805   1.000 19.52734 ? 5   PRO A CG  1 
ATOM   21  C  CD  . PRO A 1 9  ? 16.56876  6.59938   8.54570   1.000 17.44199 ? 5   PRO A CD  1 
ATOM   22  N  N   . VAL A 1 10 ? 14.25381  2.48576   8.36562   1.000 13.66193 ? 6   VAL A N   1 
ATOM   23  C  CA  . VAL A 1 10 ? 14.01201  1.34388   7.49829   1.000 13.08802 ? 6   VAL A CA  1 
ATOM   24  C  C   . VAL A 1 10 ? 12.53038  0.99684   7.54302   1.000 12.30205 ? 6   VAL A C   1 
ATOM   25  O  O   . VAL A 1 10 ? 11.80954  1.35983   8.47619   1.000 12.82909 ? 6   VAL A O   1 
ATOM   26  C  CB  . VAL A 1 10 ? 14.88500  0.12113   7.84798   1.000 13.89948 ? 6   VAL A CB  1 
ATOM   27  C  CG1 . VAL A 1 10 ? 16.37211  0.44994   7.65550   1.000 14.56958 ? 6   VAL A CG1 1 
ATOM   28  C  CG2 . VAL A 1 10 ? 14.60699  -0.34367  9.26536   1.000 16.02655 ? 6   VAL A CG2 1 
ATOM   29  N  N   . TYR A 1 11 ? 12.07833  0.27755   6.51614   1.000 12.43273 ? 7   TYR A N   1 
ATOM   30  C  CA  . TYR A 1 11 ? 10.65439  0.08280   6.29149   1.000 11.85335 ? 7   TYR A CA  1 
ATOM   31  C  C   . TYR A 1 11 ? 10.39498  -1.31990  5.76513   1.000 12.97793 ? 7   TYR A C   1 
ATOM   32  O  O   . TYR A 1 11 ? 11.31346  -2.03303  5.35367   1.000 14.24074 ? 7   TYR A O   1 
ATOM   33  C  CB  . TYR A 1 11 ? 10.13071  1.10201   5.27416   1.000 12.68557 ? 7   TYR A CB  1 
ATOM   34  C  CG  . TYR A 1 11 ? 10.37936  2.53378   5.68306   1.000 12.99190 ? 7   TYR A CG  1 
ATOM   35  C  CD1 . TYR A 1 11 ? 9.50121   3.19642   6.53295   1.000 14.70266 ? 7   TYR A CD1 1 
ATOM   36  C  CD2 . TYR A 1 11 ? 11.50244  3.22063   5.23777   1.000 13.94384 ? 7   TYR A CD2 1 
ATOM   37  C  CE1 . TYR A 1 11 ? 9.72433   4.50343   6.92022   1.000 16.02530 ? 7   TYR A CE1 1 
ATOM   38  C  CE2 . TYR A 1 11 ? 11.73911  4.52480   5.62627   1.000 15.65192 ? 7   TYR A CE2 1 
ATOM   39  C  CZ  . TYR A 1 11 ? 10.84511  5.16395   6.46583   1.000 16.47208 ? 7   TYR A CZ  1 
ATOM   40  O  OH  . TYR A 1 11 ? 11.06744  6.46775   6.85376   1.000 20.36898 ? 7   TYR A OH  1 
ATOM   41  N  N   . CYS A 1 12 ? 9.11416   -1.70060  5.78342   1.000 11.24239 ? 8   CYS A N   1 
ATOM   42  C  CA  . CYS A 1 12 ? 8.60802   -2.86442  5.05856   1.000 11.49114 ? 8   CYS A CA  1 
ATOM   43  C  C   . CYS A 1 12 ? 8.97850   -4.18899  5.72329   1.000 12.89415 ? 8   CYS A C   1 
ATOM   44  O  O   . CYS A 1 12 ? 9.68268   -4.21400  6.73862   1.000 14.30750 ? 8   CYS A O   1 
ATOM   45  C  CB  . CYS A 1 12 ? 9.04531   -2.81835  3.58301   1.000 11.85601 ? 8   CYS A CB  1 
ATOM   46  S  SG  . CYS A 1 12 ? 8.15595   -3.96536  2.47242   1.000 11.05627 ? 8   CYS A SG  1 
ATOM   47  N  N   . VAL A 1 13 ? 8.47631   -5.29694  5.17325   1.000 12.21108 ? 9   VAL A N   1 
ATOM   48  C  CA  . VAL A 1 13 ? 8.86232   -6.61222  5.66733   1.000 11.68279 ? 9   VAL A CA  1 
ATOM   49  C  C   . VAL A 1 13 ? 10.33047  -6.90192  5.39427   1.000 12.19966 ? 9   VAL A C   1 
ATOM   50  O  O   . VAL A 1 13 ? 10.92090  -7.78344  6.04010   1.000 13.69871 ? 9   VAL A O   1 
ATOM   51  C  CB  . VAL A 1 13 ? 7.95848   -7.69565  5.05033   1.000 13.38140 ? 9   VAL A CB  1 
ATOM   52  C  CG1 . VAL A 1 13 ? 6.49637   -7.50625  5.48120   1.000 15.71118 ? 9   VAL A CG1 1 
ATOM   53  C  CG2 . VAL A 1 13 ? 8.09303   -7.71085  3.53925   1.000 14.82267 ? 9   VAL A CG2 1 
ATOM   54  N  N   . CYS A 1 14 ? 10.93100  -6.17580  4.44849   1.000 11.85953 ? 10  CYS A N   1 
ATOM   55  C  CA  . CYS A 1 14 ? 12.31669  -6.37309  4.04651   1.000 12.07355 ? 10  CYS A CA  1 
ATOM   56  C  C   . CYS A 1 14 ? 13.30636  -5.50682  4.82579   1.000 11.69496 ? 10  CYS A C   1 
ATOM   57  O  O   . CYS A 1 14 ? 14.51757  -5.73112  4.71621   1.000 12.92184 ? 10  CYS A O   1 
ATOM   58  C  CB  . CYS A 1 14 ? 12.46411  -6.11724  2.54233   1.000 12.87072 ? 10  CYS A CB  1 
ATOM   59  S  SG  . CYS A 1 14 ? 11.99970  -4.44194  2.04099   1.000 12.54428 ? 10  CYS A SG  1 
ATOM   60  N  N   . ARG A 1 15 ? 12.82432  -4.54082  5.61025   1.000 11.60409 ? 11  ARG A N   1 
ATOM   61  C  CA  . ARG A 1 15 ? 13.65811  -3.72120  6.50370   1.000 11.81963 ? 11  ARG A CA  1 
ATOM   62  C  C   . ARG A 1 15 ? 14.78066  -2.98811  5.76367   1.000 12.01559 ? 11  ARG A C   1 
ATOM   63  O  O   . ARG A 1 15 ? 15.94340  -3.00151  6.17465   1.000 14.07952 ? 11  ARG A O   1 
ATOM   64  C  CB  . ARG A 1 15 ? 14.18058  -4.52477  7.70332   1.000 13.52176 ? 11  ARG A CB  1 
ATOM   65  C  CG  . ARG A 1 15 ? 13.07390  -5.13822  8.55715   1.000 14.50047 ? 11  ARG A CG  1 
ATOM   66  C  CD  . ARG A 1 15 ? 12.27429  -4.09717  9.30895   1.000 17.29412 ? 11  ARG A CD  1 
ATOM   67  N  NE  . ARG A 1 15 ? 13.02853  -3.51921  10.41488  1.000 19.22747 ? 11  ARG A NE  1 
ATOM   68  C  CZ  . ARG A 1 15 ? 12.62518  -2.47501  11.12647  1.000 21.54922 ? 11  ARG A CZ  1 
ATOM   69  N  NH1 . ARG A 1 15 ? 11.47731  -1.86483  10.86776  1.000 21.07156 ? 11  ARG A NH1 1 
ATOM   70  N  NH2 . ARG A 1 15 ? 13.39547  -2.02750  12.11646  1.000 23.40711 ? 11  ARG A NH2 1 
ATOM   71  N  N   . LEU A 1 16 ? 14.41171  -2.30843  4.67867   1.000 11.30653 ? 12  LEU A N   1 
ATOM   72  C  CA  . LEU A 1 16 ? 15.38853  -1.60261  3.86583   1.000 10.98897 ? 12  LEU A CA  1 
ATOM   73  C  C   . LEU A 1 16 ? 15.24647  -0.09349  4.01486   1.000 11.17330 ? 12  LEU A C   1 
ATOM   74  O  O   . LEU A 1 16 ? 14.16882  0.40695   4.34716   1.000 12.11626 ? 12  LEU A O   1 
ATOM   75  C  CB  . LEU A 1 16 ? 15.19752  -1.95142  2.38674   1.000 11.64461 ? 12  LEU A CB  1 
ATOM   76  C  CG  . LEU A 1 16 ? 15.63981  -3.34930  1.97547   1.000 12.95520 ? 12  LEU A CG  1 
ATOM   77  C  CD1 . LEU A 1 16 ? 15.36165  -3.56515  0.50133   1.000 13.81269 ? 12  LEU A CD1 1 
ATOM   78  C  CD2 . LEU A 1 16 ? 17.11336  -3.56305  2.30630   1.000 14.68103 ? 12  LEU A CD2 1 
ATOM   79  N  N   . PRO A 1 17 ? 16.32395  0.65775   3.78861   1.000 11.30228 ? 13  PRO A N   1 
ATOM   80  C  CA  A PRO A 1 17 ? 16.20773  2.11826   3.73663   0.500 10.41566 ? 13  PRO A CA  1 
ATOM   81  C  CA  B PRO A 1 17 ? 16.19563  2.11612   3.74634   0.500 10.66654 ? 13  PRO A CA  1 
ATOM   82  C  C   . PRO A 1 17 ? 15.32496  2.53269   2.57053   1.000 11.22430 ? 13  PRO A C   1 
ATOM   83  O  O   . PRO A 1 17 ? 15.10055  1.76927   1.63049   1.000 12.87485 ? 13  PRO A O   1 
ATOM   84  C  CB  A PRO A 1 17 ? 17.65296  2.58389   3.51606   0.500 12.71954 ? 13  PRO A CB  1 
ATOM   85  C  CB  B PRO A 1 17 ? 17.63949  2.58996   3.55885   0.500 12.81200 ? 13  PRO A CB  1 
ATOM   86  C  CG  A PRO A 1 17 ? 18.50660  1.44241   3.94047   0.500 10.76472 ? 13  PRO A CG  1 
ATOM   87  C  CG  B PRO A 1 17 ? 18.30384  1.46820   2.86692   0.500 11.30985 ? 13  PRO A CG  1 
ATOM   88  C  CD  A PRO A 1 17 ? 17.71667  0.20990   3.61648   0.500 12.78094 ? 13  PRO A CD  1 
ATOM   89  C  CD  B PRO A 1 17 ? 17.68611  0.22252   3.43113   0.500 11.52224 ? 13  PRO A CD  1 
ATOM   90  N  N   . TYR A 1 18 ? 14.83485  3.77243   2.63289   1.000 11.99503 ? 14  TYR A N   1 
ATOM   91  C  CA  . TYR A 1 18 ? 13.90440  4.27377   1.62747   1.000 13.02079 ? 14  TYR A CA  1 
ATOM   92  C  C   . TYR A 1 18 ? 14.60139  4.47550   0.28333   1.000 12.84146 ? 14  TYR A C   1 
ATOM   93  O  O   . TYR A 1 18 ? 15.56628  5.24081   0.17631   1.000 14.32782 ? 14  TYR A O   1 
ATOM   94  C  CB  . TYR A 1 18 ? 13.27393  5.57920   2.10389   1.000 13.74961 ? 14  TYR A CB  1 
ATOM   95  C  CG  . TYR A 1 18 ? 12.37158  6.20173   1.06853   1.000 12.98559 ? 14  TYR A CG  1 
ATOM   96  C  CD1 . TYR A 1 18 ? 11.43848  5.43029   0.38861   1.000 13.97567 ? 14  TYR A CD1 1 
ATOM   97  C  CD2 . TYR A 1 18 ? 12.44742  7.55359   0.76584   1.000 13.73628 ? 14  TYR A CD2 1 
ATOM   98  C  CE1 . TYR A 1 18 ? 10.60774  5.97545   -0.56499  1.000 13.81878 ? 14  TYR A CE1 1 
ATOM   99  C  CE2 . TYR A 1 18 ? 11.61185  8.11853   -0.18306  1.000 13.32274 ? 14  TYR A CE2 1 
ATOM   100 C  CZ  . TYR A 1 18 ? 10.70032  7.32129   -0.84892  1.000 13.90408 ? 14  TYR A CZ  1 
ATOM   101 O  OH  . TYR A 1 18 ? 9.88946   7.89216   -1.79948  1.000 15.91556 ? 14  TYR A OH  1 
ATOM   102 N  N   . ASP A 1 19 ? 14.09008  3.80630   -0.73988  1.000 12.42806 ? 15  ASP A N   1 
ATOM   103 C  CA  . ASP A 1 19 ? 14.56817  3.88289   -2.11611  1.000 12.34245 ? 15  ASP A CA  1 
ATOM   104 C  C   . ASP A 1 19 ? 13.48351  4.59484   -2.91832  1.000 10.97753 ? 15  ASP A C   1 
ATOM   105 O  O   . ASP A 1 19 ? 12.37784  4.06688   -3.09105  1.000 11.98365 ? 15  ASP A O   1 
ATOM   106 C  CB  . ASP A 1 19 ? 14.78968  2.45608   -2.61281  1.000 13.93398 ? 15  ASP A CB  1 
ATOM   107 C  CG  . ASP A 1 19 ? 15.27882  2.37264   -4.04631  1.000 15.32336 ? 15  ASP A CG  1 
ATOM   108 O  OD1 . ASP A 1 19 ? 15.17863  3.35353   -4.82289  1.000 15.02587 ? 15  ASP A OD1 1 
ATOM   109 O  OD2 . ASP A 1 19 ? 15.74650  1.26507   -4.39680  1.000 17.51995 ? 15  ASP A OD2 1 
ATOM   110 N  N   . VAL A 1 20 ? 13.79526  5.79977   -3.40350  1.000 11.35976 ? 16  VAL A N   1 
ATOM   111 C  CA  . VAL A 1 20 ? 12.80012  6.63307   -4.07094  1.000 11.77627 ? 16  VAL A CA  1 
ATOM   112 C  C   . VAL A 1 20 ? 12.32045  6.05541   -5.38934  1.000 13.62630 ? 16  VAL A C   1 
ATOM   113 O  O   . VAL A 1 20 ? 11.32577  6.54459   -5.93319  1.000 14.98874 ? 16  VAL A O   1 
ATOM   114 C  CB  . VAL A 1 20 ? 13.30891  8.07597   -4.27823  1.000 13.94994 ? 16  VAL A CB  1 
ATOM   115 C  CG1 . VAL A 1 20 ? 13.66156  8.71449   -2.95226  1.000 15.56682 ? 16  VAL A CG1 1 
ATOM   116 C  CG2 . VAL A 1 20 ? 14.48978  8.11069   -5.23810  1.000 13.45607 ? 16  VAL A CG2 1 
ATOM   117 N  N   . THR A 1 21 ? 12.99934  5.04569   -5.93075  1.000 13.34249 ? 17  THR A N   1 
ATOM   118 C  CA  . THR A 1 21 ? 12.55218  4.43920   -7.17696  1.000 13.19454 ? 17  THR A CA  1 
ATOM   119 C  C   . THR A 1 21 ? 11.47555  3.38059   -6.98146  1.000 14.36102 ? 17  THR A C   1 
ATOM   120 O  O   . THR A 1 21 ? 11.03078  2.80121   -7.97609  1.000 16.19907 ? 17  THR A O   1 
ATOM   121 C  CB  . THR A 1 21 ? 13.72102  3.82714   -7.95654  1.000 14.31599 ? 17  THR A CB  1 
ATOM   122 O  OG1 . THR A 1 21 ? 14.21991  2.67782   -7.26254  1.000 15.83710 ? 17  THR A OG1 1 
ATOM   123 C  CG2 . THR A 1 21 ? 14.84384  4.83626   -8.13496  1.000 16.31337 ? 17  THR A CG2 1 
ATOM   124 N  N   . ARG A 1 22 ? 11.04302  3.11762   -5.74849  1.000 13.04424 ? 18  ARG A N   1 
ATOM   125 C  CA  . ARG A 1 22 ? 10.09908  2.04444   -5.46086  1.000 12.28712 ? 18  ARG A CA  1 
ATOM   126 C  C   . ARG A 1 22 ? 8.81237   2.60007   -4.85758  1.000 12.71637 ? 18  ARG A C   1 
ATOM   127 O  O   . ARG A 1 22 ? 8.84713   3.35617   -3.88192  1.000 14.66335 ? 18  ARG A O   1 
ATOM   128 C  CB  . ARG A 1 22 ? 10.74347  1.02278   -4.52411  1.000 13.41063 ? 18  ARG A CB  1 
ATOM   129 C  CG  . ARG A 1 22 ? 11.99248  0.38157   -5.10571  1.000 14.37354 ? 18  ARG A CG  1 
ATOM   130 C  CD  . ARG A 1 22 ? 12.58921  -0.60982  -4.14516  1.000 15.74401 ? 18  ARG A CD  1 
ATOM   131 N  NE  . ARG A 1 22 ? 11.74781  -1.78864  -4.01204  1.000 15.17080 ? 18  ARG A NE  1 
ATOM   132 C  CZ  . ARG A 1 22 ? 12.02494  -2.79383  -3.19785  1.000 14.82791 ? 18  ARG A CZ  1 
ATOM   133 N  NH1 . ARG A 1 22 ? 13.10900  -2.77724  -2.43808  1.000 15.03251 ? 18  ARG A NH1 1 
ATOM   134 N  NH2 . ARG A 1 22 ? 11.19811  -3.83678  -3.14717  1.000 15.58588 ? 18  ARG A NH2 1 
ATOM   135 N  N   . PHE A 1 23 ? 7.68068   2.20975   -5.44011  1.000 12.53070 ? 19  PHE A N   1 
ATOM   136 C  CA  . PHE A 1 23 ? 6.37330   2.58814   -4.91700  1.000 12.32219 ? 19  PHE A CA  1 
ATOM   137 C  C   . PHE A 1 23 ? 6.14394   1.97605   -3.53662  1.000 10.46885 ? 19  PHE A C   1 
ATOM   138 O  O   . PHE A 1 23 ? 6.42187   0.79186   -3.30606  1.000 11.53517 ? 19  PHE A O   1 
ATOM   139 C  CB  . PHE A 1 23 ? 5.30330   2.07956   -5.88313  1.000 13.74266 ? 19  PHE A CB  1 
ATOM   140 C  CG  . PHE A 1 23 ? 3.93191   1.96546   -5.28045  1.000 14.10628 ? 19  PHE A CG  1 
ATOM   141 C  CD1 . PHE A 1 23 ? 3.20027   3.09162   -4.93807  1.000 15.24904 ? 19  PHE A CD1 1 
ATOM   142 C  CD2 . PHE A 1 23 ? 3.36899   0.71745   -5.06305  1.000 14.61953 ? 19  PHE A CD2 1 
ATOM   143 C  CE1 . PHE A 1 23 ? 1.93348   2.96389   -4.37693  1.000 16.46711 ? 19  PHE A CE1 1 
ATOM   144 C  CE2 . PHE A 1 23 ? 2.10949   0.58894   -4.50783  1.000 16.70985 ? 19  PHE A CE2 1 
ATOM   145 C  CZ  . PHE A 1 23 ? 1.39583   1.71415   -4.16505  1.000 17.35180 ? 19  PHE A CZ  1 
ATOM   146 N  N   . MET A 1 24 ? 5.61900   2.78305   -2.60914  1.000 10.74820 ? 20  MET A N   1 
ATOM   147 C  CA  . MET A 1 24 ? 5.30733   2.32083   -1.26136  1.000 11.57247 ? 20  MET A CA  1 
ATOM   148 C  C   . MET A 1 24 ? 3.91396   2.77169   -0.84771  1.000 11.28622 ? 20  MET A C   1 
ATOM   149 O  O   . MET A 1 24 ? 3.39981   3.79021   -1.32681  1.000 12.13509 ? 20  MET A O   1 
ATOM   150 C  CB  . MET A 1 24 ? 6.33104   2.80742   -0.23156  1.000 11.81242 ? 20  MET A CB  1 
ATOM   151 C  CG  . MET A 1 24 ? 7.74253   2.42402   -0.58213  1.000 12.84327 ? 20  MET A CG  1 
ATOM   152 S  SD  . MET A 1 24 ? 8.91406   2.73282   0.75147   1.000 13.83908 ? 20  MET A SD  1 
ATOM   153 C  CE  . MET A 1 24 ? 8.64909   1.25932   1.74275   1.000 14.41118 ? 20  MET A CE  1 
ATOM   154 N  N   . ILE A 1 25 ? 3.32006   2.00502   0.06751   1.000 11.67425 ? 21  ILE A N   1 
ATOM   155 C  CA  . ILE A 1 25 ? 1.97050   2.25596   0.56022   1.000 11.64611 ? 21  ILE A CA  1 
ATOM   156 C  C   . ILE A 1 25 ? 1.96142   2.08032   2.07875   1.000 10.83057 ? 21  ILE A C   1 
ATOM   157 O  O   . ILE A 1 25 ? 2.65676   1.21344   2.62040   1.000 12.15015 ? 21  ILE A O   1 
ATOM   158 C  CB  . ILE A 1 25 ? 0.94697   1.33156   -0.14617  1.000 12.01851 ? 21  ILE A CB  1 
ATOM   159 C  CG1 . ILE A 1 25 ? -0.49574  1.70073   0.21527   1.000 13.34724 ? 21  ILE A CG1 1 
ATOM   160 C  CG2 . ILE A 1 25 ? 1.24047   -0.13930  0.13538   1.000 12.87658 ? 21  ILE A CG2 1 
ATOM   161 C  CD1 . ILE A 1 25 ? -1.52421  0.98661   -0.63636  1.000 14.87283 ? 21  ILE A CD1 1 
ATOM   162 N  N   . GLU A 1 26 ? 1.18355   2.91815   2.76868   1.000 11.57401 ? 22  GLU A N   1 
ATOM   163 C  CA  . GLU A 1 26 ? 1.09991   2.90373   4.22617   1.000 11.12299 ? 22  GLU A CA  1 
ATOM   164 C  C   . GLU A 1 26 ? -0.16036  2.16729   4.68107   1.000 11.49077 ? 22  GLU A C   1 
ATOM   165 O  O   . GLU A 1 26 ? -1.26608  2.48047   4.22743   1.000 13.93796 ? 22  GLU A O   1 
ATOM   166 C  CB  . GLU A 1 26 ? 1.09795   4.33494   4.77427   1.000 13.07022 ? 22  GLU A CB  1 
ATOM   167 C  CG  . GLU A 1 26 ? 1.07671   4.40508   6.29950   1.000 16.82973 ? 22  GLU A CG  1 
ATOM   168 C  CD  . GLU A 1 26 ? 0.91005   5.81819   6.82568   1.000 20.69394 ? 22  GLU A CD  1 
ATOM   169 O  OE1 . GLU A 1 26 ? -0.04419  6.49494   6.39780   1.000 23.47579 ? 22  GLU A OE1 1 
ATOM   170 O  OE2 . GLU A 1 26 ? 1.72702   6.24655   7.66969   1.000 22.98938 ? 22  GLU A OE2 1 
ATOM   171 N  N   . CYS A 1 27 ? 0.00901   1.19077   5.57276   1.000 11.39475 ? 23  CYS A N   1 
ATOM   172 C  CA  . CYS A 1 27 ? -1.12200  0.46142   6.12945   1.000 10.51350 ? 23  CYS A CA  1 
ATOM   173 C  C   . CYS A 1 27 ? -1.93606  1.35739   7.05914   1.000 11.09345 ? 23  CYS A C   1 
ATOM   174 O  O   . CYS A 1 27 ? -1.38618  2.02756   7.94110   1.000 11.93731 ? 23  CYS A O   1 
ATOM   175 C  CB  . CYS A 1 27 ? -0.60767  -0.75974  6.88795   1.000 12.27107 ? 23  CYS A CB  1 
ATOM   176 S  SG  . CYS A 1 27 ? -1.88745  -1.66787  7.76215   1.000 12.41187 ? 23  CYS A SG  1 
ATOM   177 N  N   . ASP A 1 28 ? -3.25767  1.36717   6.86005   1.000 11.41313 ? 24  ASP A N   1 
ATOM   178 C  CA  A ASP A 1 28 ? -4.11253  2.21799   7.67682   0.500 12.70472 ? 24  ASP A CA  1 
ATOM   179 C  CA  B ASP A 1 28 ? -4.12454  2.21252   7.67101   0.500 12.70034 ? 24  ASP A CA  1 
ATOM   180 C  C   . ASP A 1 28 ? -4.21606  1.73999   9.11581   1.000 13.85530 ? 24  ASP A C   1 
ATOM   181 O  O   . ASP A 1 28 ? -4.58560  2.53090   9.99195   1.000 15.90809 ? 24  ASP A O   1 
ATOM   182 C  CB  A ASP A 1 28 ? -5.49547  2.33756   7.04358   0.500 13.86840 ? 24  ASP A CB  1 
ATOM   183 C  CB  B ASP A 1 28 ? -5.52578  2.27850   7.06171   0.500 13.67919 ? 24  ASP A CB  1 
ATOM   184 C  CG  A ASP A 1 28 ? -5.48376  3.22585   5.82597   0.500 14.96556 ? 24  ASP A CG  1 
ATOM   185 C  CG  B ASP A 1 28 ? -6.37716  3.35824   7.69016   0.500 15.51755 ? 24  ASP A CG  1 
ATOM   186 O  OD1 A ASP A 1 28 ? -4.92674  4.34053   5.91817   0.500 18.43298 ? 24  ASP A OD1 1 
ATOM   187 O  OD1 B ASP A 1 28 ? -5.95013  4.53418   7.67156   0.500 15.62183 ? 24  ASP A OD1 1 
ATOM   188 O  OD2 A ASP A 1 28 ? -5.98113  2.79939   4.77026   0.500 16.03197 ? 24  ASP A OD2 1 
ATOM   189 O  OD2 B ASP A 1 28 ? -7.46695  3.02831   8.20376   0.500 16.94328 ? 24  ASP A OD2 1 
ATOM   190 N  N   . ALA A 1 29 ? -3.90106  0.47640   9.38022   1.000 12.97319 ? 25  ALA A N   1 
ATOM   191 C  CA  . ALA A 1 29 ? -4.02625  -0.06026  10.72743  1.000 13.16518 ? 25  ALA A CA  1 
ATOM   192 C  C   . ALA A 1 29 ? -2.75464  0.12194   11.55175  1.000 14.06590 ? 25  ALA A C   1 
ATOM   193 O  O   . ALA A 1 29 ? -2.80305  0.68265   12.64956  1.000 16.84174 ? 25  ALA A O   1 
ATOM   194 C  CB  . ALA A 1 29 ? -4.41640  -1.53936  10.66953  1.000 14.90972 ? 25  ALA A CB  1 
ATOM   195 N  N   . CYS A 1 30 ? -1.61473  -0.34621  11.04596  1.000 14.92529 ? 26  CYS A N   1 
ATOM   196 C  CA  . CYS A 1 30 ? -0.36568  -0.25419  11.79493  1.000 15.01317 ? 26  CYS A CA  1 
ATOM   197 C  C   . CYS A 1 30 ? 0.43976   0.99937   11.47865  1.000 15.27918 ? 26  CYS A C   1 
ATOM   198 O  O   . CYS A 1 30 ? 1.38229   1.30861   12.21461  1.000 15.35103 ? 26  CYS A O   1 
ATOM   199 C  CB  . CYS A 1 30 ? 0.51621   -1.49470  11.57860  1.000 15.30343 ? 26  CYS A CB  1 
ATOM   200 S  SG  . CYS A 1 30 ? 1.12584   -1.75687  9.88980   1.000 14.43509 ? 26  CYS A SG  1 
ATOM   201 N  N   . LYS A 1 31 ? 0.09772   1.72081   10.41107  1.000 13.71238 ? 27  LYS A N   1 
ATOM   202 C  CA  . LYS A 1 31 ? 0.78684   2.94266   9.99464   1.000 13.75369 ? 27  LYS A CA  1 
ATOM   203 C  C   . LYS A 1 31 ? 2.23922   2.70431   9.59350   1.000 14.25802 ? 27  LYS A C   1 
ATOM   204 O  O   . LYS A 1 31 ? 3.04468   3.63675   9.58893   1.000 17.19780 ? 27  LYS A O   1 
ATOM   205 C  CB  . LYS A 1 31 ? 0.66530   4.06890   11.02562  1.000 15.34888 ? 27  LYS A CB  1 
ATOM   206 C  CG  . LYS A 1 31 ? -0.76369  4.43225   11.39297  1.000 15.96520 ? 27  LYS A CG  1 
ATOM   207 C  CD  . LYS A 1 31 ? -1.57368  4.90572   10.19213  1.000 16.21255 ? 27  LYS A CD  1 
ATOM   208 C  CE  . LYS A 1 31 ? -2.88063  5.50939   10.65492  1.000 18.34984 ? 27  LYS A CE  1 
ATOM   209 N  NZ  . LYS A 1 31 ? -3.79920  5.77045   9.52769   1.000 23.99729 ? 27  LYS A NZ  1 
ATOM   210 N  N   . ASP A 1 32 ? 2.59235   1.46923   9.25855   1.000 13.69994 ? 28  ASP A N   1 
ATOM   211 C  CA  . ASP A 1 32 ? 3.89755   1.20043   8.68267   1.000 13.18033 ? 28  ASP A CA  1 
ATOM   212 C  C   . ASP A 1 32 ? 3.82369   1.19900   7.15648   1.000 11.66046 ? 28  ASP A C   1 
ATOM   213 O  O   . ASP A 1 32 ? 2.74676   1.11533   6.55997   1.000 12.79647 ? 28  ASP A O   1 
ATOM   214 C  CB  . ASP A 1 32 ? 4.47561   -0.11641  9.20751   1.000 14.90320 ? 28  ASP A CB  1 
ATOM   215 C  CG  . ASP A 1 32 ? 4.84906   -0.04961  10.68490  1.000 17.61135 ? 28  ASP A CG  1 
ATOM   216 O  OD1 . ASP A 1 32 ? 5.07240   1.06999   11.20499  1.000 19.93856 ? 28  ASP A OD1 1 
ATOM   217 O  OD2 . ASP A 1 32 ? 4.94141   -1.11995  11.32485  1.000 21.15824 ? 28  ASP A OD2 1 
ATOM   218 N  N   . TRP A 1 33 ? 4.99550   1.31734   6.53421   1.000 12.54405 ? 29  TRP A N   1 
ATOM   219 C  CA  . TRP A 1 33 ? 5.14210   1.46596   5.09366   1.000 12.75812 ? 29  TRP A CA  1 
ATOM   220 C  C   . TRP A 1 33 ? 5.64916   0.17564   4.46586   1.000 11.93700 ? 29  TRP A C   1 
ATOM   221 O  O   . TRP A 1 33 ? 6.51158   -0.50203  5.03289   1.000 13.78096 ? 29  TRP A O   1 
ATOM   222 C  CB  . TRP A 1 33 ? 6.13401   2.59034   4.79076   1.000 12.91713 ? 29  TRP A CB  1 
ATOM   223 C  CG  . TRP A 1 33 ? 5.56027   3.94051   5.04569   1.000 13.19247 ? 29  TRP A CG  1 
ATOM   224 C  CD1 . TRP A 1 33 ? 5.60481   4.65145   6.20783   1.000 13.86566 ? 29  TRP A CD1 1 
ATOM   225 C  CD2 . TRP A 1 33 ? 4.82812   4.73786   4.11273   1.000 13.23120 ? 29  TRP A CD2 1 
ATOM   226 N  NE1 . TRP A 1 33 ? 4.94537   5.85015   6.05281   1.000 14.74166 ? 29  TRP A NE1 1 
ATOM   227 C  CE2 . TRP A 1 33 ? 4.46321   5.92825   4.77231   1.000 14.23315 ? 29  TRP A CE2 1 
ATOM   228 C  CE3 . TRP A 1 33 ? 4.44219   4.55599   2.78251   1.000 13.76845 ? 29  TRP A CE3 1 
ATOM   229 C  CZ2 . TRP A 1 33 ? 3.73343   6.93944   4.14106   1.000 14.16610 ? 29  TRP A CZ2 1 
ATOM   230 C  CZ3 . TRP A 1 33 ? 3.71949   5.55438   2.15914   1.000 13.83525 ? 29  TRP A CZ3 1 
ATOM   231 C  CH2 . TRP A 1 33 ? 3.37564   6.73459   2.83727   1.000 14.97721 ? 29  TRP A CH2 1 
ATOM   232 N  N   . PHE A 1 34 ? 5.13266   -0.13811  3.27485   1.000 11.00184 ? 30  PHE A N   1 
ATOM   233 C  CA  . PHE A 1 34 ? 5.47296   -1.36123  2.55877   1.000 10.86112 ? 30  PHE A CA  1 
ATOM   234 C  C   . PHE A 1 34 ? 5.74235   -1.06395  1.09150   1.000 11.17326 ? 30  PHE A C   1 
ATOM   235 O  O   . PHE A 1 34 ? 5.03447   -0.26458  0.47496   1.000 12.55750 ? 30  PHE A O   1 
ATOM   236 C  CB  . PHE A 1 34 ? 4.32317   -2.37149  2.67190   1.000 11.55500 ? 30  PHE A CB  1 
ATOM   237 C  CG  . PHE A 1 34 ? 4.01501   -2.74041  4.08191   1.000 11.07368 ? 30  PHE A CG  1 
ATOM   238 C  CD1 . PHE A 1 34 ? 3.14903   -1.97124  4.84730   1.000 12.16854 ? 30  PHE A CD1 1 
ATOM   239 C  CD2 . PHE A 1 34 ? 4.64565   -3.82192  4.66744   1.000 12.41647 ? 30  PHE A CD2 1 
ATOM   240 C  CE1 . PHE A 1 34 ? 2.90147   -2.29350  6.16764   1.000 12.34429 ? 30  PHE A CE1 1 
ATOM   241 C  CE2 . PHE A 1 34 ? 4.39998   -4.15264  5.97655   1.000 14.26912 ? 30  PHE A CE2 1 
ATOM   242 C  CZ  . PHE A 1 34 ? 3.53060   -3.39121  6.73114   1.000 13.85917 ? 30  PHE A CZ  1 
ATOM   243 N  N   . HIS A 1 35 ? 6.75874   -1.70974  0.52617   1.000 11.21069 ? 31  HIS A N   1 
ATOM   244 C  CA  . HIS A 1 35 ? 6.91618   -1.68688  -0.92193  1.000 10.70857 ? 31  HIS A CA  1 
ATOM   245 C  C   . HIS A 1 35 ? 5.75050   -2.42603  -1.54764  1.000 11.41001 ? 31  HIS A C   1 
ATOM   246 O  O   . HIS A 1 35 ? 5.43133   -3.54479  -1.13406  1.000 11.79501 ? 31  HIS A O   1 
ATOM   247 C  CB  . HIS A 1 35 ? 8.18436   -2.41606  -1.33931  1.000 11.63020 ? 31  HIS A CB  1 
ATOM   248 C  CG  . HIS A 1 35 ? 9.43545   -1.81508  -0.80477  1.000 10.76877 ? 31  HIS A CG  1 
ATOM   249 N  ND1 . HIS A 1 35 ? 10.23162  -2.46332  0.11553   1.000 11.81940 ? 31  HIS A ND1 1 
ATOM   250 C  CD2 . HIS A 1 35 ? 10.04377  -0.63752  -1.07878  1.000 10.96472 ? 31  HIS A CD2 1 
ATOM   251 C  CE1 . HIS A 1 35 ? 11.27693  -1.70061  0.38917   1.000 13.01960 ? 31  HIS A CE1 1 
ATOM   252 N  NE2 . HIS A 1 35 ? 11.18187  -0.58781  -0.31741  1.000 12.27876 ? 31  HIS A NE2 1 
ATOM   253 N  N   . GLY A 1 36 ? 5.14156   -1.82688  -2.57001  1.000 12.72534 ? 32  GLY A N   1 
ATOM   254 C  CA  . GLY A 1 36 ? 4.08919   -2.52848  -3.28110  1.000 13.20359 ? 32  GLY A CA  1 
ATOM   255 C  C   . GLY A 1 36 ? 4.53877   -3.88675  -3.78254  1.000 13.57275 ? 32  GLY A C   1 
ATOM   256 O  O   . GLY A 1 36 ? 3.78710   -4.86114  -3.72003  1.000 14.35035 ? 32  GLY A O   1 
ATOM   257 N  N   . SER A 1 37 ? 5.79066   -3.98612  -4.23480  1.000 14.18696 ? 33  SER A N   1 
ATOM   258 C  CA  . SER A 1 37 ? 6.27652   -5.24361  -4.78400  1.000 15.12601 ? 33  SER A CA  1 
ATOM   259 C  C   . SER A 1 37 ? 6.46040   -6.30709  -3.71255  1.000 14.15391 ? 33  SER A C   1 
ATOM   260 O  O   . SER A 1 37 ? 6.43605   -7.49747  -4.03684  1.000 18.09979 ? 33  SER A O   1 
ATOM   261 C  CB  . SER A 1 37 ? 7.59623   -5.03192  -5.52770  1.000 16.39497 ? 33  SER A CB  1 
ATOM   262 O  OG  . SER A 1 37 ? 8.61810   -4.61641  -4.64337  1.000 18.77188 ? 33  SER A OG  1 
ATOM   263 N  N   . CYS A 1 38 ? 6.64502   -5.90955  -2.44994  1.000 12.69783 ? 34  CYS A N   1 
ATOM   264 C  CA  . CYS A 1 38 ? 6.79621   -6.87610  -1.36652  1.000 11.11305 ? 34  CYS A CA  1 
ATOM   265 C  C   . CYS A 1 38 ? 5.46045   -7.41829  -0.86837  1.000 12.23434 ? 34  CYS A C   1 
ATOM   266 O  O   . CYS A 1 38 ? 5.42794   -8.51339  -0.29075  1.000 12.96522 ? 34  CYS A O   1 
ATOM   267 C  CB  . CYS A 1 38 ? 7.57042   -6.25588  -0.19884  1.000 12.46686 ? 34  CYS A CB  1 
ATOM   268 S  SG  . CYS A 1 38 ? 9.31351   -5.92715  -0.56191  1.000 13.15339 ? 34  CYS A SG  1 
ATOM   269 N  N   . VAL A 1 39 ? 4.35805   -6.70050  -1.09523  1.000 12.97879 ? 35  VAL A N   1 
ATOM   270 C  CA  . VAL A 1 39 ? 3.05372   -7.07930  -0.55838  1.000 13.10444 ? 35  VAL A CA  1 
ATOM   271 C  C   . VAL A 1 39 ? 1.98350   -7.27911  -1.62679  1.000 13.56177 ? 35  VAL A C   1 
ATOM   272 O  O   . VAL A 1 39 ? 0.83135   -7.57166  -1.28357  1.000 14.78385 ? 35  VAL A O   1 
ATOM   273 C  CB  . VAL A 1 39 ? 2.56103   -6.11654  0.54235   1.000 14.25673 ? 35  VAL A CB  1 
ATOM   274 C  CG1 . VAL A 1 39 ? 3.51813   -6.10633  1.72417   1.000 15.10045 ? 35  VAL A CG1 1 
ATOM   275 C  CG2 . VAL A 1 39 ? 2.37590   -4.71628  -0.01801  1.000 15.21020 ? 35  VAL A CG2 1 
ATOM   276 N  N   . GLY A 1 40 ? 2.32168   -7.13123  -2.90421  1.000 14.04309 ? 36  GLY A N   1 
ATOM   277 C  CA  . GLY A 1 40 ? 1.40698   -7.44273  -3.98506  1.000 15.28177 ? 36  GLY A CA  1 
ATOM   278 C  C   . GLY A 1 40 ? 0.54068   -6.30996  -4.48487  1.000 16.81685 ? 36  GLY A C   1 
ATOM   279 O  O   . GLY A 1 40 ? -0.46041  -6.57628  -5.15841  1.000 21.75985 ? 36  GLY A O   1 
ATOM   280 N  N   . VAL A 1 41 ? 0.87992   -5.06028  -4.18574  1.000 14.89284 ? 37  VAL A N   1 
ATOM   281 C  CA  . VAL A 1 41 ? 0.09879   -3.90301  -4.61848  1.000 14.68217 ? 37  VAL A CA  1 
ATOM   282 C  C   . VAL A 1 41 ? 0.85288   -3.18184  -5.72643  1.000 15.16875 ? 37  VAL A C   1 
ATOM   283 O  O   . VAL A 1 41 ? 2.02313   -2.82605  -5.55691  1.000 16.48337 ? 37  VAL A O   1 
ATOM   284 C  CB  . VAL A 1 41 ? -0.18756  -2.94027  -3.45280  1.000 15.01090 ? 37  VAL A CB  1 
ATOM   285 C  CG1 . VAL A 1 41 ? -1.04240  -1.77071  -3.93411  1.000 16.01973 ? 37  VAL A CG1 1 
ATOM   286 C  CG2 . VAL A 1 41 ? -0.85316  -3.66840  -2.29835  1.000 16.95581 ? 37  VAL A CG2 1 
ATOM   287 N  N   . GLU A 1 42 ? 0.18190   -2.93947  -6.84583  1.000 16.17288 ? 38  GLU A N   1 
ATOM   288 C  CA  . GLU A 1 42 ? 0.77341   -2.15802  -7.92090  1.000 18.06754 ? 38  GLU A CA  1 
ATOM   289 C  C   . GLU A 1 42 ? 0.40838   -0.68679  -7.76411  1.000 17.35061 ? 38  GLU A C   1 
ATOM   290 O  O   . GLU A 1 42 ? -0.68371  -0.34197  -7.30638  1.000 17.97853 ? 38  GLU A O   1 
ATOM   291 C  CB  . GLU A 1 42 ? 0.31759   -2.68047  -9.28518  1.000 23.42461 ? 38  GLU A CB  1 
ATOM   292 C  CG  . GLU A 1 42 ? 0.74784   -4.11961  -9.54185  1.000 30.50702 ? 38  GLU A CG  1 
ATOM   293 C  CD  . GLU A 1 42 ? 0.21840   -4.67979  -10.84575 1.000 39.62569 ? 38  GLU A CD  1 
ATOM   294 O  OE1 . GLU A 1 42 ? -0.03976  -3.88799  -11.77599 1.000 42.69839 ? 38  GLU A OE1 1 
ATOM   295 O  OE2 . GLU A 1 42 ? 0.05768   -5.91611  -10.93704 1.000 44.25485 ? 38  GLU A OE2 1 
ATOM   296 N  N   . GLU A 1 43 ? 1.34454   0.18595   -8.14317  1.000 18.00747 ? 39  GLU A N   1 
ATOM   297 C  CA  . GLU A 1 43 ? 1.12864   1.62062   -7.97043  1.000 16.86366 ? 39  GLU A CA  1 
ATOM   298 C  C   . GLU A 1 43 ? -0.17218  2.07698   -8.62498  1.000 18.44610 ? 39  GLU A C   1 
ATOM   299 O  O   . GLU A 1 43 ? -0.90746  2.89637   -8.06111  1.000 20.02357 ? 39  GLU A O   1 
ATOM   300 C  CB  . GLU A 1 43 ? 2.32221   2.40031   -8.52896  1.000 17.36723 ? 39  GLU A CB  1 
ATOM   301 C  CG  . GLU A 1 43 ? 2.22285   3.91028   -8.35131  1.000 18.87717 ? 39  GLU A CG  1 
ATOM   302 C  CD  . GLU A 1 43 ? 3.52546   4.63999   -8.64293  1.000 23.19533 ? 39  GLU A CD  1 
ATOM   303 O  OE1 . GLU A 1 43 ? 4.55570   3.97534   -8.87678  1.000 26.51104 ? 39  GLU A OE1 1 
ATOM   304 O  OE2 . GLU A 1 43 ? 3.51393   5.88834   -8.63917  1.000 26.40442 ? 39  GLU A OE2 1 
ATOM   305 N  N   . GLU A 1 44 ? -0.48525  1.53209   -9.80431  1.000 19.52343 ? 40  GLU A N   1 
ATOM   306 C  CA  . GLU A 1 44 ? -1.66645  1.94069   -10.55608 1.000 22.37360 ? 40  GLU A CA  1 
ATOM   307 C  C   . GLU A 1 44 ? -2.96326  1.52074   -9.87821  1.000 22.29950 ? 40  GLU A C   1 
ATOM   308 O  O   . GLU A 1 44 ? -4.02435  2.05890   -10.21476 1.000 24.40460 ? 40  GLU A O   1 
ATOM   309 C  CB  . GLU A 1 44 ? -1.60744  1.35685   -11.97044 1.000 27.11520 ? 40  GLU A CB  1 
ATOM   310 C  CG  . GLU A 1 44 ? -0.44459  1.86287   -12.82395 1.000 35.77499 ? 40  GLU A CG  1 
ATOM   311 C  CD  . GLU A 1 44 ? 0.91026   1.29008   -12.41636 1.000 41.54241 ? 40  GLU A CD  1 
ATOM   312 O  OE1 . GLU A 1 44 ? 0.95576   0.38396   -11.55291 1.000 39.64056 ? 40  GLU A OE1 1 
ATOM   313 O  OE2 . GLU A 1 44 ? 1.93721   1.75283   -12.96095 1.000 45.23014 ? 40  GLU A OE2 1 
ATOM   314 N  N   . GLU A 1 45 ? -2.90335  0.57034   -8.94185  1.000 21.00262 ? 41  GLU A N   1 
ATOM   315 C  CA  . GLU A 1 45 ? -4.09016  0.12302   -8.22288  1.000 22.57021 ? 41  GLU A CA  1 
ATOM   316 C  C   . GLU A 1 45 ? -4.40619  0.99365   -7.01490  1.000 18.86903 ? 41  GLU A C   1 
ATOM   317 O  O   . GLU A 1 45 ? -5.55424  1.00655   -6.55855  1.000 19.91954 ? 41  GLU A O   1 
ATOM   318 C  CB  . GLU A 1 45 ? -3.89587  -1.31908  -7.74224  1.000 25.00180 ? 41  GLU A CB  1 
ATOM   319 C  CG  . GLU A 1 45 ? -3.69721  -2.33506  -8.85503  1.000 28.90048 ? 41  GLU A CG  1 
ATOM   320 C  CD  . GLU A 1 45 ? -3.41959  -3.73282  -8.32788  1.000 29.47017 ? 41  GLU A CD  1 
ATOM   321 O  OE1 . GLU A 1 45 ? -2.45150  -3.91310  -7.55748  1.000 28.82562 ? 41  GLU A OE1 1 
ATOM   322 O  OE2 . GLU A 1 45 ? -4.18365  -4.65574  -8.67587  1.000 33.17615 ? 41  GLU A OE2 1 
ATOM   323 N  N   . ALA A 1 46 ? -3.41474  1.71134   -6.49014  1.000 18.74124 ? 42  ALA A N   1 
ATOM   324 C  CA  . ALA A 1 46 ? -3.60324  2.42524   -5.23318  1.000 19.04563 ? 42  ALA A CA  1 
ATOM   325 C  C   . ALA A 1 46 ? -4.71478  3.47298   -5.23680  1.000 20.27266 ? 42  ALA A C   1 
ATOM   326 O  O   . ALA A 1 46 ? -5.36745  3.62010   -4.18800  1.000 21.81438 ? 42  ALA A O   1 
ATOM   327 C  CB  . ALA A 1 46 ? -2.27085  3.02542   -4.76364  1.000 22.76059 ? 42  ALA A CB  1 
ATOM   328 N  N   . PRO A 1 47 ? -4.97526  4.22356   -6.31606  1.000 20.68550 ? 43  PRO A N   1 
ATOM   329 C  CA  . PRO A 1 47 ? -6.08466  5.19010   -6.26977  1.000 21.89443 ? 43  PRO A CA  1 
ATOM   330 C  C   . PRO A 1 47 ? -7.43717  4.55814   -6.01145  1.000 21.33535 ? 43  PRO A C   1 
ATOM   331 O  O   . PRO A 1 47 ? -8.35509  5.26296   -5.57478  1.000 24.85905 ? 43  PRO A O   1 
ATOM   332 C  CB  . PRO A 1 47 ? -6.02945  5.86304   -7.64857  1.000 23.58829 ? 43  PRO A CB  1 
ATOM   333 C  CG  . PRO A 1 47 ? -4.61062  5.73590   -8.05902  1.000 23.49927 ? 43  PRO A CG  1 
ATOM   334 C  CD  . PRO A 1 47 ? -4.17513  4.39351   -7.54465  1.000 21.93502 ? 43  PRO A CD  1 
ATOM   335 N  N   . ASP A 1 48 ? -7.59197  3.25922   -6.25819  1.000 18.53111 ? 44  ASP A N   1 
ATOM   336 C  CA  . ASP A 1 48 ? -8.85228  2.56949   -6.02328  1.000 19.37888 ? 44  ASP A CA  1 
ATOM   337 C  C   . ASP A 1 48 ? -8.96548  1.99119   -4.61986  1.000 17.02397 ? 44  ASP A C   1 
ATOM   338 O  O   . ASP A 1 48 ? -10.01103 1.43098   -4.28192  1.000 18.45781 ? 44  ASP A O   1 
ATOM   339 C  CB  . ASP A 1 48 ? -9.04306  1.45007   -7.04983  1.000 23.10786 ? 44  ASP A CB  1 
ATOM   340 C  CG  . ASP A 1 48 ? -9.15891  1.97146   -8.46894  1.000 28.17222 ? 44  ASP A CG  1 
ATOM   341 O  OD1 . ASP A 1 48 ? -9.67532  3.09585   -8.65433  1.000 27.21813 ? 44  ASP A OD1 1 
ATOM   342 O  OD2 . ASP A 1 48 ? -8.73595  1.25097   -9.39951  1.000 32.99866 ? 44  ASP A OD2 1 
ATOM   343 N  N   . ILE A 1 49 ? -7.92937  2.09209   -3.80027  1.000 17.45665 ? 45  ILE A N   1 
ATOM   344 C  CA  . ILE A 1 49 ? -7.98337  1.56192   -2.44586  1.000 17.12695 ? 45  ILE A CA  1 
ATOM   345 C  C   . ILE A 1 49 ? -8.57788  2.61690   -1.52586  1.000 17.46177 ? 45  ILE A C   1 
ATOM   346 O  O   . ILE A 1 49 ? -8.10361  3.75846   -1.48291  1.000 21.19785 ? 45  ILE A O   1 
ATOM   347 C  CB  . ILE A 1 49 ? -6.59178  1.13130   -1.96481  1.000 17.78427 ? 45  ILE A CB  1 
ATOM   348 C  CG1 . ILE A 1 49 ? -5.97856  0.13435   -2.94596  1.000 18.88481 ? 45  ILE A CG1 1 
ATOM   349 C  CG2 . ILE A 1 49 ? -6.69930  0.53218   -0.58004  1.000 20.36480 ? 45  ILE A CG2 1 
ATOM   350 C  CD1 . ILE A 1 49 ? -4.51447  -0.16805  -2.65645  1.000 19.39671 ? 45  ILE A CD1 1 
ATOM   351 N  N   . ASP A 1 50 ? -9.62836  2.24257   -0.80143  1.000 17.00052 ? 46  ASP A N   1 
ATOM   352 C  CA  . ASP A 1 50 ? -10.19911 3.11948   0.21051   1.000 17.46524 ? 46  ASP A CA  1 
ATOM   353 C  C   . ASP A 1 50 ? -9.53584  2.92071   1.56707   1.000 16.17380 ? 46  ASP A C   1 
ATOM   354 O  O   . ASP A 1 50 ? -9.20601  3.89745   2.24800   1.000 18.93786 ? 46  ASP A O   1 
ATOM   355 C  CB  . ASP A 1 50 ? -11.70391 2.86674   0.32289   1.000 19.40630 ? 46  ASP A CB  1 
ATOM   356 C  CG  . ASP A 1 50 ? -12.39617 3.86647   1.22110   1.000 25.58716 ? 46  ASP A CG  1 
ATOM   357 O  OD1 . ASP A 1 50 ? -12.34560 5.07407   0.90902   1.000 28.36668 ? 46  ASP A OD1 1 
ATOM   358 O  OD2 . ASP A 1 50 ? -12.99884 3.44665   2.23161   1.000 29.52387 ? 46  ASP A OD2 1 
ATOM   359 N  N   . ILE A 1 51 ? -9.34074  1.66917   1.97140   1.000 14.61361 ? 47  ILE A N   1 
ATOM   360 C  CA  . ILE A 1 51 ? -8.67472  1.32498   3.22174   1.000 14.21241 ? 47  ILE A CA  1 
ATOM   361 C  C   . ILE A 1 51 ? -7.67196  0.23043   2.89878   1.000 13.24428 ? 47  ILE A C   1 
ATOM   362 O  O   . ILE A 1 51 ? -8.05673  -0.82915  2.39268   1.000 14.73432 ? 47  ILE A O   1 
ATOM   363 C  CB  . ILE A 1 51 ? -9.66861  0.83120   4.28881   1.000 16.11246 ? 47  ILE A CB  1 
ATOM   364 C  CG1 . ILE A 1 51 ? -10.71753 1.90615   4.59242   1.000 19.40619 ? 47  ILE A CG1 1 
ATOM   365 C  CG2 . ILE A 1 51 ? -8.92643  0.40623   5.55508   1.000 18.03787 ? 47  ILE A CG2 1 
ATOM   366 C  CD1 . ILE A 1 51 ? -11.84707 1.42277   5.46407   1.000 23.05320 ? 47  ILE A CD1 1 
ATOM   367 N  N   . TYR A 1 52 ? -6.39230  0.48875   3.15351   1.000 13.07647 ? 48  TYR A N   1 
ATOM   368 C  CA  . TYR A 1 52 ? -5.35402  -0.50494  2.91013   1.000 12.62312 ? 48  TYR A CA  1 
ATOM   369 C  C   . TYR A 1 52 ? -4.93972  -1.13907  4.23419   1.000 11.92873 ? 48  TYR A C   1 
ATOM   370 O  O   . TYR A 1 52 ? -4.52580  -0.43497  5.16195   1.000 12.78135 ? 48  TYR A O   1 
ATOM   371 C  CB  . TYR A 1 52 ? -4.12461  0.07699   2.20021   1.000 13.95625 ? 48  TYR A CB  1 
ATOM   372 C  CG  . TYR A 1 52 ? -3.05797  -0.98008  2.05886   1.000 13.35444 ? 48  TYR A CG  1 
ATOM   373 C  CD1 . TYR A 1 52 ? -3.27506  -2.09111  1.25906   1.000 13.45878 ? 48  TYR A CD1 1 
ATOM   374 C  CD2 . TYR A 1 52 ? -1.86291  -0.90784  2.76793   1.000 12.93887 ? 48  TYR A CD2 1 
ATOM   375 C  CE1 . TYR A 1 52 ? -2.34398  -3.08773  1.15048   1.000 13.91759 ? 48  TYR A CE1 1 
ATOM   376 C  CE2 . TYR A 1 52 ? -0.92345  -1.91547  2.66845   1.000 14.51483 ? 48  TYR A CE2 1 
ATOM   377 C  CZ  . TYR A 1 52 ? -1.16379  -2.99896  1.85442   1.000 15.29162 ? 48  TYR A CZ  1 
ATOM   378 O  OH  . TYR A 1 52 ? -0.23165  -4.01268  1.76207   1.000 17.78088 ? 48  TYR A OH  1 
ATOM   379 N  N   . HIS A 1 53 ? -5.04614  -2.46425  4.32190   1.000 12.15685 ? 49  HIS A N   1 
ATOM   380 C  CA  . HIS A 1 53 ? -4.49783  -3.21936  5.43876   1.000 12.40596 ? 49  HIS A CA  1 
ATOM   381 C  C   . HIS A 1 53 ? -3.41585  -4.13961  4.89863   1.000 12.22897 ? 49  HIS A C   1 
ATOM   382 O  O   . HIS A 1 53 ? -3.64882  -4.88109  3.94034   1.000 13.67863 ? 49  HIS A O   1 
ATOM   383 C  CB  . HIS A 1 53 ? -5.60197  -4.02470  6.12870   1.000 13.50026 ? 49  HIS A CB  1 
ATOM   384 C  CG  . HIS A 1 53 ? -6.57620  -3.17676  6.88749   1.000 13.23480 ? 49  HIS A CG  1 
ATOM   385 N  ND1 . HIS A 1 53 ? -7.86394  -3.58139  7.16571   1.000 14.72594 ? 49  HIS A ND1 1 
ATOM   386 C  CD2 . HIS A 1 53 ? -6.44812  -1.93930  7.42280   1.000 14.53289 ? 49  HIS A CD2 1 
ATOM   387 C  CE1 . HIS A 1 53 ? -8.48502  -2.63099  7.84268   1.000 15.06285 ? 49  HIS A CE1 1 
ATOM   388 N  NE2 . HIS A 1 53 ? -7.64715  -1.62381  8.01280   1.000 15.33415 ? 49  HIS A NE2 1 
ATOM   389 N  N   . CYS A 1 54 ? -2.23143  -4.08108  5.50756   1.000 11.66514 ? 50  CYS A N   1 
ATOM   390 C  CA  . CYS A 1 54 ? -1.10876  -4.91910  5.10688   1.000 12.21668 ? 50  CYS A CA  1 
ATOM   391 C  C   . CYS A 1 54 ? -1.42297  -6.38448  5.40942   1.000 10.70830 ? 50  CYS A C   1 
ATOM   392 O  O   . CYS A 1 54 ? -2.39041  -6.68891  6.10473   1.000 11.76295 ? 50  CYS A O   1 
ATOM   393 C  CB  . CYS A 1 54 ? 0.15961   -4.45614  5.82667   1.000 13.56665 ? 50  CYS A CB  1 
ATOM   394 S  SG  . CYS A 1 54 ? 0.24648   -4.92214  7.58161   1.000 13.18911 ? 50  CYS A SG  1 
ATOM   395 N  N   . PRO A 1 55 ? -0.62524  -7.32264  4.88534   1.000 11.39691 ? 51  PRO A N   1 
ATOM   396 C  CA  . PRO A 1 55 ? -0.94948  -8.74056  5.10712   1.000 11.87733 ? 51  PRO A CA  1 
ATOM   397 C  C   . PRO A 1 55 ? -1.06706  -9.12824  6.57515   1.000 12.73050 ? 51  PRO A C   1 
ATOM   398 O  O   . PRO A 1 55 ? -1.92036  -9.95304  6.92006   1.000 14.15016 ? 51  PRO A O   1 
ATOM   399 C  CB  . PRO A 1 55 ? 0.18000   -9.46963  4.36722   1.000 12.42455 ? 51  PRO A CB  1 
ATOM   400 C  CG  . PRO A 1 55 ? 0.52729   -8.52957  3.25627   1.000 13.30645 ? 51  PRO A CG  1 
ATOM   401 C  CD  . PRO A 1 55 ? 0.43608   -7.16330  3.87170   1.000 12.69338 ? 51  PRO A CD  1 
ATOM   402 N  N   A ASN A 1 56 ? -0.22651  -8.56104  7.44281   0.500 13.48602 ? 52  ASN A N   1 
ATOM   403 N  N   B ASN A 1 56 ? -0.27935  -8.52980  7.47135   0.500 14.54053 ? 52  ASN A N   1 
ATOM   404 C  CA  A ASN A 1 56 ? -0.34708  -8.83293  8.87171   0.500 14.74384 ? 52  ASN A CA  1 
ATOM   405 C  CA  B ASN A 1 56 ? -0.40955  -8.91505  8.87449   0.500 16.85441 ? 52  ASN A CA  1 
ATOM   406 C  C   A ASN A 1 56 ? -1.66742  -8.30362  9.42128   0.500 13.75028 ? 52  ASN A C   1 
ATOM   407 C  C   B ASN A 1 56 ? -1.58016  -8.23318  9.57365   0.500 15.39880 ? 52  ASN A C   1 
ATOM   408 O  O   A ASN A 1 56 ? -2.41211  -9.02534  10.09220  0.500 13.21381 ? 52  ASN A O   1 
ATOM   409 O  O   B ASN A 1 56 ? -2.11511  -8.78205  10.54322  0.500 17.84745 ? 52  ASN A O   1 
ATOM   410 C  CB  A ASN A 1 56 ? 0.83839   -8.22325  9.62518   0.500 17.58230 ? 52  ASN A CB  1 
ATOM   411 C  CB  B ASN A 1 56 ? 0.88224   -8.67598  9.65341   0.500 21.46472 ? 52  ASN A CB  1 
ATOM   412 C  CG  A ASN A 1 56 ? 2.05511   -9.13924  9.64910   0.500 21.28043 ? 52  ASN A CG  1 
ATOM   413 C  CG  B ASN A 1 56 ? 0.82263   -9.26151  11.05461  0.500 21.09862 ? 52  ASN A CG  1 
ATOM   414 O  OD1 A ASN A 1 56 ? 2.98826   -8.97199  8.86628   0.500 24.01308 ? 52  ASN A OD1 1 
ATOM   415 O  OD1 B ASN A 1 56 ? 0.92150   -10.47595 11.23458  0.500 22.75254 ? 52  ASN A OD1 1 
ATOM   416 N  ND2 A ASN A 1 56 ? 2.04680   -10.11257 10.55351  0.500 24.57323 ? 52  ASN A ND2 1 
ATOM   417 N  ND2 B ASN A 1 56 ? 0.64119   -8.40298  12.05107  0.500 21.61089 ? 52  ASN A ND2 1 
ATOM   418 N  N   . CYS A 1 57 ? -1.98980  -7.04779  9.11884   1.000 14.07753 ? 53  CYS A N   1 
ATOM   419 C  CA  . CYS A 1 57 ? -3.15153  -6.40652  9.71972   1.000 14.66411 ? 53  CYS A CA  1 
ATOM   420 C  C   . CYS A 1 57 ? -4.47203  -6.93001  9.16906   1.000 14.30388 ? 53  CYS A C   1 
ATOM   421 O  O   . CYS A 1 57 ? -5.50579  -6.76130  9.82323   1.000 15.28176 ? 53  CYS A O   1 
ATOM   422 C  CB  . CYS A 1 57 ? -3.04589  -4.88578  9.58911   1.000 13.98960 ? 53  CYS A CB  1 
ATOM   423 S  SG  . CYS A 1 57 ? -1.72079  -4.17728  10.61015  1.000 15.35965 ? 53  CYS A SG  1 
ATOM   424 N  N   . GLU A 1 58 ? -4.46163  -7.55631  7.98729   1.000 16.25036 ? 54  GLU A N   1 
ATOM   425 C  CA  . GLU A 1 58 ? -5.66612  -8.19803  7.47315   1.000 18.45652 ? 54  GLU A CA  1 
ATOM   426 C  C   . GLU A 1 58 ? -6.26207  -9.14031  8.50007   1.000 19.77051 ? 54  GLU A C   1 
ATOM   427 O  O   . GLU A 1 58 ? -7.48605  -9.28146  8.58956   1.000 20.82297 ? 54  GLU A O   1 
ATOM   428 C  CB  . GLU A 1 58 ? -5.30937  -9.03068  6.24746   1.000 22.31800 ? 54  GLU A CB  1 
ATOM   429 C  CG  . GLU A 1 58 ? -5.36462  -8.31261  4.93128   1.000 27.83083 ? 54  GLU A CG  1 
ATOM   430 C  CD  . GLU A 1 58 ? -5.41808  -9.29253  3.77768   1.000 31.74195 ? 54  GLU A CD  1 
ATOM   431 O  OE1 . GLU A 1 58 ? -5.18910  -10.50118 4.01228   1.000 32.55549 ? 54  GLU A OE1 1 
ATOM   432 O  OE2 . GLU A 1 58 ? -5.69262  -8.86271  2.64256   1.000 33.87259 ? 54  GLU A OE2 1 
ATOM   433 N  N   . LYS A 1 59 ? -5.41053  -9.78483  9.29128   1.000 18.16146 ? 55  LYS A N   1 
ATOM   434 C  CA  . LYS A 1 59 ? -5.88938  -10.80427 10.21373  1.000 18.17956 ? 55  LYS A CA  1 
ATOM   435 C  C   . LYS A 1 59 ? -6.65186  -10.19310 11.38288  1.000 17.73676 ? 55  LYS A C   1 
ATOM   436 O  O   . LYS A 1 59 ? -7.63690  -10.77239 11.85640  1.000 20.74411 ? 55  LYS A O   1 
ATOM   437 C  CB  . LYS A 1 59 ? -4.71338  -11.64229 10.70526  1.000 19.32211 ? 55  LYS A CB  1 
ATOM   438 C  CG  . LYS A 1 59 ? -3.95771  -12.33529 9.57876   1.000 20.30552 ? 55  LYS A CG  1 
ATOM   439 C  CD  . LYS A 1 59 ? -2.64444  -12.93111 10.06539  1.000 19.73967 ? 55  LYS A CD  1 
ATOM   440 C  CE  . LYS A 1 59 ? -1.93781  -13.70111 8.95580   1.000 20.51768 ? 55  LYS A CE  1 
ATOM   441 N  NZ  . LYS A 1 59 ? -2.71191  -14.90078 8.52636   1.000 17.30843 ? 55  LYS A NZ  1 
ATOM   442 N  N   . THR A 1 60 ? -6.20984  -9.03269  11.86573  1.000 18.21801 ? 56  THR A N   1 
ATOM   443 C  CA  . THR A 1 60 ? -6.84275  -8.37889  13.00248  1.000 17.97864 ? 56  THR A CA  1 
ATOM   444 C  C   . THR A 1 60 ? -7.87163  -7.33321  12.59387  1.000 16.92668 ? 56  THR A C   1 
ATOM   445 O  O   . THR A 1 60 ? -8.78803  -7.04424  13.37270  1.000 18.67196 ? 56  THR A O   1 
ATOM   446 C  CB  . THR A 1 60 ? -5.77084  -7.71600  13.87664  1.000 20.58355 ? 56  THR A CB  1 
ATOM   447 O  OG1 . THR A 1 60 ? -4.96853  -6.83958  13.07242  1.000 21.35520 ? 56  THR A OG1 1 
ATOM   448 C  CG2 . THR A 1 60 ? -4.87439  -8.77429  14.50493  1.000 23.93408 ? 56  THR A CG2 1 
ATOM   449 N  N   . HIS A 1 61 ? -7.74815  -6.76839  11.39499  1.000 14.89279 ? 57  HIS A N   1 
ATOM   450 C  CA  . HIS A 1 61 ? -8.57252  -5.64781  10.97424  1.000 15.32421 ? 57  HIS A CA  1 
ATOM   451 C  C   . HIS A 1 61 ? -9.42565  -5.94044  9.75214   1.000 16.46635 ? 57  HIS A C   1 
ATOM   452 O  O   . HIS A 1 61 ? -10.23692 -5.08767  9.37565   1.000 17.92666 ? 57  HIS A O   1 
ATOM   453 C  CB  . HIS A 1 61 ? -7.69955  -4.41471  10.68308  1.000 13.92009 ? 57  HIS A CB  1 
ATOM   454 C  CG  . HIS A 1 61 ? -7.08625  -3.80014  11.90240  1.000 14.21831 ? 57  HIS A CG  1 
ATOM   455 N  ND1 . HIS A 1 61 ? -6.10694  -4.42746  12.64357  1.000 15.46278 ? 57  HIS A ND1 1 
ATOM   456 C  CD2 . HIS A 1 61 ? -7.30651  -2.60683  12.50254  1.000 15.77068 ? 57  HIS A CD2 1 
ATOM   457 C  CE1 . HIS A 1 61 ? -5.75357  -3.64779  13.64977  1.000 15.95164 ? 57  HIS A CE1 1 
ATOM   458 N  NE2 . HIS A 1 61 ? -6.46366  -2.53569  13.58460  1.000 16.82523 ? 57  HIS A NE2 1 
ATOM   459 N  N   . GLY A 1 62 ? -9.26266  -7.09982  9.11909   1.000 16.61494 ? 58  GLY A N   1 
ATOM   460 C  CA  . GLY A 1 62 ? -10.03335 -7.45131  7.94650   1.000 16.98715 ? 58  GLY A CA  1 
ATOM   461 C  C   . GLY A 1 62 ? -9.34861  -7.05161  6.65014   1.000 15.48941 ? 58  GLY A C   1 
ATOM   462 O  O   . GLY A 1 62 ? -8.35077  -6.32814  6.62219   1.000 16.60879 ? 58  GLY A O   1 
ATOM   463 N  N   . LYS A 1 63 ? -9.91437  -7.54003  5.54843   1.000 15.49974 ? 59  LYS A N   1 
ATOM   464 C  CA  . LYS A 1 63 ? -9.36306  -7.26619  4.22857   1.000 14.42045 ? 59  LYS A CA  1 
ATOM   465 C  C   . LYS A 1 63 ? -9.42898  -5.77750  3.90746   1.000 14.90842 ? 59  LYS A C   1 
ATOM   466 O  O   . LYS A 1 63 ? -10.25821 -5.03647  4.44431   1.000 16.91019 ? 59  LYS A O   1 
ATOM   467 C  CB  . LYS A 1 63 ? -10.14462 -8.03649  3.16303   1.000 15.83562 ? 59  LYS A CB  1 
ATOM   468 C  CG  . LYS A 1 63 ? -9.96766  -9.53464  3.20766   1.000 18.34637 ? 59  LYS A CG  1 
ATOM   469 C  CD  . LYS A 1 63 ? -10.81142 -10.19449 2.13443   1.000 22.88284 ? 59  LYS A CD  1 
ATOM   470 C  CE  . LYS A 1 63 ? -10.74709 -11.70606 2.22771   1.000 28.84510 ? 59  LYS A CE  1 
ATOM   471 N  NZ  . LYS A 1 63 ? -11.64039 -12.34806 1.22357   1.000 32.86287 ? 59  LYS A NZ  1 
ATOM   472 N  N   . SER A 1 64 ? -8.54155  -5.34977  3.01152   1.000 14.10725 ? 60  SER A N   1 
ATOM   473 C  CA  . SER A 1 64 ? -8.59619  -4.00540  2.45935   1.000 13.61063 ? 60  SER A CA  1 
ATOM   474 C  C   . SER A 1 64 ? -9.90827  -3.78583  1.70950   1.000 14.66470 ? 60  SER A C   1 
ATOM   475 O  O   . SER A 1 64 ? -10.55494 -4.72473  1.24110   1.000 15.65045 ? 60  SER A O   1 
ATOM   476 C  CB  . SER A 1 64 ? -7.45152  -3.80811  1.47403   1.000 13.33440 ? 60  SER A CB  1 
ATOM   477 O  OG  . SER A 1 64 ? -6.19066  -3.95320  2.09623   1.000 13.57883 ? 60  SER A OG  1 
ATOM   478 N  N   . THR A 1 65 ? -10.28930 -2.51847  1.58258   1.000 14.91927 ? 61  THR A N   1 
ATOM   479 C  CA  . THR A 1 65 ? -11.50889 -2.12901  0.88691   1.000 15.56408 ? 61  THR A CA  1 
ATOM   480 C  C   . THR A 1 65 ? -11.15509 -1.29461  -0.33508  1.000 15.44855 ? 61  THR A C   1 
ATOM   481 O  O   . THR A 1 65 ? -10.36582 -0.34481  -0.23749  1.000 16.29840 ? 61  THR A O   1 
ATOM   482 C  CB  . THR A 1 65 ? -12.43004 -1.32039  1.80656   1.000 18.46785 ? 61  THR A CB  1 
ATOM   483 O  OG1 . THR A 1 65 ? -12.79229 -2.11523  2.94167   1.000 21.48064 ? 61  THR A OG1 1 
ATOM   484 C  CG2 . THR A 1 65 ? -13.69842 -0.90263  1.06413   1.000 21.23452 ? 61  THR A CG2 1 
ATOM   485 N  N   . LEU A 1 66 ? -11.73388 -1.65327  -1.47840  1.000 15.32415 ? 62  LEU A N   1 
ATOM   486 C  CA  . LEU A 1 66 ? -11.62241 -0.86848  -2.69536  1.000 15.71923 ? 62  LEU A CA  1 
ATOM   487 C  C   . LEU A 1 66 ? -12.88486 -0.03904  -2.86289  1.000 14.84827 ? 62  LEU A C   1 
ATOM   488 O  O   . LEU A 1 66 ? -13.98057 -0.46890  -2.49704  1.000 17.05088 ? 62  LEU A O   1 
ATOM   489 C  CB  . LEU A 1 66 ? -11.49495 -1.77497  -3.91915  1.000 19.29148 ? 62  LEU A CB  1 
ATOM   490 C  CG  . LEU A 1 66 ? -10.39191 -2.82364  -3.91452  1.000 21.60082 ? 62  LEU A CG  1 
ATOM   491 C  CD1 . LEU A 1 66 ? -10.40536 -3.59457  -5.22187  1.000 23.32749 ? 62  LEU A CD1 1 
ATOM   492 C  CD2 . LEU A 1 66 ? -9.05292  -2.15661  -3.69262  1.000 23.14440 ? 62  LEU A CD2 1 
ATOM   493 N  N   . LYS A 1 67 ? -12.72513 1.14786   -3.43292  1.000 15.90647 ? 63  LYS A N   1 
ATOM   494 C  CA  . LYS A 1 67 ? -13.84921 2.01466   -3.75406  1.000 16.86690 ? 63  LYS A CA  1 
ATOM   495 C  C   . LYS A 1 67 ? -13.53895 2.69713   -5.07218  1.000 16.88855 ? 63  LYS A C   1 
ATOM   496 O  O   . LYS A 1 67 ? -12.48364 3.32241   -5.21396  1.000 18.42218 ? 63  LYS A O   1 
ATOM   497 C  CB  . LYS A 1 67 ? -14.05761 3.05873   -2.65178  1.000 21.09271 ? 63  LYS A CB  1 
ATOM   498 C  CG  . LYS A 1 67 ? -15.09918 4.11089   -2.94936  1.000 27.71745 ? 63  LYS A CG  1 
ATOM   499 C  CD  . LYS A 1 67 ? -15.37785 4.94374   -1.70853  1.000 32.84606 ? 63  LYS A CD  1 
ATOM   500 C  CE  . LYS A 1 67 ? -16.42643 6.00909   -1.97627  1.000 36.41941 ? 63  LYS A CE  1 
ATOM   501 N  NZ  . LYS A 1 67 ? -16.95284 6.59276   -0.70910  1.000 39.54637 ? 63  LYS A NZ  1 
ATOM   502 N  N   . LYS A 1 68 ? -14.43857 2.55498   -6.03986  1.000 18.28654 ? 64  LYS A N   1 
ATOM   503 C  CA  . LYS A 1 68 ? -14.20654 3.15404   -7.34252  1.000 20.81791 ? 64  LYS A CA  1 
ATOM   504 C  C   . LYS A 1 68 ? -15.54033 3.46664   -7.99340  1.000 18.60437 ? 64  LYS A C   1 
ATOM   505 O  O   . LYS A 1 68 ? -16.58458 2.94125   -7.60826  1.000 18.83129 ? 64  LYS A O   1 
ATOM   506 C  CB  . LYS A 1 68 ? -13.36651 2.24987   -8.25129  1.000 26.82467 ? 64  LYS A CB  1 
ATOM   507 C  CG  . LYS A 1 68 ? -14.09063 1.00296   -8.71871  1.000 28.38341 ? 64  LYS A CG  1 
ATOM   508 C  CD  . LYS A 1 68 ? -13.16950 0.08693   -9.50755  1.000 33.75017 ? 64  LYS A CD  1 
ATOM   509 C  CE  . LYS A 1 68 ? -12.09079 -0.49739  -8.61756  1.000 37.51541 ? 64  LYS A CE  1 
ATOM   510 N  NZ  . LYS A 1 68 ? -11.26535 -1.51239  -9.33000  1.000 40.38315 ? 64  LYS A NZ  1 
ATOM   511 N  N   . LYS A 1 69 ? -15.49162 4.33834   -8.98327  1.000 17.26322 ? 65  LYS A N   1 
ATOM   512 C  CA  . LYS A 1 69 ? -16.68471 4.69659   -9.73015  1.000 17.32855 ? 65  LYS A CA  1 
ATOM   513 C  C   . LYS A 1 69 ? -16.86197 3.75335   -10.91238 1.000 19.46702 ? 65  LYS A C   1 
ATOM   514 O  O   . LYS A 1 69 ? -15.90007 3.16512   -11.41176 1.000 22.49559 ? 65  LYS A O   1 
ATOM   515 C  CB  . LYS A 1 69 ? -16.58403 6.13450   -10.23701 1.000 19.40981 ? 65  LYS A CB  1 
ATOM   516 C  CG  . LYS A 1 69 ? -16.39827 7.15971   -9.13926  1.000 23.56088 ? 65  LYS A CG  1 
ATOM   517 C  CD  . LYS A 1 69 ? -17.57640 7.16541   -8.18411  1.000 27.32429 ? 65  LYS A CD  1 
ATOM   518 C  CE  . LYS A 1 69 ? -17.33539 8.13231   -7.03501  1.000 30.57618 ? 65  LYS A CE  1 
ATOM   519 N  NZ  . LYS A 1 69 ? -18.53725 8.28962   -6.17114  1.000 32.26943 ? 65  LYS A NZ  1 
ATOM   520 N  N   . ARG A 1 70 ? -18.10975 3.60224   -11.35191 1.000 17.95227 ? 66  ARG A N   1 
ATOM   521 C  CA  . ARG A 1 70 ? -18.40821 2.70874   -12.46198 1.000 18.82136 ? 66  ARG A CA  1 
ATOM   522 C  C   . ARG A 1 70 ? -19.60336 3.23143   -13.24467 1.000 19.03196 ? 66  ARG A C   1 
ATOM   523 O  O   . ARG A 1 70 ? -20.58818 3.68249   -12.65403 1.000 19.36239 ? 66  ARG A O   1 
ATOM   524 C  CB  . ARG A 1 70 ? -18.69888 1.28867   -11.96559 1.000 22.98672 ? 66  ARG A CB  1 
ATOM   525 C  CG  . ARG A 1 70 ? -19.05017 0.30434   -13.07129 1.000 29.60488 ? 66  ARG A CG  1 
ATOM   526 C  CD  . ARG A 1 70 ? -17.85594 -0.03558  -13.94772 1.000 36.56103 ? 66  ARG A CD  1 
ATOM   527 N  NE  . ARG A 1 70 ? -17.02709 -1.09050  -13.37370 1.000 40.76663 ? 66  ARG A NE  1 
ATOM   528 C  CZ  . ARG A 1 70 ? -15.84790 -0.89564  -12.79763 1.000 43.28928 ? 66  ARG A CZ  1 
ATOM   529 N  NH1 . ARG A 1 70 ? -15.32022 0.31409   -12.69246 1.000 44.10753 ? 66  ARG A NH1 1 
ATOM   530 N  NH2 . ARG A 1 70 ? -15.17779 -1.94225  -12.32048 1.000 42.63002 ? 66  ARG A NH2 1 
ATOM   531 N  N   . THR A 1 71 ? -19.49655 3.17283   -14.57376 1.000 19.10294 ? 67  THR A N   1 
ATOM   532 C  CA  . THR A 1 71 ? -20.60920 3.36368   -15.49610 1.000 21.24637 ? 67  THR A CA  1 
ATOM   533 C  C   . THR A 1 71 ? -20.86863 2.03639   -16.19822 1.000 19.41177 ? 67  THR A C   1 
ATOM   534 O  O   . THR A 1 71 ? -19.92677 1.31581   -16.54443 1.000 23.18724 ? 67  THR A O   1 
ATOM   535 C  CB  . THR A 1 71 ? -20.27253 4.44618   -16.53044 1.000 24.44899 ? 67  THR A CB  1 
ATOM   536 O  OG1 . THR A 1 71 ? -20.07165 5.69734   -15.86249 1.000 31.07441 ? 67  THR A OG1 1 
ATOM   537 C  CG2 . THR A 1 71 ? -21.39434 4.60557   -17.55482 1.000 25.63247 ? 67  THR A CG2 1 
ATOM   538 N  N   A TRP A 1 72 ? -22.13549 1.68813   -16.40861 0.500 19.57798 ? 68  TRP A N   1 
ATOM   539 N  N   B TRP A 1 72 ? -22.15626 1.74882   -16.41242 0.500 17.35945 ? 68  TRP A N   1 
ATOM   540 C  CA  A TRP A 1 72 ? -22.43589 0.39200   -17.01020 0.500 19.37980 ? 68  TRP A CA  1 
ATOM   541 C  CA  B TRP A 1 72 ? -22.66599 0.44252   -16.80772 0.500 16.11947 ? 68  TRP A CA  1 
ATOM   542 C  C   A TRP A 1 72 ? -23.07506 0.45936   -18.38445 0.500 20.00103 ? 68  TRP A C   1 
ATOM   543 C  C   B TRP A 1 72 ? -23.24374 0.39916   -18.21143 0.500 16.54465 ? 68  TRP A C   1 
ATOM   544 O  O   A TRP A 1 72 ? -22.83568 -0.43182  -19.20202 0.500 22.00349 ? 68  TRP A O   1 
ATOM   545 O  O   B TRP A 1 72 ? -23.12985 -0.63182  -18.87902 0.500 17.16140 ? 68  TRP A O   1 
ATOM   546 C  CB  A TRP A 1 72 ? -23.33814 -0.44970  -16.10150 0.500 20.58367 ? 68  TRP A CB  1 
ATOM   547 C  CB  B TRP A 1 72 ? -23.79532 0.01659   -15.86041 0.500 17.98762 ? 68  TRP A CB  1 
ATOM   548 C  CG  A TRP A 1 72 ? -22.62957 -1.07115  -14.95877 0.500 21.02860 ? 68  TRP A CG  1 
ATOM   549 C  CG  B TRP A 1 72 ? -23.47722 0.15095   -14.41832 0.500 17.01751 ? 68  TRP A CG  1 
ATOM   550 C  CD1 A TRP A 1 72 ? -21.85127 -2.19105  -14.98171 0.500 22.02501 ? 68  TRP A CD1 1 
ATOM   551 C  CD1 B TRP A 1 72 ? -23.69335 1.23848   -13.62165 0.500 16.86442 ? 68  TRP A CD1 1 
ATOM   552 C  CD2 A TRP A 1 72 ? -22.64850 -0.61973  -13.60695 0.500 18.26444 ? 68  TRP A CD2 1 
ATOM   553 C  CD2 B TRP A 1 72 ? -22.89909 -0.85068  -13.58548 0.500 18.31706 ? 68  TRP A CD2 1 
ATOM   554 N  NE1 A TRP A 1 72 ? -21.37468 -2.45892  -13.72122 0.500 21.68560 ? 68  TRP A NE1 1 
ATOM   555 N  NE1 B TRP A 1 72 ? -23.27218 0.97534   -12.33997 0.500 16.92387 ? 68  TRP A NE1 1 
ATOM   556 C  CE2 A TRP A 1 72 ? -21.85326 -1.50792  -12.85827 0.500 21.24239 ? 68  TRP A CE2 1 
ATOM   557 C  CE2 B TRP A 1 72 ? -22.78212 -0.30347  -12.29331 0.500 18.26438 ? 68  TRP A CE2 1 
ATOM   558 C  CE3 A TRP A 1 72 ? -23.26248 0.45149   -12.95428 0.500 19.97188 ? 68  TRP A CE3 1 
ATOM   559 C  CE3 B TRP A 1 72 ? -22.46915 -2.16269  -13.80630 0.500 19.26729 ? 68  TRP A CE3 1 
ATOM   560 C  CZ2 A TRP A 1 72 ? -21.65468 -1.35512  -11.49072 0.500 24.12013 ? 68  TRP A CZ2 1 
ATOM   561 C  CZ2 B TRP A 1 72 ? -22.24735 -1.01851  -11.23117 0.500 21.11448 ? 68  TRP A CZ2 1 
ATOM   562 C  CZ3 A TRP A 1 72 ? -23.06354 0.60136   -11.60103 0.500 20.75345 ? 68  TRP A CZ3 1 
ATOM   563 C  CZ3 B TRP A 1 72 ? -21.93986 -2.87159  -12.74937 0.500 20.98591 ? 68  TRP A CZ3 1 
ATOM   564 C  CH2 A TRP A 1 72 ? -22.26562 -0.29435  -10.88161 0.500 23.42928 ? 68  TRP A CH2 1 
ATOM   565 C  CH2 B TRP A 1 72 ? -21.83384 -2.29998  -11.47756 0.500 21.57910 ? 68  TRP A CH2 1 
ATOM   566 N  N   . HIS A 1 73 ? -23.88719 1.47393   -18.66385 1.000 17.39178 ? 69  HIS A N   1 
ATOM   567 C  CA  . HIS A 1 73 ? -24.67937 1.43605   -19.88400 1.000 17.58335 ? 69  HIS A CA  1 
ATOM   568 C  C   . HIS A 1 73 ? -23.87465 1.74182   -21.13648 1.000 18.98594 ? 69  HIS A C   1 
ATOM   569 O  O   . HIS A 1 73 ? -24.36895 1.50170   -22.24483 1.000 21.40218 ? 69  HIS A O   1 
ATOM   570 C  CB  . HIS A 1 73 ? -25.89093 2.36684   -19.77035 1.000 17.46309 ? 69  HIS A CB  1 
ATOM   571 C  CG  . HIS A 1 73 ? -25.53677 3.81693   -19.65036 1.000 17.29687 ? 69  HIS A CG  1 
ATOM   572 N  ND1 . HIS A 1 73 ? -24.89289 4.34036   -18.54865 1.000 17.17253 ? 69  HIS A ND1 1 
ATOM   573 C  CD2 . HIS A 1 73 ? -25.75509 4.85761   -20.49011 1.000 18.13883 ? 69  HIS A CD2 1 
ATOM   574 C  CE1 . HIS A 1 73 ? -24.72036 5.63933   -18.72129 1.000 17.44533 ? 69  HIS A CE1 1 
ATOM   575 N  NE2 . HIS A 1 73 ? -25.23904 5.97890   -19.88829 1.000 18.15282 ? 69  HIS A NE2 1 
ATOM   576 N  N   . LYS A 1 74 ? -22.65385 2.23747   -20.98868 1.000 20.64324 ? 70  LYS A N   1 
ATOM   577 C  CA  . LYS A 1 74 ? -21.82950 2.60233   -22.13048 1.000 22.81792 ? 70  LYS A CA  1 
ATOM   578 C  C   . LYS A 1 74 ? -20.36116 2.46560   -21.75388 1.000 29.15157 ? 70  LYS A C   1 
ATOM   579 O  O   . LYS A 1 74 ? -19.46975 2.59896   -22.59446 1.000 30.91553 ? 70  LYS A O   1 
ATOM   580 C  CB  . LYS A 1 74 ? -22.12384 4.04091   -22.54420 1.000 23.42702 ? 70  LYS A CB  1 
ATOM   581 C  CG  . LYS A 1 74 ? -21.87775 5.03265   -21.42742 1.000 22.46959 ? 70  LYS A CG  1 
ATOM   582 C  CD  . LYS A 1 74 ? -22.23087 6.44921   -21.82173 1.000 22.65286 ? 70  LYS A CD  1 
ATOM   583 C  CE  . LYS A 1 74 ? -21.75448 7.42302   -20.75337 1.000 22.53161 ? 70  LYS A CE  1 
ATOM   584 N  NZ  . LYS A 1 74 ? -22.03476 8.83111   -21.11486 1.000 23.11488 ? 70  LYS A NZ  1 
ATOM   585 O  OXT . LYS A 1 74 ? -20.03738 2.22348   -20.58774 1.000 29.13307 ? 70  LYS A OXT 1 
ATOM   586 N  N   . PRO B 2 1  ? -5.28201  5.37122   1.22650   1.000 28.01358 ? 1   PRO B N   1 
ATOM   587 C  CA  . PRO B 2 1  ? -4.03425  5.29751   1.99429   1.000 23.64781 ? 1   PRO B CA  1 
ATOM   588 C  C   . PRO B 2 1  ? -2.99102  6.27936   1.49509   1.000 21.97656 ? 1   PRO B C   1 
ATOM   589 O  O   . PRO B 2 1  ? -3.06416  6.76535   0.36346   1.000 24.25575 ? 1   PRO B O   1 
ATOM   590 C  CB  . PRO B 2 1  ? -3.54873  3.86799   1.73830   1.000 24.56706 ? 1   PRO B CB  1 
ATOM   591 C  CG  . PRO B 2 1  ? -4.19900  3.47344   0.44635   1.000 27.91324 ? 1   PRO B CG  1 
ATOM   592 C  CD  . PRO B 2 1  ? -5.53628  4.13767   0.46365   1.000 28.45806 ? 1   PRO B CD  1 
ATOM   593 N  N   . ARG B 2 2  ? -2.02223  6.57564   2.34992   1.000 18.65624 ? 2   ARG B N   1 
ATOM   594 C  CA  . ARG B 2 2  ? -0.88183  7.35695   1.91159   1.000 16.76343 ? 2   ARG B CA  1 
ATOM   595 C  C   . ARG B 2 2  ? 0.03081   6.48769   1.05794   1.000 15.01351 ? 2   ARG B C   1 
ATOM   596 O  O   . ARG B 2 2  ? 0.18059   5.28159   1.30179   1.000 14.80055 ? 2   ARG B O   1 
ATOM   597 C  CB  . ARG B 2 2  ? -0.12598  7.91022   3.11834   1.000 18.51057 ? 2   ARG B CB  1 
ATOM   598 C  CG  . ARG B 2 2  ? -0.95997  8.86129   3.97062   1.000 21.04836 ? 2   ARG B CG  1 
ATOM   599 C  CD  . ARG B 2 2  ? -0.08125  9.84484   4.72439   1.000 25.38699 ? 2   ARG B CD  1 
ATOM   600 N  NE  . ARG B 2 2  ? 0.74263   9.16783   5.71582   1.000 27.05771 ? 2   ARG B NE  1 
ATOM   601 C  CZ  . ARG B 2 2  ? 1.80466   9.70512   6.29766   1.000 27.24759 ? 2   ARG B CZ  1 
ATOM   602 N  NH1 . ARG B 2 2  ? 2.21998   10.92308  5.98866   1.000 29.17035 ? 2   ARG B NH1 1 
ATOM   603 N  NH2 . ARG B 2 2  ? 2.47047   9.00039   7.20712   1.000 26.50310 ? 2   ARG B NH2 1 
ATOM   604 N  N   . VAL B 2 3  ? 0.61947   7.10792   0.03834   1.000 15.30449 ? 3   VAL B N   1 
ATOM   605 C  CA  . VAL B 2 3  ? 1.53514   6.42906   -0.86473  1.000 14.81609 ? 3   VAL B CA  1 
ATOM   606 C  C   . VAL B 2 3  ? 2.78158   7.26594   -1.10433  1.000 13.83534 ? 3   VAL B C   1 
ATOM   607 O  O   . VAL B 2 3  ? 2.77386   8.48459   -0.91756  1.000 16.30800 ? 3   VAL B O   1 
ATOM   608 C  CB  . VAL B 2 3  ? 0.87308   6.08515   -2.21401  1.000 16.75774 ? 3   VAL B CB  1 
ATOM   609 C  CG1 . VAL B 2 3  ? -0.30419  5.14809   -2.01792  1.000 16.19102 ? 3   VAL B CG1 1 
ATOM   610 C  CG2 . VAL B 2 3  ? 0.43909   7.35528   -2.94292  1.000 18.56286 ? 3   VAL B CG2 1 
HETATM 611 N  N   . M3L B 2 4  ? 3.84866   6.59547   -1.52790  1.000 13.63015 ? 4   M3L B N   1 
HETATM 612 C  CA  . M3L B 2 4  ? 5.02927   7.23148   -2.05208  1.000 13.88086 ? 4   M3L B CA  1 
HETATM 613 C  CB  . M3L B 2 4  ? 6.29767   6.87926   -1.25384  1.000 14.28136 ? 4   M3L B CB  1 
HETATM 614 C  CG  . M3L B 2 4  ? 6.20848   7.38151   0.17230   1.000 14.78659 ? 4   M3L B CG  1 
HETATM 615 C  CD  . M3L B 2 4  ? 7.39042   6.86967   0.98230   1.000 14.67374 ? 4   M3L B CD  1 
HETATM 616 C  CE  . M3L B 2 4  ? 7.23927   7.27232   2.44528   1.000 14.34284 ? 4   M3L B CE  1 
HETATM 617 N  NZ  . M3L B 2 4  ? 8.37414   6.88333   3.38040   1.000 14.70774 ? 4   M3L B NZ  1 
HETATM 618 C  C   . M3L B 2 4  ? 5.19717   6.71839   -3.47535  1.000 14.26768 ? 4   M3L B C   1 
HETATM 619 O  O   . M3L B 2 4  ? 5.41523   5.52997   -3.72504  1.000 14.86812 ? 4   M3L B O   1 
HETATM 620 C  CM1 . M3L B 2 4  ? 9.65107   7.56804   3.02570   1.000 16.51846 ? 4   M3L B CM1 1 
HETATM 621 C  CM2 . M3L B 2 4  ? 8.59512   5.40578   3.39195   1.000 16.37205 ? 4   M3L B CM2 1 
HETATM 622 C  CM3 . M3L B 2 4  ? 7.99512   7.30469   4.76442   1.000 15.53112 ? 4   M3L B CM3 1 
ATOM   623 N  N   . ALA B 2 5  ? 5.05392   7.62703   -4.43675  1.000 15.59935 ? 5   ALA B N   1 
ATOM   624 C  CA  . ALA B 2 5  ? 5.14630   7.26125   -5.84168  1.000 17.24314 ? 5   ALA B CA  1 
ATOM   625 C  C   . ALA B 2 5  ? 6.56954   6.85880   -6.20529  1.000 16.67114 ? 5   ALA B C   1 
ATOM   626 O  O   . ALA B 2 5  ? 7.53633   7.39452   -5.66187  1.000 18.20140 ? 5   ALA B O   1 
ATOM   627 C  CB  . ALA B 2 5  ? 4.69443   8.42953   -6.71696  1.000 20.10580 ? 5   ALA B CB  1 
ATOM   628 N  N   . ALA B 2 6  ? 6.70045   5.90507   -7.12242  1.000 16.92939 ? 6   ALA B N   1 
ATOM   629 C  CA  . ALA B 2 6  ? 8.01196   5.57265   -7.65833  1.000 17.92510 ? 6   ALA B CA  1 
ATOM   630 C  C   . ALA B 2 6  ? 8.54045   6.74258   -8.48086  1.000 17.38445 ? 6   ALA B C   1 
ATOM   631 O  O   . ALA B 2 6  ? 7.84008   7.27275   -9.34904  1.000 18.69055 ? 6   ALA B O   1 
ATOM   632 C  CB  . ALA B 2 6  ? 7.91600   4.32398   -8.52970  1.000 18.53904 ? 6   ALA B CB  1 
ATOM   633 N  N   . GLN B 2 7  ? 9.77087   7.15091   -8.19471  1.000 18.16084 ? 7   GLN B N   1 
ATOM   634 C  CA  . GLN B 2 7  ? 10.45804  8.21092   -8.91558  1.000 19.74671 ? 7   GLN B CA  1 
ATOM   635 C  C   . GLN B 2 7  ? 11.49216  7.60602   -9.86204  1.000 24.18515 ? 7   GLN B C   1 
ATOM   636 O  O   . GLN B 2 7  ? 11.75793  6.40149   -9.85424  1.000 26.66891 ? 7   GLN B O   1 
ATOM   637 C  CB  . GLN B 2 7  ? 11.14214  9.16166   -7.92629  1.000 20.00474 ? 7   GLN B CB  1 
ATOM   638 C  CG  . GLN B 2 7  ? 10.22947  9.70183   -6.82767  1.000 21.61829 ? 7   GLN B CG  1 
ATOM   639 C  CD  . GLN B 2 7  ? 10.98441  10.53782  -5.80862  1.000 23.60314 ? 7   GLN B CD  1 
ATOM   640 O  OE1 . GLN B 2 7  ? 12.07730  11.02344  -6.08502  1.000 24.56229 ? 7   GLN B OE1 1 
ATOM   641 N  NE2 . GLN B 2 7  ? 10.40800  10.70073  -4.62259  1.000 26.36696 ? 7   GLN B NE2 1 
ATOM   642 N  N   . ALA B 2 8  ? 12.09408  8.46780   -10.67429 1.000 28.66996 ? 8   ALA B N   1 
ATOM   643 C  CA  . ALA B 2 8  ? 13.09240  8.03025   -11.64948 1.000 32.68365 ? 8   ALA B CA  1 
ATOM   644 C  C   . ALA B 2 8  ? 14.40958  7.60095   -10.99913 1.000 34.64935 ? 8   ALA B C   1 
ATOM   645 O  O   . ALA B 2 8  ? 14.71631  7.97839   -9.86601  1.000 34.00678 ? 8   ALA B O   1 
ATOM   646 C  CB  . ALA B 2 8  ? 13.34083  9.12061   -12.67516 1.000 30.83674 ? 8   ALA B CB  1 
HETATM 647 ZN ZN  . ZN  C 3 .  ? -0.48963  -3.13839  8.93176   1.000 13.84882 ? 101 ZN  A ZN  1 
HETATM 648 ZN ZN  . ZN  D 3 .  ? 9.93658   -4.32434  1.00709   1.000 12.34471 ? 102 ZN  A ZN  1 
HETATM 649 C  C   . FMT E 4 .  ? 7.89030   0.92094   8.91474   1.000 25.92729 ? 103 FMT A C   1 
HETATM 650 O  O1  . FMT E 4 .  ? 7.10816   1.74444   8.44918   1.000 22.42260 ? 103 FMT A O1  1 
HETATM 651 O  O2  . FMT E 4 .  ? 8.05476   -0.20553  8.45010   1.000 28.20324 ? 103 FMT A O2  1 
HETATM 652 C  C   . FMT F 4 .  ? 1.89055   5.14529   14.06183  1.000 45.59029 ? 104 FMT A C   1 
HETATM 653 O  O1  . FMT F 4 .  ? 2.38417   4.14757   14.58568  1.000 46.34942 ? 104 FMT A O1  1 
HETATM 654 O  O2  . FMT F 4 .  ? 2.49988   5.91377   13.31822  1.000 44.44493 ? 104 FMT A O2  1 
HETATM 655 C  C   . FMT G 4 .  ? -3.11111  6.71300   -4.77599  1.000 48.07993 ? 105 FMT A C   1 
HETATM 656 O  O1  . FMT G 4 .  ? -2.23971  7.14358   -5.53089  1.000 48.97783 ? 105 FMT A O1  1 
HETATM 657 O  O2  . FMT G 4 .  ? -3.95094  7.41885   -4.21737  1.000 48.06259 ? 105 FMT A O2  1 
HETATM 658 C  C   . FMT H 4 .  ? 3.92892   -4.70127  -7.56550  1.000 45.96048 ? 106 FMT A C   1 
HETATM 659 O  O1  . FMT H 4 .  ? 3.90778   -3.56809  -7.08552  1.000 47.78555 ? 106 FMT A O1  1 
HETATM 660 O  O2  . FMT H 4 .  ? 3.13820   -5.59442  -7.26042  1.000 42.88346 ? 106 FMT A O2  1 
HETATM 661 C  C   . FMT I 4 .  ? -6.12452  -15.14039 10.71134  1.000 25.28063 ? 107 FMT A C   1 
HETATM 662 O  O1  . FMT I 4 .  ? -5.57675  -15.27268 11.80489  1.000 27.07803 ? 107 FMT A O1  1 
HETATM 663 O  O2  . FMT I 4 .  ? -7.19863  -14.55622 10.54664  1.000 29.57654 ? 107 FMT A O2  1 
HETATM 664 C  C   . FMT J 4 .  ? 5.17221   10.37152  4.10870   1.000 37.59287 ? 501 FMT B C   1 
HETATM 665 O  O1  . FMT J 4 .  ? 5.90813   10.21332  5.08335   1.000 39.35317 ? 501 FMT B O1  1 
HETATM 666 O  O2  . FMT J 4 .  ? 5.56001   10.37337  2.93978   1.000 38.09243 ? 501 FMT B O2  1 
HETATM 667 O  O   . HOH K 5 .  ? -6.30518  -6.75772  2.08119   1.000 22.15809 ? 201 HOH A O   1 
HETATM 668 O  O   . HOH K 5 .  ? 3.35041   6.00516   9.28779   1.000 18.64574 ? 202 HOH A O   1 
HETATM 669 O  O   . HOH K 5 .  ? 3.55590   2.69393   13.19828  1.000 23.22198 ? 203 HOH A O   1 
HETATM 670 O  O   . HOH K 5 .  ? -4.91716  6.77087   -2.08657  1.000 50.39839 ? 204 HOH A O   1 
HETATM 671 O  O   . HOH K 5 .  ? 4.66322   -0.93311  13.72985  1.000 41.58468 ? 205 HOH A O   1 
HETATM 672 O  O   . HOH K 5 .  ? 4.91884   3.49361   11.50001  1.000 18.06766 ? 206 HOH A O   1 
HETATM 673 O  O   . HOH K 5 .  ? -8.97566  7.09254   -4.01581  1.000 37.61929 ? 207 HOH A O   1 
HETATM 674 O  O   . HOH K 5 .  ? 6.60606   3.87045   9.70121   1.000 26.98778 ? 208 HOH A O   1 
HETATM 675 O  O   . HOH K 5 .  ? -17.65454 1.57112   -17.62055 1.000 37.48185 ? 209 HOH A O   1 
HETATM 676 O  O   . HOH K 5 .  ? 5.58749   1.75356   -9.53548  1.000 25.51609 ? 210 HOH A O   1 
HETATM 677 O  O   . HOH K 5 .  ? 5.72024   -1.79899  -7.28833  1.000 41.79414 ? 211 HOH A O   1 
HETATM 678 O  O   . HOH K 5 .  ? -11.03653 4.91199   -7.50473  1.000 27.63120 ? 212 HOH A O   1 
HETATM 679 O  O   . HOH K 5 .  ? -7.25532  -13.73636 8.13563   1.000 53.12914 ? 213 HOH A O   1 
HETATM 680 O  O   . HOH K 5 .  ? 2.64748   -7.84784  6.59560   1.000 46.49884 ? 214 HOH A O   1 
HETATM 681 O  O   . HOH K 5 .  ? -2.96552  7.26705   7.62844   1.000 47.41965 ? 215 HOH A O   1 
HETATM 682 O  O   . HOH K 5 .  ? 15.29726  0.96752   -8.84041  1.000 31.52212 ? 216 HOH A O   1 
HETATM 683 O  O   . HOH K 5 .  ? 0.69230   -5.84060  11.95643  1.000 35.65907 ? 217 HOH A O   1 
HETATM 684 O  O   . HOH K 5 .  ? -9.10987  -12.91076 11.03311  1.000 42.58273 ? 218 HOH A O   1 
HETATM 685 O  O   . HOH K 5 .  ? -9.24662  6.39425   2.91273   1.000 60.25093 ? 219 HOH A O   1 
HETATM 686 O  O   . HOH K 5 .  ? -11.45406 6.09328   -1.31325  1.000 43.59390 ? 220 HOH A O   1 
HETATM 687 O  O   . HOH K 5 .  ? 8.80083   10.17933  -1.20092  1.000 29.85740 ? 221 HOH A O   1 
HETATM 688 O  O   . HOH K 5 .  ? -19.04499 0.27977   -19.16848 1.000 40.09767 ? 222 HOH A O   1 
HETATM 689 O  O   . HOH K 5 .  ? 8.95640   6.17106   -3.51709  1.000 16.72541 ? 223 HOH A O   1 
HETATM 690 O  O   . HOH K 5 .  ? -7.48312  5.98140   -2.69889  1.000 39.16626 ? 224 HOH A O   1 
HETATM 691 O  O   . HOH K 5 .  ? 12.53627  8.05576   5.37042   1.000 38.97535 ? 225 HOH A O   1 
HETATM 692 O  O   . HOH K 5 .  ? 5.21214   7.01583   -10.31434 1.000 24.17388 ? 226 HOH A O   1 
HETATM 693 O  O   . HOH K 5 .  ? -3.01600  -0.58300  14.96774  0.50  24.21993 ? 227 HOH A O   1 
HETATM 694 O  O   . HOH K 5 .  ? -2.50661  -6.18901  13.80733  1.000 44.86265 ? 228 HOH A O   1 
HETATM 695 O  O   . HOH K 5 .  ? -20.20789 9.66091   -7.70626  1.000 30.52967 ? 229 HOH A O   1 
HETATM 696 O  O   . HOH K 5 .  ? 4.46126   5.76792   11.53999  1.000 30.78686 ? 230 HOH A O   1 
HETATM 697 O  O   . HOH K 5 .  ? -2.60265  -6.80013  2.43675   1.000 21.01007 ? 231 HOH A O   1 
HETATM 698 O  O   A HOH K 5 .  ? -10.94486 -2.38017  4.85506   0.500 12.08221 ? 232 HOH A O   1 
HETATM 699 O  O   . HOH K 5 .  ? -12.53943 -4.22241  8.32556   1.000 34.31965 ? 233 HOH A O   1 
HETATM 700 O  O   . HOH K 5 .  ? -1.92162  -6.53686  -7.63352  1.000 37.80548 ? 234 HOH A O   1 
HETATM 701 O  O   . HOH K 5 .  ? 15.81208  5.46195   4.88520   1.000 13.38422 ? 235 HOH A O   1 
HETATM 702 O  O   . HOH K 5 .  ? -8.08685  4.56857   10.31917  1.000 43.00793 ? 236 HOH A O   1 
HETATM 703 O  O   . HOH K 5 .  ? -8.79409  -8.08866  15.86859  1.000 45.63029 ? 237 HOH A O   1 
HETATM 704 O  O   . HOH K 5 .  ? -0.88833  -6.22857  0.35200   1.000 19.64977 ? 238 HOH A O   1 
HETATM 705 O  O   . HOH K 5 .  ? -24.41234 3.19953   -16.01726 1.000 27.82653 ? 239 HOH A O   1 
HETATM 706 O  O   . HOH K 5 .  ? -21.40369 -2.72178  -18.74847 1.000 46.31013 ? 240 HOH A O   1 
HETATM 707 O  O   . HOH K 5 .  ? -10.60763 6.70968   -6.02386  1.000 44.47340 ? 241 HOH A O   1 
HETATM 708 O  O   . HOH K 5 .  ? 13.94716  0.17182   -0.24741  1.000 15.63076 ? 242 HOH A O   1 
HETATM 709 O  O   . HOH K 5 .  ? 17.41634  1.22913   11.61374  1.000 33.50575 ? 243 HOH A O   1 
HETATM 710 O  O   . HOH K 5 .  ? -8.24393  0.60130   9.48761   1.000 24.67618 ? 244 HOH A O   1 
HETATM 711 O  O   . HOH K 5 .  ? -0.60527  5.32913   -6.84713  1.000 35.97965 ? 245 HOH A O   1 
HETATM 712 O  O   B HOH K 5 .  ? -4.45196  6.00592   5.91372   0.500 23.36585 ? 246 HOH A O   1 
HETATM 713 O  O   . HOH K 5 .  ? 3.70078   -3.52800  10.85362  1.000 24.46888 ? 247 HOH A O   1 
HETATM 714 O  O   . HOH K 5 .  ? 9.41716   -2.52759  9.03158   1.000 19.37888 ? 248 HOH A O   1 
HETATM 715 O  O   . HOH K 5 .  ? 16.22794  7.90649   0.38722   1.000 18.68257 ? 249 HOH A O   1 
HETATM 716 O  O   . HOH K 5 .  ? 6.54117   -2.32388  7.54526   1.000 20.67143 ? 250 HOH A O   1 
HETATM 717 O  O   . HOH K 5 .  ? 2.64027   0.05612   14.33014  1.000 36.17105 ? 251 HOH A O   1 
HETATM 718 O  O   . HOH K 5 .  ? -3.38184  -11.99793 5.76488   1.000 18.97240 ? 252 HOH A O   1 
HETATM 719 O  O   . HOH K 5 .  ? -15.05033 2.08383   3.50959   1.000 37.01548 ? 253 HOH A O   1 
HETATM 720 O  O   . HOH K 5 .  ? 7.61063   -10.22928 -0.49551  1.000 14.33316 ? 254 HOH A O   1 
HETATM 721 O  O   . HOH K 5 .  ? -3.02335  -16.21321 10.96732  1.000 19.73373 ? 255 HOH A O   1 
HETATM 722 O  O   . HOH K 5 .  ? 12.48759  0.55811   -8.87650  1.000 38.47495 ? 256 HOH A O   1 
HETATM 723 O  O   . HOH K 5 .  ? 11.61087  2.24586   -1.07143  1.000 13.59598 ? 257 HOH A O   1 
HETATM 724 O  O   . HOH K 5 .  ? -0.87289  8.22267   8.48888   1.000 34.74444 ? 258 HOH A O   1 
HETATM 725 O  O   . HOH K 5 .  ? -13.12582 3.70170   -11.70777 1.000 48.85419 ? 259 HOH A O   1 
HETATM 726 O  O   . HOH K 5 .  ? 9.66663   -2.02356  -5.93727  1.000 20.43693 ? 260 HOH A O   1 
HETATM 727 O  O   . HOH K 5 .  ? 15.82200  -0.28375  -6.78353  1.000 35.13745 ? 261 HOH A O   1 
HETATM 728 O  O   . HOH K 5 .  ? 7.10063   -1.42792  -4.99115  1.000 15.73908 ? 262 HOH A O   1 
HETATM 729 O  O   . HOH K 5 .  ? -12.98655 5.64541   -9.50506  1.000 24.61197 ? 263 HOH A O   1 
HETATM 730 O  O   . HOH K 5 .  ? 5.13572   -10.78714 9.48723   1.000 16.20715 ? 264 HOH A O   1 
HETATM 731 O  O   . HOH K 5 .  ? -24.85434 8.84814   -20.45950 1.000 15.30921 ? 265 HOH A O   1 
HETATM 732 O  O   . HOH K 5 .  ? 7.60796   -2.19405  11.70785  1.000 35.98344 ? 266 HOH A O   1 
HETATM 733 O  O   . HOH K 5 .  ? -12.45378 -8.87367  5.99971   1.000 24.77019 ? 267 HOH A O   1 
HETATM 734 O  O   . HOH K 5 .  ? 13.52604  2.57988   11.17901  1.000 30.91949 ? 268 HOH A O   1 
HETATM 735 O  O   . HOH K 5 .  ? 10.00596  -7.01597  -3.75566  1.000 40.96348 ? 269 HOH A O   1 
HETATM 736 O  O   . HOH K 5 .  ? 12.72794  -5.31464  -1.02678  1.000 16.68971 ? 270 HOH A O   1 
HETATM 737 O  O   . HOH K 5 .  ? -6.39140  6.81895   10.42105  1.000 26.52622 ? 271 HOH A O   1 
HETATM 738 O  O   . HOH K 5 .  ? 3.96684   -0.75683  -9.09337  1.000 23.42209 ? 272 HOH A O   1 
HETATM 739 O  O   . HOH K 5 .  ? 12.17971  1.10700   2.27390   1.000 24.40894 ? 273 HOH A O   1 
HETATM 740 O  O   . HOH K 5 .  ? 7.83738   0.66981   -7.96083  1.000 20.63438 ? 274 HOH A O   1 
HETATM 741 O  O   . HOH K 5 .  ? -16.78221 2.56305   -15.59293 1.000 25.68130 ? 275 HOH A O   1 
HETATM 742 O  O   B HOH K 5 .  ? -6.06325  3.38176   3.70394   0.500 17.28225 ? 276 HOH A O   1 
HETATM 743 O  O   . HOH K 5 .  ? -7.01456  5.33961   3.64074   1.000 34.13460 ? 277 HOH A O   1 
HETATM 744 O  O   . HOH K 5 .  ? 17.87798  3.77069   -5.98195  1.000 20.25124 ? 278 HOH A O   1 
HETATM 745 O  O   . HOH K 5 .  ? 18.64267  0.56825   -4.18881  1.000 37.14575 ? 279 HOH A O   1 
HETATM 746 O  O   . HOH K 5 .  ? -13.24005 4.97588   4.80467   1.000 42.29883 ? 280 HOH A O   1 
HETATM 747 O  O   . HOH K 5 .  ? -10.66289 5.09866   -3.49691  1.000 31.83240 ? 281 HOH A O   1 
HETATM 748 O  O   . HOH K 5 .  ? 4.50198   -10.32631 6.53107   1.000 35.18508 ? 282 HOH A O   1 
HETATM 749 O  O   . HOH K 5 .  ? 4.94552   7.46166   8.71411   1.000 32.57717 ? 283 HOH A O   1 
HETATM 750 O  O   . HOH K 5 .  ? -8.56500  6.42523   0.53935   1.000 37.42176 ? 284 HOH A O   1 
HETATM 751 O  O   . HOH K 5 .  ? 1.96259   7.52383   10.70156  1.000 49.20338 ? 285 HOH A O   1 
HETATM 752 O  O   . HOH K 5 .  ? -11.75003 -6.51191  12.51630  1.000 40.20456 ? 286 HOH A O   1 
HETATM 753 O  O   . HOH K 5 .  ? 8.28005   -10.02406 -3.16714  1.000 28.45725 ? 287 HOH A O   1 
HETATM 754 O  O   . HOH K 5 .  ? -10.15828 5.74872   4.92539   1.000 58.57230 ? 288 HOH A O   1 
HETATM 755 O  O   . HOH K 5 .  ? -6.37359  7.26293   4.67148   1.000 33.50610 ? 289 HOH A O   1 
HETATM 756 O  O   . HOH K 5 .  ? 4.97873   1.76269   15.07295  1.000 39.00916 ? 290 HOH A O   1 
HETATM 757 O  O   . HOH K 5 .  ? 6.76294   3.53857   13.15324  1.000 37.22512 ? 291 HOH A O   1 
HETATM 758 O  O   . HOH K 5 .  ? -7.35857  1.17762   11.97575  0.50  23.20717 ? 292 HOH A O   1 
HETATM 759 O  O   . HOH K 5 .  ? 9.90670   -0.65103  -8.64831  1.000 44.84016 ? 293 HOH A O   1 
HETATM 760 O  O   . HOH K 5 .  ? 6.96579   -3.21335  -9.17243  1.000 46.16791 ? 294 HOH A O   1 
HETATM 761 O  O   . HOH K 5 .  ? 9.59291   -4.81474  12.38732  1.000 41.51490 ? 295 HOH A O   1 
HETATM 762 O  O   . HOH K 5 .  ? -3.07910  -17.31810 14.03465  1.000 39.00413 ? 296 HOH A O   1 
HETATM 763 O  O   . HOH K 5 .  ? -19.12932 9.32597   1.15048   1.000 48.19850 ? 297 HOH A O   1 
HETATM 764 O  O   . HOH K 5 .  ? 6.10142   -4.35138  9.29538   1.000 26.59017 ? 298 HOH A O   1 
HETATM 765 O  O   . HOH K 5 .  ? -2.12978  -3.26986  13.71397  1.000 32.79530 ? 299 HOH A O   1 
HETATM 766 O  O   B HOH K 5 .  ? 2.97589   -6.32238  8.68862   0.500 25.35362 ? 300 HOH A O   1 
HETATM 767 O  O   . HOH K 5 .  ? 8.17032   -4.33103  10.62452  1.000 22.23241 ? 301 HOH A O   1 
HETATM 768 O  O   . HOH K 5 .  ? -12.01136 -1.74487  7.40288   1.000 34.01456 ? 302 HOH A O   1 
HETATM 769 O  O   . HOH K 5 .  ? 14.77350  7.90047   5.02942   1.000 25.66645 ? 303 HOH A O   1 
HETATM 770 O  O   . HOH K 5 .  ? -0.96059  -15.17686 12.58765  1.000 36.80760 ? 304 HOH A O   1 
HETATM 771 O  O   . HOH K 5 .  ? -11.40092 -13.08300 10.83085  1.000 39.04728 ? 305 HOH A O   1 
HETATM 772 O  O   . HOH K 5 .  ? 18.16893  8.29730   2.32311   1.000 15.35940 ? 306 HOH A O   1 
HETATM 773 O  O   . HOH K 5 .  ? -12.44430 3.23955   8.47173   0.50  44.14405 ? 307 HOH A O   1 
HETATM 774 O  O   . HOH K 5 .  ? 0.47050   -3.08787  14.79757  1.000 38.75805 ? 308 HOH A O   1 
HETATM 775 O  O   . HOH K 5 .  ? 16.48910  9.58699   6.32333   1.000 42.59778 ? 309 HOH A O   1 
HETATM 776 O  O   . HOH K 5 .  ? -0.92731  -16.23612 14.82420  1.000 26.84150 ? 310 HOH A O   1 
HETATM 777 O  O   . HOH L 5 .  ? 5.29433   9.22393   7.11186   1.000 41.14709 ? 601 HOH B O   1 
HETATM 778 O  O   . HOH L 5 .  ? 4.38330   10.66522  -0.74022  1.000 42.35332 ? 602 HOH B O   1 
HETATM 779 O  O   . HOH L 5 .  ? 7.57410   9.83028   -4.40095  1.000 23.19408 ? 603 HOH B O   1 
HETATM 780 O  O   . HOH L 5 .  ? 13.34145  12.63805  -4.20872  1.000 35.57190 ? 604 HOH B O   1 
HETATM 781 O  O   . HOH L 5 .  ? -2.30730  5.12821   4.79392   1.000 27.78685 ? 605 HOH B O   1 
HETATM 782 O  O   . HOH L 5 .  ? -6.08336  7.78375   -0.11996  1.000 40.80075 ? 606 HOH B O   1 
HETATM 783 O  O   . HOH L 5 .  ? 11.36610  3.69315   -10.75851 1.000 34.18663 ? 607 HOH B O   1 
HETATM 784 O  O   . HOH L 5 .  ? 4.02041   10.28516  -3.84350  1.000 29.49297 ? 608 HOH B O   1 
HETATM 785 O  O   . HOH L 5 .  ? -0.23195  9.94009   -0.25454  1.000 24.58994 ? 609 HOH B O   1 
HETATM 786 O  O   . HOH L 5 .  ? 10.94514  11.54077  -10.54967 1.000 40.52035 ? 610 HOH B O   1 
HETATM 787 O  O   . HOH L 5 .  ? 8.37838   10.57456  1.01801   1.000 44.16497 ? 611 HOH B O   1 
HETATM 788 O  O   . HOH L 5 .  ? 7.44882   11.85857  -6.13482  1.000 38.80014 ? 612 HOH B O   1 
HETATM 789 O  O   . HOH L 5 .  ? 9.85295   14.13079  -5.67450  1.000 43.73072 ? 613 HOH B O   1 
HETATM 790 O  O   . HOH L 5 .  ? 6.61171   10.69494  -1.83962  1.000 43.39510 ? 614 HOH B O   1 
# 
loop_
_atom_site_anisotrop.id 
_atom_site_anisotrop.type_symbol 
_atom_site_anisotrop.pdbx_label_atom_id 
_atom_site_anisotrop.pdbx_label_alt_id 
_atom_site_anisotrop.pdbx_label_comp_id 
_atom_site_anisotrop.pdbx_label_asym_id 
_atom_site_anisotrop.pdbx_label_seq_id 
_atom_site_anisotrop.pdbx_PDB_ins_code 
_atom_site_anisotrop.U[1][1] 
_atom_site_anisotrop.U[2][2] 
_atom_site_anisotrop.U[3][3] 
_atom_site_anisotrop.U[1][2] 
_atom_site_anisotrop.U[1][3] 
_atom_site_anisotrop.U[2][3] 
_atom_site_anisotrop.pdbx_auth_seq_id 
_atom_site_anisotrop.pdbx_auth_comp_id 
_atom_site_anisotrop.pdbx_auth_asym_id 
_atom_site_anisotrop.pdbx_auth_atom_id 
1   N  N   . THR A 7  ? 0.33870 0.43879 0.46403 -0.06106 -0.08910 0.05573  3   THR A N   
2   C  CA  . THR A 7  ? 0.32538 0.40001 0.44265 -0.05983 -0.07179 0.05839  3   THR A CA  
3   C  C   . THR A 7  ? 0.28930 0.35451 0.42330 -0.06136 -0.08029 0.04661  3   THR A C   
4   O  O   . THR A 7  ? 0.28893 0.40463 0.44850 -0.05552 -0.09465 0.01868  3   THR A O   
5   C  CB  . THR A 7  ? 0.41865 0.42820 0.45513 0.00832  -0.05673 0.07101  3   THR A CB  
6   O  OG1 . THR A 7  ? 0.45961 0.48904 0.47496 0.04358  -0.05596 0.06477  3   THR A OG1 
7   C  CG2 . THR A 7  ? 0.45637 0.39109 0.44255 0.02871  -0.04568 0.09181  3   THR A CG2 
8   N  N   . VAL A 8  ? 0.19461 0.34002 0.34163 -0.08629 -0.04143 0.08103  4   VAL A N   
9   C  CA  . VAL A 8  ? 0.17479 0.24674 0.30682 -0.08665 -0.03421 0.07069  4   VAL A CA  
10  C  C   . VAL A 8  ? 0.16753 0.20134 0.25397 -0.08663 -0.01717 0.07409  4   VAL A C   
11  O  O   . VAL A 8  ? 0.18481 0.25513 0.24296 -0.06882 -0.01171 0.10080  4   VAL A O   
12  C  CB  . VAL A 8  ? 0.19743 0.26262 0.33892 -0.05186 -0.01777 0.04097  4   VAL A CB  
13  C  CG1 . VAL A 8  ? 0.15063 0.35009 0.32155 -0.06480 0.01616  0.03468  4   VAL A CG1 
14  C  CG2 . VAL A 8  ? 0.17427 0.25130 0.29211 -0.06534 0.02943  0.09536  4   VAL A CG2 
15  N  N   . PRO A 9  ? 0.18030 0.17293 0.26719 -0.05648 -0.02477 0.02918  5   PRO A N   
16  C  CA  . PRO A 9  ? 0.13460 0.16907 0.29655 -0.06194 -0.02155 0.01382  5   PRO A CA  
17  C  C   . PRO A 9  ? 0.13605 0.16705 0.25169 -0.04251 -0.02426 0.03051  5   PRO A C   
18  O  O   . PRO A 9  ? 0.15456 0.17695 0.21206 -0.04168 -0.00633 0.04519  5   PRO A O   
19  C  CB  . PRO A 9  ? 0.17071 0.18189 0.34510 -0.03821 -0.04079 -0.02021 5   PRO A CB  
20  C  CG  . PRO A 9  ? 0.21572 0.19252 0.33370 -0.01684 -0.04828 -0.02375 5   PRO A CG  
21  C  CD  . PRO A 9  ? 0.18494 0.16401 0.31376 -0.04632 -0.03138 -0.01596 5   PRO A CD  
22  N  N   . VAL A 10 ? 0.11826 0.15700 0.24383 -0.05975 -0.03192 0.05751  6   VAL A N   
23  C  CA  . VAL A 10 ? 0.09989 0.15703 0.24036 -0.05261 -0.02653 0.04673  6   VAL A CA  
24  C  C   . VAL A 10 ? 0.11807 0.16262 0.18673 -0.03731 0.00144  0.07094  6   VAL A C   
25  O  O   . VAL A 10 ? 0.11823 0.17685 0.19236 -0.05176 -0.00227 0.05257  6   VAL A O   
26  C  CB  . VAL A 10 ? 0.14238 0.15216 0.23358 -0.03212 -0.02807 0.08055  6   VAL A CB  
27  C  CG1 . VAL A 10 ? 0.11771 0.17453 0.26132 -0.01406 -0.04227 0.05907  6   VAL A CG1 
28  C  CG2 . VAL A 10 ? 0.14772 0.22621 0.23501 -0.01074 -0.00461 0.11251  6   VAL A CG2 
29  N  N   . TYR A 11 ? 0.12391 0.12992 0.21856 -0.02964 -0.03105 0.05241  7   TYR A N   
30  C  CA  . TYR A 11 ? 0.11443 0.11540 0.22056 -0.03766 -0.03891 0.05222  7   TYR A CA  
31  C  C   . TYR A 11 ? 0.11099 0.16799 0.21412 -0.01478 -0.03059 0.06145  7   TYR A C   
32  O  O   . TYR A 11 ? 0.10498 0.16634 0.26976 -0.02871 -0.04267 0.06102  7   TYR A O   
33  C  CB  . TYR A 11 ? 0.13823 0.12676 0.21701 -0.02390 -0.03737 0.03776  7   TYR A CB  
34  C  CG  . TYR A 11 ? 0.13874 0.13944 0.21544 -0.03573 -0.02506 0.07083  7   TYR A CG  
35  C  CD1 . TYR A 11 ? 0.19492 0.13316 0.23056 -0.01749 -0.04565 0.04602  7   TYR A CD1 
36  C  CD2 . TYR A 11 ? 0.16508 0.12944 0.23528 -0.05011 -0.01983 0.07747  7   TYR A CD2 
37  C  CE1 . TYR A 11 ? 0.20405 0.15576 0.24908 -0.02068 -0.04798 0.04326  7   TYR A CE1 
38  C  CE2 . TYR A 11 ? 0.17944 0.16879 0.24647 -0.03336 -0.02076 0.08750  7   TYR A CE2 
39  C  CZ  . TYR A 11 ? 0.21236 0.12926 0.28425 -0.04095 -0.05722 0.05698  7   TYR A CZ  
40  O  OH  . TYR A 11 ? 0.25540 0.16864 0.34989 -0.02302 -0.09119 0.02953  7   TYR A OH  
41  N  N   . CYS A 12 ? 0.10548 0.12579 0.19589 -0.02874 -0.01709 0.06371  8   CYS A N   
42  C  CA  . CYS A 12 ? 0.11641 0.12184 0.19836 -0.02831 -0.01712 0.07983  8   CYS A CA  
43  C  C   . CYS A 12 ? 0.12129 0.15142 0.21721 -0.04337 -0.03761 0.07224  8   CYS A C   
44  O  O   . CYS A 12 ? 0.17324 0.13095 0.23942 -0.03263 -0.04270 0.08501  8   CYS A O   
45  C  CB  . CYS A 12 ? 0.08825 0.12098 0.24125 -0.00827 -0.00945 0.07044  8   CYS A CB  
46  S  SG  . CYS A 12 ? 0.09402 0.11679 0.20929 -0.03022 -0.01479 0.07191  8   CYS A SG  
47  N  N   . VAL A 13 ? 0.10122 0.12816 0.23459 -0.01819 -0.02523 0.07989  9   VAL A N   
48  C  CA  . VAL A 13 ? 0.10476 0.12163 0.21751 -0.01097 -0.00298 0.08810  9   VAL A CA  
49  C  C   . VAL A 13 ? 0.11454 0.12348 0.22551 -0.03188 -0.02074 0.08237  9   VAL A C   
50  O  O   . VAL A 13 ? 0.12673 0.13414 0.25962 -0.03408 -0.02746 0.09090  9   VAL A O   
51  C  CB  . VAL A 13 ? 0.11031 0.14102 0.25710 -0.04695 -0.03136 0.05532  9   VAL A CB  
52  C  CG1 . VAL A 13 ? 0.12095 0.16125 0.31476 -0.04187 -0.02238 0.06689  9   VAL A CG1 
53  C  CG2 . VAL A 13 ? 0.18230 0.11878 0.26212 -0.01400 -0.06357 0.03368  9   VAL A CG2 
54  N  N   . CYS A 14 ? 0.10413 0.12187 0.22460 -0.03072 -0.01199 0.07659  10  CYS A N   
55  C  CA  . CYS A 14 ? 0.09089 0.12367 0.24418 -0.02750 -0.02222 0.07188  10  CYS A CA  
56  C  C   . CYS A 14 ? 0.11107 0.12026 0.21302 -0.02242 -0.01964 0.08548  10  CYS A C   
57  O  O   . CYS A 14 ? 0.09924 0.15228 0.23946 -0.01152 -0.01962 0.07905  10  CYS A O   
58  C  CB  . CYS A 14 ? 0.11193 0.14476 0.23234 -0.01813 -0.02145 0.07629  10  CYS A CB  
59  S  SG  . CYS A 14 ? 0.09731 0.14531 0.23401 -0.03302 -0.02549 0.09129  10  CYS A SG  
60  N  N   . ARG A 15 ? 0.10866 0.11386 0.21838 -0.02952 -0.01378 0.06729  11  ARG A N   
61  C  CA  . ARG A 15 ? 0.11425 0.12232 0.21252 -0.03530 -0.00872 0.07493  11  ARG A CA  
62  C  C   . ARG A 15 ? 0.11694 0.13764 0.20196 -0.04444 -0.01186 0.07737  11  ARG A C   
63  O  O   . ARG A 15 ? 0.10618 0.18973 0.23905 -0.03851 -0.03106 0.10329  11  ARG A O   
64  C  CB  . ARG A 15 ? 0.15358 0.14095 0.21925 -0.02581 -0.01208 0.09742  11  ARG A CB  
65  C  CG  . ARG A 15 ? 0.15630 0.18453 0.21013 -0.05533 0.02324  0.08054  11  ARG A CG  
66  C  CD  . ARG A 15 ? 0.19428 0.22450 0.23832 -0.06305 0.01205  0.04128  11  ARG A CD  
67  N  NE  . ARG A 15 ? 0.24623 0.22605 0.25828 -0.07360 0.00089  0.04007  11  ARG A NE  
68  C  CZ  . ARG A 15 ? 0.27169 0.26687 0.28020 -0.05432 -0.02822 0.00590  11  ARG A CZ  
69  N  NH1 . ARG A 15 ? 0.27621 0.24443 0.27999 -0.03886 -0.01549 0.04056  11  ARG A NH1 
70  N  NH2 . ARG A 15 ? 0.31554 0.31631 0.25751 -0.04910 -0.02361 0.01753  11  ARG A NH2 
71  N  N   . LEU A 16 ? 0.12234 0.11514 0.19211 -0.02672 -0.00706 0.07761  12  LEU A N   
72  C  CA  . LEU A 16 ? 0.10828 0.12494 0.18431 -0.03536 -0.00695 0.07396  12  LEU A CA  
73  C  C   . LEU A 16 ? 0.09343 0.12823 0.20288 -0.03396 -0.01930 0.07463  12  LEU A C   
74  O  O   . LEU A 16 ? 0.09868 0.13400 0.22768 -0.03555 -0.02227 0.07983  12  LEU A O   
75  C  CB  . LEU A 16 ? 0.13627 0.12839 0.17779 -0.02938 0.00620  0.05522  12  LEU A CB  
76  C  CG  . LEU A 16 ? 0.11892 0.14127 0.23203 -0.02977 0.01154  0.02458  12  LEU A CG  
77  C  CD1 . LEU A 16 ? 0.10597 0.17742 0.24142 -0.03708 0.02194  0.01574  12  LEU A CD1 
78  C  CD2 . LEU A 16 ? 0.08058 0.18561 0.29162 -0.01525 -0.01060 -0.00829 12  LEU A CD2 
79  N  N   . PRO A 17 ? 0.09991 0.13479 0.19473 -0.02848 -0.01656 0.07291  13  PRO A N   
80  C  CA  A PRO A 17 ? 0.09244 0.10249 0.20081 -0.03127 -0.02640 0.06310  13  PRO A CA  
81  C  CA  B PRO A 17 ? 0.09811 0.10429 0.20288 -0.03707 -0.01974 0.05553  13  PRO A CA  
82  C  C   . PRO A 17 ? 0.11881 0.10756 0.20009 -0.02868 -0.02434 0.07432  13  PRO A C   
83  O  O   . PRO A 17 ? 0.12979 0.12940 0.22998 -0.03493 -0.03005 0.08540  13  PRO A O   
84  C  CB  A PRO A 17 ? 0.12293 0.14589 0.21447 -0.00738 -0.04728 0.05362  13  PRO A CB  
85  C  CB  B PRO A 17 ? 0.13437 0.13232 0.22010 -0.03044 -0.02243 0.04295  13  PRO A CB  
86  C  CG  A PRO A 17 ? 0.07938 0.14039 0.18923 -0.03189 -0.02596 0.06023  13  PRO A CG  
87  C  CG  B PRO A 17 ? 0.11109 0.12005 0.19859 -0.05472 0.00401  0.03874  13  PRO A CG  
88  C  CD  A PRO A 17 ? 0.08295 0.17614 0.22654 -0.02344 -0.03210 0.03695  13  PRO A CD  
89  C  CD  B PRO A 17 ? 0.11393 0.12056 0.20330 -0.03936 -0.00369 0.06773  13  PRO A CD  
90  N  N   . TYR A 18 ? 0.12265 0.11273 0.22038 -0.02523 -0.02648 0.07946  14  TYR A N   
91  C  CA  . TYR A 18 ? 0.13614 0.15610 0.20249 -0.00735 -0.03452 0.06270  14  TYR A CA  
92  C  C   . TYR A 18 ? 0.13479 0.13407 0.21906 -0.02074 -0.03423 0.07505  14  TYR A C   
93  O  O   . TYR A 18 ? 0.13376 0.15161 0.25902 -0.04623 -0.03031 0.07934  14  TYR A O   
94  C  CB  . TYR A 18 ? 0.11931 0.16347 0.23964 -0.01349 -0.04723 0.05301  14  TYR A CB  
95  C  CG  . TYR A 18 ? 0.09131 0.15402 0.24806 -0.03126 -0.01973 0.08382  14  TYR A CG  
96  C  CD1 . TYR A 18 ? 0.10975 0.16448 0.25677 -0.02264 -0.04681 0.06779  14  TYR A CD1 
97  C  CD2 . TYR A 18 ? 0.11519 0.15405 0.25267 -0.00408 -0.01899 0.09516  14  TYR A CD2 
98  C  CE1 . TYR A 18 ? 0.11609 0.14431 0.26465 -0.02163 -0.03222 0.07756  14  TYR A CE1 
99  C  CE2 . TYR A 18 ? 0.10941 0.13242 0.26438 -0.02229 -0.01084 0.09126  14  TYR A CE2 
100 C  CZ  . TYR A 18 ? 0.09625 0.16836 0.26369 -0.01761 -0.00134 0.10667  14  TYR A CZ  
101 O  OH  . TYR A 18 ? 0.12040 0.18393 0.30038 -0.02350 -0.04587 0.11336  14  TYR A OH  
102 N  N   . ASP A 19 ? 0.11706 0.15172 0.20343 -0.04074 -0.01620 0.09082  15  ASP A N   
103 C  CA  . ASP A 19 ? 0.10096 0.14545 0.22256 -0.03442 -0.03660 0.08915  15  ASP A CA  
104 C  C   . ASP A 19 ? 0.09408 0.11742 0.20560 -0.03632 -0.01864 0.06501  15  ASP A C   
105 O  O   . ASP A 19 ? 0.09504 0.15947 0.20082 -0.04875 -0.02060 0.06987  15  ASP A O   
106 C  CB  . ASP A 19 ? 0.11235 0.15200 0.26508 -0.02283 -0.01068 0.09356  15  ASP A CB  
107 C  CG  . ASP A 19 ? 0.10432 0.17889 0.29901 -0.01081 -0.00019 0.08043  15  ASP A CG  
108 O  OD1 . ASP A 19 ? 0.13154 0.17376 0.26562 -0.02723 -0.00657 0.09201  15  ASP A OD1 
109 O  OD2 . ASP A 19 ? 0.16175 0.21794 0.28600 0.00200  0.00568  0.08662  15  ASP A OD2 
110 N  N   . VAL A 20 ? 0.10091 0.12109 0.20962 -0.03382 -0.01800 0.07478  16  VAL A N   
111 C  CA  . VAL A 20 ? 0.11031 0.12722 0.20992 -0.02711 -0.02169 0.08778  16  VAL A CA  
112 C  C   . VAL A 20 ? 0.12100 0.16364 0.23310 -0.03602 -0.01959 0.09879  16  VAL A C   
113 O  O   . VAL A 20 ? 0.12355 0.18764 0.25832 -0.04148 -0.04186 0.10760  16  VAL A O   
114 C  CB  . VAL A 20 ? 0.12902 0.14709 0.25393 -0.03977 -0.01837 0.08238  16  VAL A CB  
115 C  CG1 . VAL A 20 ? 0.17370 0.14395 0.27382 -0.03393 -0.02414 0.07015  16  VAL A CG1 
116 C  CG2 . VAL A 20 ? 0.13817 0.13943 0.23368 -0.04166 -0.00536 0.08481  16  VAL A CG2 
117 N  N   . THR A 21 ? 0.12066 0.16737 0.21891 -0.04196 -0.00511 0.08456  17  THR A N   
118 C  CA  . THR A 21 ? 0.12870 0.17843 0.19420 -0.05823 0.00644  0.07648  17  THR A CA  
119 C  C   . THR A 21 ? 0.14945 0.18842 0.20778 -0.05379 -0.01546 0.08118  17  THR A C   
120 O  O   . THR A 21 ? 0.17511 0.22369 0.21669 -0.09079 -0.02833 0.08402  17  THR A O   
121 C  CB  . THR A 21 ? 0.15460 0.16252 0.22683 -0.06377 0.00074  0.07857  17  THR A CB  
122 O  OG1 . THR A 21 ? 0.15080 0.18231 0.26863 -0.04743 -0.00736 0.06859  17  THR A OG1 
123 C  CG2 . THR A 21 ? 0.16167 0.21150 0.24666 -0.07170 0.00284  0.07106  17  THR A CG2 
124 N  N   . ARG A 22 ? 0.13298 0.16166 0.20099 -0.04605 -0.00705 0.09109  18  ARG A N   
125 C  CA  . ARG A 22 ? 0.11767 0.14714 0.20204 -0.04559 -0.00039 0.07638  18  ARG A CA  
126 C  C   . ARG A 22 ? 0.13331 0.13666 0.21319 -0.05189 -0.02731 0.07682  18  ARG A C   
127 O  O   . ARG A 22 ? 0.10997 0.19271 0.25447 -0.06177 -0.02156 0.05487  18  ARG A O   
128 C  CB  . ARG A 22 ? 0.12493 0.17123 0.21339 -0.03956 0.00666  0.09313  18  ARG A CB  
129 C  CG  . ARG A 22 ? 0.13430 0.15318 0.25865 -0.03633 0.00136  0.09432  18  ARG A CG  
130 C  CD  . ARG A 22 ? 0.15480 0.17746 0.26594 -0.03289 0.00647  0.09077  18  ARG A CD  
131 N  NE  . ARG A 22 ? 0.16973 0.14522 0.26148 -0.04772 0.00059  0.07260  18  ARG A NE  
132 C  CZ  . ARG A 22 ? 0.16199 0.15630 0.24510 -0.06050 -0.00231 0.05472  18  ARG A CZ  
133 N  NH1 . ARG A 22 ? 0.16334 0.16787 0.23996 -0.04295 -0.01293 0.06244  18  ARG A NH1 
134 N  NH2 . ARG A 22 ? 0.19568 0.15474 0.24177 -0.04777 0.01040  0.04500  18  ARG A NH2 
135 N  N   . PHE A 23 ? 0.10780 0.15322 0.21509 -0.04819 -0.03058 0.08401  19  PHE A N   
136 C  CA  . PHE A 23 ? 0.10566 0.15055 0.21198 -0.03902 -0.03359 0.09459  19  PHE A CA  
137 C  C   . PHE A 23 ? 0.09161 0.12147 0.18469 -0.03423 -0.01373 0.07046  19  PHE A C   
138 O  O   . PHE A 23 ? 0.11141 0.12484 0.20203 -0.04210 -0.03014 0.07596  19  PHE A O   
139 C  CB  . PHE A 23 ? 0.10065 0.19985 0.22166 -0.04943 -0.03641 0.09250  19  PHE A CB  
140 C  CG  . PHE A 23 ? 0.12622 0.18146 0.22829 -0.03823 -0.04407 0.09565  19  PHE A CG  
141 C  CD1 . PHE A 23 ? 0.14113 0.19457 0.24370 -0.06038 -0.05164 0.07003  19  PHE A CD1 
142 C  CD2 . PHE A 23 ? 0.13085 0.18035 0.24427 -0.05114 -0.05247 0.11038  19  PHE A CD2 
143 C  CE1 . PHE A 23 ? 0.11720 0.27384 0.23463 -0.04909 -0.04250 0.07204  19  PHE A CE1 
144 C  CE2 . PHE A 23 ? 0.13993 0.27495 0.22002 -0.02308 -0.03145 0.12294  19  PHE A CE2 
145 C  CZ  . PHE A 23 ? 0.10336 0.32019 0.23573 -0.03519 -0.03613 0.07283  19  PHE A CZ  
146 N  N   . MET A 24 ? 0.09785 0.14094 0.16960 -0.03387 -0.00947 0.08093  20  MET A N   
147 C  CA  . MET A 24 ? 0.09267 0.15114 0.19589 -0.03029 -0.00744 0.07790  20  MET A CA  
148 C  C   . MET A 24 ? 0.09972 0.10774 0.22138 -0.03795 -0.03143 0.05476  20  MET A C   
149 O  O   . MET A 24 ? 0.10843 0.11673 0.23592 -0.02724 -0.02586 0.08063  20  MET A O   
150 C  CB  . MET A 24 ? 0.08687 0.16227 0.19966 -0.03903 -0.02384 0.06133  20  MET A CB  
151 C  CG  . MET A 24 ? 0.09181 0.17863 0.21754 -0.04401 -0.02810 0.06245  20  MET A CG  
152 S  SD  . MET A 24 ? 0.11269 0.16270 0.25042 -0.04169 -0.03916 0.06934  20  MET A SD  
153 C  CE  . MET A 24 ? 0.11280 0.20589 0.22887 -0.02352 -0.05282 0.08024  20  MET A CE  
154 N  N   . ILE A 25 ? 0.09540 0.13751 0.21065 -0.03974 -0.02101 0.07465  21  ILE A N   
155 C  CA  . ILE A 25 ? 0.10841 0.12462 0.20946 -0.02718 -0.00939 0.08265  21  ILE A CA  
156 C  C   . ILE A 25 ? 0.09024 0.11644 0.20484 -0.02973 -0.00669 0.06697  21  ILE A C   
157 O  O   . ILE A 25 ? 0.09755 0.13131 0.23279 -0.01164 -0.01891 0.08736  21  ILE A O   
158 C  CB  . ILE A 25 ? 0.10416 0.13404 0.21844 -0.04591 -0.01385 0.06357  21  ILE A CB  
159 C  CG1 . ILE A 25 ? 0.09526 0.19009 0.22178 -0.04837 -0.02553 0.07555  21  ILE A CG1 
160 C  CG2 . ILE A 25 ? 0.14535 0.12440 0.21950 -0.03529 -0.02782 0.05906  21  ILE A CG2 
161 C  CD1 . ILE A 25 ? 0.09647 0.23016 0.23847 -0.03845 -0.04126 0.06339  21  ILE A CD1 
162 N  N   . GLU A 26 ? 0.09355 0.12183 0.22439 -0.02173 0.00391  0.05241  22  GLU A N   
163 C  CA  . GLU A 26 ? 0.09821 0.12645 0.19796 -0.02965 0.00708  0.04665  22  GLU A CA  
164 C  C   . GLU A 26 ? 0.09246 0.11041 0.23372 -0.02915 -0.01651 0.06231  22  GLU A C   
165 O  O   . GLU A 26 ? 0.09547 0.17683 0.25728 -0.02497 -0.02183 0.10240  22  GLU A O   
166 C  CB  . GLU A 26 ? 0.12869 0.13896 0.22895 -0.03481 0.00238  0.02979  22  GLU A CB  
167 C  CG  . GLU A 26 ? 0.19356 0.15698 0.28893 -0.02815 -0.00984 -0.00492 22  GLU A CG  
168 C  CD  . GLU A 26 ? 0.28102 0.20692 0.29834 -0.04075 0.00452  0.03825  22  GLU A CD  
169 O  OE1 . GLU A 26 ? 0.34756 0.21385 0.33055 0.01933  0.00702  0.03464  22  GLU A OE1 
170 O  OE2 . GLU A 26 ? 0.33991 0.19125 0.34235 -0.04439 -0.00926 0.02442  22  GLU A OE2 
171 N  N   . CYS A 27 ? 0.09476 0.11971 0.21848 -0.03471 -0.02415 0.06033  23  CYS A N   
172 C  CA  . CYS A 27 ? 0.09371 0.12518 0.18058 -0.04164 -0.01719 0.05350  23  CYS A CA  
173 C  C   . CYS A 27 ? 0.10768 0.13224 0.18160 -0.03474 -0.04032 0.05429  23  CYS A C   
174 O  O   . CYS A 27 ? 0.11132 0.14184 0.20040 -0.02492 -0.03427 0.04545  23  CYS A O   
175 C  CB  . CYS A 27 ? 0.13937 0.13558 0.19129 -0.03291 -0.05214 0.05106  23  CYS A CB  
176 S  SG  . CYS A 27 ? 0.12176 0.13273 0.21710 -0.03459 -0.03278 0.06880  23  CYS A SG  
177 N  N   . ASP A 28 ? 0.10061 0.12761 0.20543 -0.02299 -0.02921 0.04420  24  ASP A N   
178 C  CA  A ASP A 28 ? 0.13933 0.13844 0.20494 -0.00254 -0.04318 0.04294  24  ASP A CA  
179 C  CA  B ASP A 28 ? 0.13004 0.14121 0.21131 -0.00208 -0.03774 0.04030  24  ASP A CA  
180 C  C   . ASP A 28 ? 0.14275 0.15691 0.22677 -0.01498 -0.05980 0.01413  24  ASP A C   
181 O  O   . ASP A 28 ? 0.19448 0.18579 0.22417 0.02079  -0.04638 0.02920  24  ASP A O   
182 C  CB  A ASP A 28 ? 0.13322 0.18401 0.20971 -0.00076 -0.04318 0.03349  24  ASP A CB  
183 C  CB  B ASP A 28 ? 0.10532 0.18229 0.23214 0.00234  -0.02581 0.02585  24  ASP A CB  
184 C  CG  A ASP A 28 ? 0.14942 0.19159 0.22761 -0.03359 -0.04429 0.04017  24  ASP A CG  
185 C  CG  B ASP A 28 ? 0.12969 0.18561 0.27430 -0.00614 -0.02531 0.02182  24  ASP A CG  
186 O  OD1 A ASP A 28 ? 0.19008 0.23308 0.27721 -0.05002 -0.04093 0.04598  24  ASP A OD1 
187 O  OD1 B ASP A 28 ? 0.15641 0.16887 0.26828 0.00506  -0.00637 0.05642  24  ASP A OD1 
188 O  OD2 A ASP A 28 ? 0.21032 0.14939 0.24943 0.02232  -0.07422 0.03977  24  ASP A OD2 
189 O  OD2 B ASP A 28 ? 0.13575 0.20457 0.30344 -0.00491 -0.03180 0.02177  24  ASP A OD2 
190 N  N   . ALA A 29 ? 0.12164 0.14985 0.22144 -0.03386 -0.03946 0.05972  25  ALA A N   
191 C  CA  . ALA A 29 ? 0.16077 0.15409 0.18535 -0.02255 -0.01964 0.06035  25  ALA A CA  
192 C  C   . ALA A 29 ? 0.18192 0.16641 0.18610 -0.01945 -0.02411 0.05935  25  ALA A C   
193 O  O   . ALA A 29 ? 0.21448 0.22672 0.19872 0.02280  -0.03717 0.02511  25  ALA A O   
194 C  CB  . ALA A 29 ? 0.16922 0.17758 0.21970 -0.03835 -0.00163 0.09270  25  ALA A CB  
195 N  N   . CYS A 30 ? 0.13977 0.21046 0.21686 -0.03785 -0.01941 0.04602  26  CYS A N   
196 C  CA  . CYS A 30 ? 0.12776 0.21471 0.22796 -0.04635 -0.02965 0.02967  26  CYS A CA  
197 C  C   . CYS A 30 ? 0.12381 0.23046 0.22628 -0.04235 -0.03156 0.01932  26  CYS A C   
198 O  O   . CYS A 30 ? 0.14359 0.23351 0.20617 -0.05559 -0.04546 0.04739  26  CYS A O   
199 C  CB  . CYS A 30 ? 0.12424 0.22969 0.22752 -0.04814 -0.02992 0.04502  26  CYS A CB  
200 S  SG  . CYS A 30 ? 0.14438 0.17208 0.23200 -0.03599 -0.05031 0.05742  26  CYS A SG  
201 N  N   . LYS A 31 ? 0.13628 0.17341 0.21130 -0.02671 -0.02774 0.03566  27  LYS A N   
202 C  CA  . LYS A 31 ? 0.12640 0.15099 0.24518 -0.03954 -0.02446 0.02887  27  LYS A CA  
203 C  C   . LYS A 31 ? 0.11017 0.14942 0.28215 -0.04454 -0.03654 0.02880  27  LYS A C   
204 O  O   . LYS A 31 ? 0.13197 0.18084 0.34063 -0.03141 -0.03790 0.02793  27  LYS A O   
205 C  CB  . LYS A 31 ? 0.14673 0.18990 0.24656 -0.04058 -0.03039 0.02763  27  LYS A CB  
206 C  CG  . LYS A 31 ? 0.16989 0.21090 0.22581 -0.00771 -0.01462 0.06121  27  LYS A CG  
207 C  CD  . LYS A 31 ? 0.14331 0.19826 0.27444 -0.01978 -0.01306 0.05521  27  LYS A CD  
208 C  CE  . LYS A 31 ? 0.16915 0.22412 0.30393 0.00123  -0.03480 0.02668  27  LYS A CE  
209 N  NZ  . LYS A 31 ? 0.28669 0.30880 0.31629 0.09643  -0.08409 -0.02007 27  LYS A NZ  
210 N  N   . ASP A 32 ? 0.10883 0.20034 0.21136 -0.02412 -0.03190 0.03445  28  ASP A N   
211 C  CA  . ASP A 32 ? 0.11243 0.18653 0.20183 -0.01850 -0.04445 0.04284  28  ASP A CA  
212 C  C   . ASP A 32 ? 0.10796 0.12669 0.20839 -0.03662 -0.03551 0.05868  28  ASP A C   
213 O  O   . ASP A 32 ? 0.08730 0.18692 0.21198 -0.02137 -0.04115 0.03949  28  ASP A O   
214 C  CB  . ASP A 32 ? 0.15444 0.21037 0.20144 -0.01166 -0.05518 0.06244  28  ASP A CB  
215 C  CG  . ASP A 32 ? 0.17366 0.24418 0.25130 -0.03621 -0.05231 0.07602  28  ASP A CG  
216 O  OD1 . ASP A 32 ? 0.18977 0.27784 0.28997 -0.01913 -0.08168 0.01995  28  ASP A OD1 
217 O  OD2 . ASP A 32 ? 0.22190 0.31310 0.26892 -0.01421 -0.05743 0.11579  28  ASP A OD2 
218 N  N   . TRP A 33 ? 0.08708 0.16796 0.22158 -0.04023 -0.02363 0.05424  29  TRP A N   
219 C  CA  . TRP A 33 ? 0.07941 0.16422 0.24112 -0.02526 -0.01285 0.05323  29  TRP A CA  
220 C  C   . TRP A 33 ? 0.07398 0.14481 0.23477 -0.02576 -0.01704 0.03920  29  TRP A C   
221 O  O   . TRP A 33 ? 0.10493 0.15817 0.26051 -0.00863 -0.05325 0.04263  29  TRP A O   
222 C  CB  . TRP A 33 ? 0.11032 0.12913 0.25134 -0.04266 -0.01152 0.05406  29  TRP A CB  
223 C  CG  . TRP A 33 ? 0.11861 0.14660 0.23605 -0.02868 -0.01075 0.04779  29  TRP A CG  
224 C  CD1 . TRP A 33 ? 0.13433 0.14363 0.24887 -0.02288 -0.00496 0.05814  29  TRP A CD1 
225 C  CD2 . TRP A 33 ? 0.11952 0.14744 0.23576 -0.03268 -0.00289 0.05590  29  TRP A CD2 
226 N  NE1 . TRP A 33 ? 0.15645 0.13489 0.26878 -0.03400 -0.03401 0.02952  29  TRP A NE1 
227 C  CE2 . TRP A 33 ? 0.13195 0.15870 0.25013 -0.02498 -0.01819 0.02266  29  TRP A CE2 
228 C  CE3 . TRP A 33 ? 0.11105 0.18896 0.22311 -0.05141 -0.02065 0.05962  29  TRP A CE3 
229 C  CZ2 . TRP A 33 ? 0.13191 0.13885 0.26749 -0.04381 -0.00481 0.03612  29  TRP A CZ2 
230 C  CZ3 . TRP A 33 ? 0.09501 0.20773 0.22294 -0.04920 -0.01751 0.05909  29  TRP A CZ3 
231 C  CH2 . TRP A 33 ? 0.11237 0.21449 0.24221 -0.04492 -0.00235 0.04579  29  TRP A CH2 
232 N  N   . PHE A 34 ? 0.08685 0.11301 0.21816 -0.02350 -0.01485 0.02938  30  PHE A N   
233 C  CA  . PHE A 34 ? 0.08501 0.13855 0.18911 -0.02041 0.00656  0.03807  30  PHE A CA  
234 C  C   . PHE A 34 ? 0.10020 0.12413 0.20020 -0.02651 0.00012  0.07137  30  PHE A C   
235 O  O   . PHE A 34 ? 0.11767 0.13357 0.22590 -0.00321 -0.01012 0.09703  30  PHE A O   
236 C  CB  . PHE A 34 ? 0.10223 0.13203 0.20479 -0.03151 -0.00878 0.03655  30  PHE A CB  
237 C  CG  . PHE A 34 ? 0.11204 0.11730 0.19141 -0.04275 -0.01382 0.06526  30  PHE A CG  
238 C  CD1 . PHE A 34 ? 0.09625 0.15263 0.21347 -0.04545 -0.02513 0.06415  30  PHE A CD1 
239 C  CD2 . PHE A 34 ? 0.13314 0.13709 0.20154 -0.04955 -0.03083 0.08154  30  PHE A CD2 
240 C  CE1 . PHE A 34 ? 0.09793 0.16045 0.21064 -0.02708 -0.02574 0.05858  30  PHE A CE1 
241 C  CE2 . PHE A 34 ? 0.14898 0.16129 0.23189 -0.02389 -0.03907 0.09352  30  PHE A CE2 
242 C  CZ  . PHE A 34 ? 0.11711 0.20273 0.20674 -0.01264 -0.00710 0.07275  30  PHE A CZ  
243 N  N   . HIS A 35 ? 0.09167 0.13494 0.19934 -0.03395 0.00306  0.06538  31  HIS A N   
244 C  CA  . HIS A 35 ? 0.08738 0.12129 0.19821 -0.03265 -0.00384 0.06293  31  HIS A CA  
245 C  C   . HIS A 35 ? 0.09764 0.13236 0.20353 -0.03398 -0.02068 0.08238  31  HIS A C   
246 O  O   . HIS A 35 ? 0.10452 0.12210 0.22153 -0.03384 -0.02224 0.07730  31  HIS A O   
247 C  CB  . HIS A 35 ? 0.09130 0.12972 0.22086 -0.03862 -0.03652 0.05096  31  HIS A CB  
248 C  CG  . HIS A 35 ? 0.08353 0.14447 0.18117 -0.04174 -0.01174 0.06179  31  HIS A CG  
249 N  ND1 . HIS A 35 ? 0.07655 0.14862 0.22391 -0.03036 -0.02269 0.05792  31  HIS A ND1 
250 C  CD2 . HIS A 35 ? 0.08745 0.12909 0.20007 -0.04083 -0.00844 0.05399  31  HIS A CD2 
251 C  CE1 . HIS A 35 ? 0.09069 0.15101 0.25299 -0.02425 -0.02988 0.07438  31  HIS A CE1 
252 N  NE2 . HIS A 35 ? 0.09385 0.12344 0.24924 -0.03715 -0.02040 0.04881  31  HIS A NE2 
253 N  N   . GLY A 36 ? 0.10236 0.16975 0.21140 -0.02655 -0.03008 0.07933  32  GLY A N   
254 C  CA  . GLY A 36 ? 0.10236 0.14913 0.25019 -0.04591 -0.04772 0.04756  32  GLY A CA  
255 C  C   . GLY A 36 ? 0.12515 0.15163 0.23892 -0.06020 -0.03459 0.06880  32  GLY A C   
256 O  O   . GLY A 36 ? 0.13637 0.17501 0.23389 -0.07031 -0.04750 0.08153  32  GLY A O   
257 N  N   . SER A 37 ? 0.15229 0.15373 0.23302 -0.05904 -0.03414 0.07414  33  SER A N   
258 C  CA  . SER A 37 ? 0.16243 0.16882 0.24347 -0.07310 -0.01764 0.06130  33  SER A CA  
259 C  C   . SER A 37 ? 0.17032 0.14353 0.22393 -0.07677 -0.01105 0.04234  33  SER A C   
260 O  O   . SER A 37 ? 0.27852 0.16043 0.24875 -0.05720 -0.03176 0.01919  33  SER A O   
261 C  CB  . SER A 37 ? 0.17712 0.19244 0.25338 -0.06361 -0.01497 0.08179  33  SER A CB  
262 O  OG  . SER A 37 ? 0.17869 0.22336 0.31120 -0.05578 -0.02340 0.06384  33  SER A OG  
263 N  N   . CYS A 38 ? 0.12724 0.13499 0.22023 -0.04496 -0.02422 0.06114  34  CYS A N   
264 C  CA  . CYS A 38 ? 0.11310 0.10085 0.20830 -0.04085 -0.02234 0.05288  34  CYS A CA  
265 C  C   . CYS A 38 ? 0.10505 0.12964 0.23015 -0.04189 -0.02949 0.07170  34  CYS A C   
266 O  O   . CYS A 38 ? 0.13148 0.12754 0.23360 -0.04458 -0.01604 0.07475  34  CYS A O   
267 C  CB  . CYS A 38 ? 0.11222 0.13713 0.22434 -0.03984 -0.01465 0.05705  34  CYS A CB  
268 S  SG  . CYS A 38 ? 0.11822 0.13672 0.24484 -0.04639 -0.02661 0.07525  34  CYS A SG  
269 N  N   . VAL A 39 ? 0.08188 0.15765 0.25361 -0.02572 -0.02543 0.06912  35  VAL A N   
270 C  CA  . VAL A 39 ? 0.09198 0.16009 0.24584 -0.04560 -0.01149 0.04890  35  VAL A CA  
271 C  C   . VAL A 39 ? 0.09304 0.16174 0.26051 -0.04291 -0.00540 0.04917  35  VAL A C   
272 O  O   . VAL A 39 ? 0.11067 0.17292 0.27813 -0.05350 -0.01971 0.06188  35  VAL A O   
273 C  CB  . VAL A 39 ? 0.12372 0.15999 0.25798 -0.06093 -0.00827 0.05911  35  VAL A CB  
274 C  CG1 . VAL A 39 ? 0.15145 0.16524 0.25706 -0.07035 -0.00773 0.07040  35  VAL A CG1 
275 C  CG2 . VAL A 39 ? 0.13222 0.16493 0.28077 -0.05266 0.01025  0.07121  35  VAL A CG2 
276 N  N   . GLY A 40 ? 0.12503 0.15715 0.25140 -0.03631 -0.01142 0.07145  36  GLY A N   
277 C  CA  . GLY A 40 ? 0.14295 0.16292 0.27477 -0.04231 -0.04768 0.04787  36  GLY A CA  
278 C  C   . GLY A 40 ? 0.14364 0.19016 0.30516 -0.05648 -0.05351 0.07469  36  GLY A C   
279 O  O   . GLY A 40 ? 0.19956 0.22093 0.40628 -0.04209 -0.12357 0.04401  36  GLY A O   
280 N  N   . VAL A 41 ? 0.14415 0.15467 0.26704 -0.04683 -0.03439 0.09986  37  VAL A N   
281 C  CA  . VAL A 41 ? 0.14087 0.16393 0.25305 -0.04300 -0.02847 0.10160  37  VAL A CA  
282 C  C   . VAL A 41 ? 0.16133 0.16549 0.24952 -0.04850 -0.04786 0.09511  37  VAL A C   
283 O  O   . VAL A 41 ? 0.13926 0.22372 0.26332 -0.06849 -0.04762 0.11563  37  VAL A O   
284 C  CB  . VAL A 41 ? 0.13871 0.16505 0.26659 -0.03879 -0.01363 0.10006  37  VAL A CB  
285 C  CG1 . VAL A 41 ? 0.15607 0.16495 0.28766 -0.01322 -0.01933 0.09972  37  VAL A CG1 
286 C  CG2 . VAL A 41 ? 0.15026 0.20065 0.29334 -0.03093 -0.00422 0.10914  37  VAL A CG2 
287 N  N   . GLU A 42 ? 0.15179 0.22638 0.23633 -0.06447 -0.04580 0.10558  38  GLU A N   
288 C  CA  . GLU A 42 ? 0.22924 0.22275 0.23449 -0.06278 -0.08296 0.10080  38  GLU A CA  
289 C  C   . GLU A 42 ? 0.17685 0.23585 0.24653 -0.07948 -0.05518 0.12237  38  GLU A C   
290 O  O   . GLU A 42 ? 0.16096 0.22846 0.29368 -0.06938 -0.05683 0.12788  38  GLU A O   
291 C  CB  . GLU A 42 ? 0.32829 0.30196 0.25977 -0.02872 -0.09729 0.09600  38  GLU A CB  
292 C  CG  . GLU A 42 ? 0.47154 0.31834 0.36925 0.01070  -0.14523 0.07180  38  GLU A CG  
293 C  CD  . GLU A 42 ? 0.59040 0.44503 0.47017 0.06762  -0.16000 0.06943  38  GLU A CD  
294 O  OE1 . GLU A 42 ? 0.62151 0.50982 0.49101 0.08740  -0.15538 0.07739  38  GLU A OE1 
295 O  OE2 . GLU A 42 ? 0.62438 0.52585 0.53125 0.08038  -0.17687 0.02821  38  GLU A OE2 
296 N  N   . GLU A 43 ? 0.19562 0.23570 0.25290 -0.07148 -0.06935 0.12150  39  GLU A N   
297 C  CA  . GLU A 43 ? 0.15154 0.22707 0.26213 -0.07484 -0.05726 0.12355  39  GLU A CA  
298 C  C   . GLU A 43 ? 0.15997 0.26372 0.27717 -0.06818 -0.06429 0.13774  39  GLU A C   
299 O  O   . GLU A 43 ? 0.14792 0.27774 0.33516 -0.06717 -0.06811 0.13104  39  GLU A O   
300 C  CB  . GLU A 43 ? 0.16093 0.23513 0.26382 -0.07437 -0.05138 0.13090  39  GLU A CB  
301 C  CG  . GLU A 43 ? 0.17544 0.25045 0.29136 -0.07036 -0.02643 0.13835  39  GLU A CG  
302 C  CD  . GLU A 43 ? 0.25044 0.24204 0.38883 -0.05037 -0.03414 0.16213  39  GLU A CD  
303 O  OE1 . GLU A 43 ? 0.21909 0.36874 0.41947 -0.02813 -0.01606 0.19290  39  GLU A OE1 
304 O  OE2 . GLU A 43 ? 0.27031 0.28485 0.44809 -0.08207 -0.04181 0.11094  39  GLU A OE2 
305 N  N   . GLU A 44 ? 0.17563 0.31009 0.25610 -0.06989 -0.07471 0.14272  40  GLU A N   
306 C  CA  . GLU A 44 ? 0.19853 0.36252 0.28904 -0.05651 -0.07459 0.13329  40  GLU A CA  
307 C  C   . GLU A 44 ? 0.18696 0.33025 0.33007 -0.05888 -0.08863 0.11867  40  GLU A C   
308 O  O   . GLU A 44 ? 0.21866 0.34492 0.36369 -0.04018 -0.12048 0.11648  40  GLU A O   
309 C  CB  . GLU A 44 ? 0.21458 0.52130 0.29437 -0.03524 -0.04256 0.13792  40  GLU A CB  
310 C  CG  . GLU A 44 ? 0.34793 0.62164 0.38972 0.03039  -0.05384 0.11171  40  GLU A CG  
311 C  CD  . GLU A 44 ? 0.41749 0.70381 0.45712 0.05840  -0.03569 0.11254  40  GLU A CD  
312 O  OE1 . GLU A 44 ? 0.44974 0.65117 0.40525 0.04543  -0.01416 0.16887  40  GLU A OE1 
313 O  OE2 . GLU A 44 ? 0.42434 0.77675 0.51746 0.06767  -0.02944 0.08981  40  GLU A OE2 
314 N  N   . GLU A 45 ? 0.16058 0.31849 0.31893 -0.07735 -0.06878 0.11130  41  GLU A N   
315 C  CA  . GLU A 45 ? 0.19572 0.31581 0.34604 -0.05007 -0.07785 0.08512  41  GLU A CA  
316 C  C   . GLU A 45 ? 0.13572 0.30200 0.27921 -0.05777 -0.06464 0.10280  41  GLU A C   
317 O  O   . GLU A 45 ? 0.12634 0.33174 0.29879 -0.05075 -0.05251 0.10134  41  GLU A O   
318 C  CB  . GLU A 45 ? 0.22931 0.31896 0.40169 -0.08354 -0.05330 0.08160  41  GLU A CB  
319 C  CG  . GLU A 45 ? 0.29865 0.34761 0.45184 -0.09164 -0.08025 0.07110  41  GLU A CG  
320 C  CD  . GLU A 45 ? 0.27320 0.37454 0.47199 -0.14028 -0.08259 0.07004  41  GLU A CD  
321 O  OE1 . GLU A 45 ? 0.26042 0.36532 0.46952 -0.15605 -0.08877 0.04455  41  GLU A OE1 
322 O  OE2 . GLU A 45 ? 0.31977 0.43575 0.50501 -0.12625 -0.10767 0.04931  41  GLU A OE2 
323 N  N   . ALA A 46 ? 0.14293 0.27531 0.29383 -0.06603 -0.08231 0.06490  42  ALA A N   
324 C  CA  . ALA A 46 ? 0.12858 0.29712 0.29795 -0.06788 -0.06238 0.04618  42  ALA A CA  
325 C  C   . ALA A 46 ? 0.16933 0.29425 0.30669 -0.07126 -0.06725 0.10631  42  ALA A C   
326 O  O   . ALA A 46 ? 0.17423 0.35499 0.29963 -0.07818 -0.08837 0.10994  42  ALA A O   
327 C  CB  . ALA A 46 ? 0.16214 0.37415 0.32852 -0.04828 -0.07760 0.02765  42  ALA A CB  
328 N  N   . PRO A 47 ? 0.19553 0.28491 0.30551 -0.06270 -0.06098 0.12443  43  PRO A N   
329 C  CA  . PRO A 47 ? 0.21863 0.28293 0.33032 -0.02979 -0.07337 0.10868  43  PRO A CA  
330 C  C   . PRO A 47 ? 0.19585 0.29149 0.32331 -0.02460 -0.06160 0.11222  43  PRO A C   
331 O  O   . PRO A 47 ? 0.23028 0.35266 0.36158 0.01604  -0.06389 0.08725  43  PRO A O   
332 C  CB  . PRO A 47 ? 0.24708 0.31457 0.33460 -0.01375 -0.06965 0.10471  43  PRO A CB  
333 C  CG  . PRO A 47 ? 0.24757 0.31841 0.32688 -0.02574 -0.06134 0.09987  43  PRO A CG  
334 C  CD  . PRO A 47 ? 0.20918 0.32750 0.29675 -0.04229 -0.03947 0.12953  43  PRO A CD  
335 N  N   . ASP A 48 ? 0.16126 0.25618 0.28666 -0.04125 -0.05554 0.13656  44  ASP A N   
336 C  CA  . ASP A 48 ? 0.12324 0.32319 0.28988 -0.03391 -0.03969 0.11965  44  ASP A CA  
337 C  C   . ASP A 48 ? 0.11258 0.25581 0.27845 -0.03342 -0.04438 0.12760  44  ASP A C   
338 O  O   . ASP A 48 ? 0.11615 0.29082 0.29434 -0.02053 -0.05171 0.10549  44  ASP A O   
339 C  CB  . ASP A 48 ? 0.17049 0.42056 0.28694 -0.05896 -0.03747 0.09588  44  ASP A CB  
340 C  CG  . ASP A 48 ? 0.22154 0.51655 0.33232 -0.04936 -0.04875 0.06716  44  ASP A CG  
341 O  OD1 . ASP A 48 ? 0.26244 0.43817 0.33354 -0.06278 -0.06434 0.09868  44  ASP A OD1 
342 O  OD2 . ASP A 48 ? 0.25494 0.61979 0.37906 -0.01366 -0.05536 0.02742  44  ASP A OD2 
343 N  N   . ILE A 49 ? 0.12402 0.26620 0.27306 -0.03807 -0.06324 0.11430  45  ILE A N   
344 C  CA  . ILE A 49 ? 0.12242 0.24304 0.28528 -0.03481 -0.04713 0.11074  45  ILE A CA  
345 C  C   . ILE A 49 ? 0.16902 0.20508 0.28935 -0.03905 -0.03007 0.11062  45  ILE A C   
346 O  O   . ILE A 49 ? 0.21885 0.21510 0.37147 -0.03409 -0.01961 0.09242  45  ILE A O   
347 C  CB  . ILE A 49 ? 0.11152 0.30552 0.25868 -0.01973 -0.04802 0.09343  45  ILE A CB  
348 C  CG1 . ILE A 49 ? 0.13174 0.32626 0.25953 -0.00060 -0.05588 0.10488  45  ILE A CG1 
349 C  CG2 . ILE A 49 ? 0.16623 0.35394 0.25360 -0.00173 -0.05563 0.09028  45  ILE A CG2 
350 C  CD1 . ILE A 49 ? 0.11432 0.34859 0.27408 0.00359  -0.04657 0.07555  45  ILE A CD1 
351 N  N   . ASP A 50 ? 0.16545 0.20943 0.27105 -0.00276 -0.04827 0.10284  46  ASP A N   
352 C  CA  . ASP A 50 ? 0.17914 0.20766 0.27681 0.00466  -0.07779 0.08690  46  ASP A CA  
353 C  C   . ASP A 50 ? 0.17244 0.16726 0.27484 -0.01637 -0.08419 0.07911  46  ASP A C   
354 O  O   . ASP A 50 ? 0.21652 0.19963 0.30340 0.00687  -0.09806 0.06121  46  ASP A O   
355 C  CB  . ASP A 50 ? 0.16647 0.27280 0.29808 0.02757  -0.05991 0.07888  46  ASP A CB  
356 C  CG  . ASP A 50 ? 0.26841 0.36478 0.33901 0.09136  -0.08153 0.07617  46  ASP A CG  
357 O  OD1 . ASP A 50 ? 0.35651 0.32965 0.39165 0.11629  -0.10513 0.05550  46  ASP A OD1 
358 O  OD2 . ASP A 50 ? 0.29231 0.44320 0.38627 0.12803  -0.10015 0.04058  46  ASP A OD2 
359 N  N   . ILE A 51 ? 0.13375 0.18376 0.23773 -0.01015 -0.07225 0.08813  47  ILE A N   
360 C  CA  . ILE A 51 ? 0.12240 0.17492 0.24269 -0.00538 -0.06338 0.06182  47  ILE A CA  
361 C  C   . ILE A 51 ? 0.12229 0.12935 0.25159 -0.01934 -0.05976 0.06725  47  ILE A C   
362 O  O   . ILE A 51 ? 0.11994 0.15592 0.28398 -0.01294 -0.07173 0.04697  47  ILE A O   
363 C  CB  . ILE A 51 ? 0.15808 0.20770 0.24642 0.01295  -0.04327 0.06810  47  ILE A CB  
364 C  CG1 . ILE A 51 ? 0.20605 0.26719 0.26409 0.05571  -0.00321 0.07735  47  ILE A CG1 
365 C  CG2 . ILE A 51 ? 0.19001 0.24099 0.25435 0.02041  -0.06832 0.04621  47  ILE A CG2 
366 C  CD1 . ILE A 51 ? 0.20525 0.37278 0.29789 0.08594  0.00392  0.05256  47  ILE A CD1 
367 N  N   . TYR A 52 ? 0.11594 0.14198 0.23893 -0.02339 -0.04721 0.05588  48  TYR A N   
368 C  CA  . TYR A 52 ? 0.11400 0.13716 0.22846 -0.02228 -0.04808 0.06984  48  TYR A CA  
369 C  C   . TYR A 52 ? 0.10881 0.14567 0.19875 -0.04214 -0.04536 0.08194  48  TYR A C   
370 O  O   . TYR A 52 ? 0.11403 0.15196 0.21965 -0.03768 -0.06212 0.05705  48  TYR A O   
371 C  CB  . TYR A 52 ? 0.11949 0.16141 0.24939 -0.03153 -0.05045 0.07612  48  TYR A CB  
372 C  CG  . TYR A 52 ? 0.09997 0.18397 0.22346 -0.04473 -0.03293 0.08870  48  TYR A CG  
373 C  CD1 . TYR A 52 ? 0.12922 0.14990 0.23226 -0.04455 -0.04616 0.09349  48  TYR A CD1 
374 C  CD2 . TYR A 52 ? 0.09419 0.19381 0.20362 -0.04951 -0.02047 0.07829  48  TYR A CD2 
375 C  CE1 . TYR A 52 ? 0.12273 0.18390 0.22218 -0.02178 -0.02034 0.10373  48  TYR A CE1 
376 C  CE2 . TYR A 52 ? 0.09430 0.26679 0.19040 -0.03030 -0.00609 0.09961  48  TYR A CE2 
377 C  CZ  . TYR A 52 ? 0.13212 0.23702 0.21187 0.00424  -0.00682 0.12975  48  TYR A CZ  
378 O  OH  . TYR A 52 ? 0.14729 0.27376 0.25454 0.01163  -0.00323 0.11465  48  TYR A OH  
379 N  N   . HIS A 53 ? 0.10945 0.14568 0.20677 -0.03405 -0.04919 0.08591  49  HIS A N   
380 C  CA  . HIS A 53 ? 0.13693 0.14252 0.19190 -0.01787 -0.03604 0.05836  49  HIS A CA  
381 C  C   . HIS A 53 ? 0.15460 0.13199 0.17806 -0.00343 -0.02917 0.05590  49  HIS A C   
382 O  O   . HIS A 53 ? 0.17336 0.15620 0.19018 -0.00439 -0.03507 0.05368  49  HIS A O   
383 C  CB  . HIS A 53 ? 0.14868 0.15147 0.21280 -0.03308 -0.01575 0.07563  49  HIS A CB  
384 C  CG  . HIS A 53 ? 0.11692 0.18532 0.20063 -0.01873 -0.02557 0.07973  49  HIS A CG  
385 N  ND1 . HIS A 53 ? 0.12335 0.22105 0.21511 -0.02771 -0.01617 0.07854  49  HIS A ND1 
386 C  CD2 . HIS A 53 ? 0.16732 0.15440 0.23047 0.00154  -0.04904 0.04526  49  HIS A CD2 
387 C  CE1 . HIS A 53 ? 0.14470 0.21218 0.21544 -0.01241 -0.01407 0.06996  49  HIS A CE1 
388 N  NE2 . HIS A 53 ? 0.17728 0.17685 0.22848 0.00019  -0.04028 0.06076  49  HIS A NE2 
389 N  N   . CYS A 54 ? 0.12789 0.12201 0.19332 -0.01461 -0.03439 0.07249  50  CYS A N   
390 C  CA  . CYS A 54 ? 0.12425 0.11708 0.22285 -0.02641 -0.03041 0.06821  50  CYS A CA  
391 C  C   . CYS A 54 ? 0.10620 0.10350 0.19716 -0.03038 -0.01350 0.06520  50  CYS A C   
392 O  O   . CYS A 54 ? 0.12698 0.10445 0.21550 -0.02405 -0.01992 0.05947  50  CYS A O   
393 C  CB  . CYS A 54 ? 0.14348 0.14308 0.22893 -0.00593 -0.04091 0.07195  50  CYS A CB  
394 S  SG  . CYS A 54 ? 0.12518 0.15335 0.22260 -0.02223 -0.03310 0.07412  50  CYS A SG  
395 N  N   . PRO A 55 ? 0.12981 0.10966 0.19356 -0.01847 -0.01625 0.05729  51  PRO A N   
396 C  CA  . PRO A 55 ? 0.14637 0.11150 0.19340 -0.01377 0.00687  0.06342  51  PRO A CA  
397 C  C   . PRO A 55 ? 0.14746 0.12121 0.21504 -0.01231 0.01082  0.07231  51  PRO A C   
398 O  O   . PRO A 55 ? 0.16032 0.13961 0.23771 -0.01930 0.01559  0.07857  51  PRO A O   
399 C  CB  . PRO A 55 ? 0.15416 0.10870 0.20921 -0.00043 0.01743  0.05960  51  PRO A CB  
400 C  CG  . PRO A 55 ? 0.18052 0.10383 0.22123 -0.01042 -0.02051 0.05950  51  PRO A CG  
401 C  CD  . PRO A 55 ? 0.12446 0.15045 0.20738 -0.01119 0.00179  0.08066  51  PRO A CD  
402 N  N   A ASN A 56 ? 0.15419 0.16605 0.19216 0.00282  -0.00304 0.06251  52  ASN A N   
403 N  N   B ASN A 56 ? 0.17720 0.17313 0.20214 0.00414  0.00289  0.06641  52  ASN A N   
404 C  CA  A ASN A 56 ? 0.20151 0.18309 0.17560 0.02190  -0.01904 0.05768  52  ASN A CA  
405 C  CA  B ASN A 56 ? 0.22433 0.21746 0.19860 0.01933  -0.00396 0.06355  52  ASN A CA  
406 C  C   A ASN A 56 ? 0.17718 0.17028 0.17498 -0.02759 -0.01105 0.05150  52  ASN A C   
407 C  C   B ASN A 56 ? 0.20699 0.20208 0.17601 -0.01560 0.00619  0.06065  52  ASN A C   
408 O  O   A ASN A 56 ? 0.23409 0.09508 0.17289 -0.04849 -0.03244 0.04510  52  ASN A O   
409 O  O   B ASN A 56 ? 0.27645 0.22973 0.17193 -0.00265 -0.00141 0.03330  52  ASN A O   
410 C  CB  A ASN A 56 ? 0.24656 0.25033 0.17116 0.06000  -0.03101 0.04060  52  ASN A CB  
411 C  CB  B ASN A 56 ? 0.28189 0.30425 0.22942 0.06250  -0.01208 0.05069  52  ASN A CB  
412 C  CG  A ASN A 56 ? 0.27413 0.31674 0.21769 0.07480  -0.03053 -0.00544 52  ASN A CG  
413 C  CG  B ASN A 56 ? 0.32118 0.22841 0.25206 0.04876  0.00705  0.06180  52  ASN A CG  
414 O  OD1 A ASN A 56 ? 0.26462 0.36422 0.28355 0.07051  -0.06644 -0.07400 52  ASN A OD1 
415 O  OD1 B ASN A 56 ? 0.34563 0.23972 0.27915 0.04664  0.02531  0.05696  52  ASN A OD1 
416 N  ND2 A ASN A 56 ? 0.30263 0.35188 0.27916 0.11325  -0.02890 -0.03325 52  ASN A ND2 
417 N  ND2 B ASN A 56 ? 0.30849 0.23812 0.27451 0.04753  0.00861  0.04728  52  ASN A ND2 
418 N  N   . CYS A 57 ? 0.15617 0.17744 0.20127 -0.03087 0.00144  0.06693  53  CYS A N   
419 C  CA  . CYS A 57 ? 0.15774 0.18509 0.21434 -0.04417 0.00907  0.05343  53  CYS A CA  
420 C  C   . CYS A 57 ? 0.15000 0.14715 0.24633 -0.05991 0.02979  0.04877  53  CYS A C   
421 O  O   . CYS A 57 ? 0.14763 0.18918 0.24383 -0.06429 0.03286  0.04114  53  CYS A O   
422 C  CB  . CYS A 57 ? 0.17451 0.13480 0.22223 -0.06153 -0.02739 0.05995  53  CYS A CB  
423 S  SG  . CYS A 57 ? 0.17397 0.18226 0.22737 -0.04624 -0.03362 0.08143  53  CYS A SG  
424 N  N   . GLU A 58 ? 0.15427 0.19356 0.26961 -0.05156 0.03392  0.03421  54  GLU A N   
425 C  CA  . GLU A 58 ? 0.14560 0.24892 0.30675 -0.08945 0.02571  -0.00698 54  GLU A CA  
426 C  C   . GLU A 58 ? 0.18072 0.24266 0.32781 -0.07607 0.03196  -0.00687 54  GLU A C   
427 O  O   . GLU A 58 ? 0.18139 0.24224 0.36754 -0.09411 0.03074  -0.00852 54  GLU A O   
428 C  CB  . GLU A 58 ? 0.19359 0.33324 0.32115 -0.06891 -0.00918 -0.04595 54  GLU A CB  
429 C  CG  . GLU A 58 ? 0.28924 0.40975 0.35846 -0.00175 -0.03354 -0.04873 54  GLU A CG  
430 C  CD  . GLU A 58 ? 0.39076 0.44417 0.37111 0.07202  -0.05317 -0.03311 54  GLU A CD  
431 O  OE1 . GLU A 58 ? 0.42903 0.50002 0.30792 0.05975  -0.05390 0.01787  54  GLU A OE1 
432 O  OE2 . GLU A 58 ? 0.39712 0.49373 0.39614 0.09983  -0.04547 -0.01367 54  GLU A OE2 
433 N  N   . LYS A 59 ? 0.23177 0.15634 0.30195 -0.06470 0.04060  0.04762  55  LYS A N   
434 C  CA  . LYS A 59 ? 0.25599 0.14392 0.29084 -0.02050 0.05247  0.04755  55  LYS A CA  
435 C  C   . LYS A 59 ? 0.22862 0.15082 0.29449 -0.04044 0.06177  0.04464  55  LYS A C   
436 O  O   . LYS A 59 ? 0.24370 0.19135 0.35314 -0.04606 0.05508  0.04239  55  LYS A O   
437 C  CB  . LYS A 59 ? 0.28342 0.15793 0.29280 0.00780  0.03081  0.03876  55  LYS A CB  
438 C  CG  . LYS A 59 ? 0.27501 0.15444 0.34207 -0.00702 0.01280  0.03612  55  LYS A CG  
439 C  CD  . LYS A 59 ? 0.26173 0.17039 0.31791 -0.01409 0.01860  0.06519  55  LYS A CD  
440 C  CE  . LYS A 59 ? 0.23681 0.21330 0.32946 0.01752  0.00955  0.03978  55  LYS A CE  
441 N  NZ  . LYS A 59 ? 0.18872 0.17285 0.29607 -0.00462 0.01540  0.03726  55  LYS A NZ  
442 N  N   . THR A 60 ? 0.25968 0.13238 0.30014 -0.01157 0.00843  0.03705  56  THR A N   
443 C  CA  . THR A 60 ? 0.27297 0.13426 0.27588 -0.01223 -0.00306 0.04571  56  THR A CA  
444 C  C   . THR A 60 ? 0.22970 0.15911 0.25433 -0.03173 0.02266  0.04935  56  THR A C   
445 O  O   . THR A 60 ? 0.26319 0.19526 0.25100 -0.00692 0.05483  0.09160  56  THR A O   
446 C  CB  . THR A 60 ? 0.30533 0.21015 0.26660 0.01441  -0.02716 0.06540  56  THR A CB  
447 O  OG1 . THR A 60 ? 0.27863 0.23135 0.30142 0.00963  -0.07087 0.01272  56  THR A OG1 
448 C  CG2 . THR A 60 ? 0.37738 0.26104 0.27095 0.07807  -0.04571 0.06605  56  THR A CG2 
449 N  N   . HIS A 61 ? 0.18381 0.16961 0.21243 -0.05299 0.01096  0.06376  57  HIS A N   
450 C  CA  . HIS A 61 ? 0.19102 0.16815 0.22308 -0.04937 -0.00507 0.04426  57  HIS A CA  
451 C  C   . HIS A 61 ? 0.18073 0.20969 0.23522 -0.04457 -0.00419 0.04629  57  HIS A C   
452 O  O   . HIS A 61 ? 0.17668 0.23171 0.27275 -0.04098 -0.03034 0.03802  57  HIS A O   
453 C  CB  . HIS A 61 ? 0.17850 0.13875 0.21166 -0.04486 -0.00209 0.04105  57  HIS A CB  
454 C  CG  . HIS A 61 ? 0.19132 0.13061 0.21830 -0.04236 0.00983  0.05349  57  HIS A CG  
455 N  ND1 . HIS A 61 ? 0.19957 0.16235 0.22560 -0.01845 0.01335  0.05384  57  HIS A ND1 
456 C  CD2 . HIS A 61 ? 0.20633 0.17156 0.22132 -0.05569 0.00849  0.03333  57  HIS A CD2 
457 C  CE1 . HIS A 61 ? 0.21370 0.17553 0.21686 -0.02159 0.00432  0.03491  57  HIS A CE1 
458 N  NE2 . HIS A 61 ? 0.21264 0.21081 0.21584 -0.04958 0.00393  0.03203  57  HIS A NE2 
459 N  N   . GLY A 62 ? 0.18781 0.21847 0.22502 -0.07087 -0.01071 0.03659  58  GLY A N   
460 C  CA  . GLY A 62 ? 0.18061 0.24388 0.22095 -0.07887 -0.00856 0.02358  58  GLY A CA  
461 C  C   . GLY A 62 ? 0.17388 0.19697 0.21767 -0.06688 -0.01329 0.06222  58  GLY A C   
462 O  O   . GLY A 62 ? 0.15809 0.22779 0.24518 -0.08905 -0.01963 0.05984  58  GLY A O   
463 N  N   . LYS A 63 ? 0.16463 0.17362 0.25067 -0.04467 -0.03778 0.05325  59  LYS A N   
464 C  CA  . LYS A 63 ? 0.13547 0.17679 0.23566 -0.05255 -0.02719 0.07231  59  LYS A CA  
465 C  C   . LYS A 63 ? 0.14486 0.13715 0.28444 -0.03865 -0.04478 0.05425  59  LYS A C   
466 O  O   . LYS A 63 ? 0.19399 0.17932 0.26920 -0.01271 0.00063  0.07153  59  LYS A O   
467 C  CB  . LYS A 63 ? 0.18723 0.16439 0.25006 -0.05844 -0.05507 0.06360  59  LYS A CB  
468 C  CG  . LYS A 63 ? 0.25123 0.16973 0.27612 -0.05635 -0.06664 0.06427  59  LYS A CG  
469 C  CD  . LYS A 63 ? 0.33930 0.18956 0.34057 -0.02128 -0.10200 0.05415  59  LYS A CD  
470 C  CE  . LYS A 63 ? 0.37936 0.30683 0.40979 0.00676  -0.12962 0.00961  59  LYS A CE  
471 N  NZ  . LYS A 63 ? 0.38852 0.40899 0.45114 0.03206  -0.13098 -0.00961 59  LYS A NZ  
472 N  N   . SER A 64 ? 0.11491 0.16156 0.25955 -0.04233 -0.06454 0.06481  60  SER A N   
473 C  CA  . SER A 64 ? 0.09932 0.15398 0.26385 -0.03318 -0.05246 0.08148  60  SER A CA  
474 C  C   . SER A 64 ? 0.09698 0.19538 0.26482 -0.03184 -0.05159 0.06816  60  SER A C   
475 O  O   . SER A 64 ? 0.12497 0.19170 0.27798 -0.03535 -0.07169 0.07359  60  SER A O   
476 C  CB  . SER A 64 ? 0.10509 0.16084 0.24071 -0.03655 -0.06271 0.07732  60  SER A CB  
477 O  OG  . SER A 64 ? 0.10918 0.15546 0.25129 -0.04012 -0.06427 0.06769  60  SER A OG  
478 N  N   . THR A 65 ? 0.12422 0.16481 0.27784 -0.03147 -0.06912 0.09800  61  THR A N   
479 C  CA  . THR A 65 ? 0.13571 0.17593 0.27973 -0.02060 -0.07414 0.09296  61  THR A CA  
480 C  C   . THR A 65 ? 0.11404 0.20892 0.26401 -0.02949 -0.07226 0.07202  61  THR A C   
481 O  O   . THR A 65 ? 0.14761 0.19954 0.27211 -0.04607 -0.09135 0.09875  61  THR A O   
482 C  CB  . THR A 65 ? 0.16376 0.23422 0.30371 0.02459  -0.05845 0.11171  61  THR A CB  
483 O  OG1 . THR A 65 ? 0.17472 0.29880 0.34265 0.02804  -0.03300 0.12138  61  THR A OG1 
484 C  CG2 . THR A 65 ? 0.18027 0.29902 0.32753 0.05074  -0.08522 0.06739  61  THR A CG2 
485 N  N   . LEU A 66 ? 0.14112 0.18388 0.25725 -0.02929 -0.08337 0.08369  62  LEU A N   
486 C  CA  . LEU A 66 ? 0.13135 0.21606 0.24987 -0.02189 -0.08014 0.07161  62  LEU A CA  
487 C  C   . LEU A 66 ? 0.12634 0.19567 0.24216 -0.03959 -0.08155 0.07663  62  LEU A C   
488 O  O   . LEU A 66 ? 0.12489 0.22135 0.30162 -0.03738 -0.07275 0.10160  62  LEU A O   
489 C  CB  . LEU A 66 ? 0.17870 0.26300 0.29128 -0.02480 -0.05390 0.07175  62  LEU A CB  
490 C  CG  . LEU A 66 ? 0.23929 0.26496 0.31648 -0.01091 -0.04765 0.04603  62  LEU A CG  
491 C  CD1 . LEU A 66 ? 0.25777 0.28944 0.33913 0.00301  -0.05225 0.02457  62  LEU A CD1 
492 C  CD2 . LEU A 66 ? 0.24235 0.30433 0.33271 -0.01224 -0.03629 0.04243  62  LEU A CD2 
493 N  N   . LYS A 67 ? 0.12442 0.20531 0.27463 -0.03629 -0.07383 0.10277  63  LYS A N   
494 C  CA  . LYS A 67 ? 0.12910 0.24521 0.26655 -0.01358 -0.05017 0.12205  63  LYS A CA  
495 C  C   . LYS A 67 ? 0.11051 0.25461 0.27657 -0.02480 -0.05065 0.10709  63  LYS A C   
496 O  O   . LYS A 67 ? 0.11572 0.26938 0.31485 -0.03986 -0.04177 0.11122  63  LYS A O   
497 C  CB  . LYS A 67 ? 0.16899 0.30709 0.32535 0.03718  -0.04462 0.08438  63  LYS A CB  
498 C  CG  . LYS A 67 ? 0.24517 0.42642 0.38155 0.07730  -0.05628 0.03077  63  LYS A CG  
499 C  CD  . LYS A 67 ? 0.32140 0.49131 0.43530 0.11961  -0.02914 0.02729  63  LYS A CD  
500 C  CE  . LYS A 67 ? 0.38394 0.53596 0.46388 0.13424  -0.00086 0.03122  63  LYS A CE  
501 N  NZ  . LYS A 67 ? 0.44469 0.57388 0.48401 0.14141  -0.00095 0.02943  63  LYS A NZ  
502 N  N   . LYS A 68 ? 0.12627 0.29114 0.27739 -0.01131 -0.04872 0.12458  64  LYS A N   
503 C  CA  . LYS A 68 ? 0.16256 0.32464 0.30379 0.01682  -0.04354 0.11337  64  LYS A CA  
504 C  C   . LYS A 68 ? 0.13400 0.28395 0.28892 -0.02780 -0.04972 0.10510  64  LYS A C   
505 O  O   . LYS A 68 ? 0.12856 0.29293 0.29400 -0.05937 -0.04767 0.12307  64  LYS A O   
506 C  CB  . LYS A 68 ? 0.27286 0.38969 0.35666 0.07356  -0.07165 0.08384  64  LYS A CB  
507 C  CG  . LYS A 68 ? 0.26947 0.41204 0.39693 0.04996  -0.05979 0.07193  64  LYS A CG  
508 C  CD  . LYS A 68 ? 0.32016 0.50135 0.46084 0.08779  -0.06208 0.04217  64  LYS A CD  
509 C  CE  . LYS A 68 ? 0.33650 0.57248 0.51643 0.10316  -0.06325 0.01551  64  LYS A CE  
510 N  NZ  . LYS A 68 ? 0.36634 0.61607 0.55197 0.14253  -0.06792 0.01171  64  LYS A NZ  
511 N  N   . LYS A 69 ? 0.13950 0.26369 0.25274 -0.05679 -0.07467 0.11090  65  LYS A N   
512 C  CA  . LYS A 69 ? 0.12859 0.29289 0.23691 -0.05695 -0.04928 0.13007  65  LYS A CA  
513 C  C   . LYS A 69 ? 0.15161 0.29857 0.28948 -0.04750 -0.05537 0.10562  65  LYS A C   
514 O  O   . LYS A 69 ? 0.13796 0.40702 0.30975 -0.04669 -0.05957 0.07150  65  LYS A O   
515 C  CB  . LYS A 69 ? 0.18698 0.28035 0.27016 -0.04539 -0.06855 0.10486  65  LYS A CB  
516 C  CG  . LYS A 69 ? 0.22362 0.33808 0.33351 -0.02664 -0.08610 0.06332  65  LYS A CG  
517 C  CD  . LYS A 69 ? 0.26628 0.38860 0.38331 -0.02115 -0.09078 0.01941  65  LYS A CD  
518 C  CE  . LYS A 69 ? 0.29525 0.42097 0.44553 -0.00252 -0.08099 0.00480  65  LYS A CE  
519 N  NZ  . LYS A 69 ? 0.30058 0.44057 0.48494 0.01100  -0.05542 0.00800  65  LYS A NZ  
520 N  N   . ARG A 70 ? 0.11963 0.25731 0.30517 -0.05746 -0.04984 0.08020  66  ARG A N   
521 C  CA  . ARG A 70 ? 0.16165 0.22827 0.32520 -0.07251 -0.07131 0.10526  66  ARG A CA  
522 C  C   . ARG A 70 ? 0.17898 0.24565 0.29849 -0.06042 -0.08639 0.08493  66  ARG A C   
523 O  O   . ARG A 70 ? 0.18001 0.28375 0.27192 -0.04385 -0.06813 0.10326  66  ARG A O   
524 C  CB  . ARG A 70 ? 0.26000 0.27725 0.33614 -0.04071 -0.10063 0.10568  66  ARG A CB  
525 C  CG  . ARG A 70 ? 0.34563 0.37277 0.40645 0.03498  -0.11138 0.07181  66  ARG A CG  
526 C  CD  . ARG A 70 ? 0.42313 0.50706 0.45896 0.12132  -0.10803 0.05319  66  ARG A CD  
527 N  NE  . ARG A 70 ? 0.47083 0.58550 0.49262 0.17224  -0.10391 0.04784  66  ARG A NE  
528 C  CZ  . ARG A 70 ? 0.49168 0.63234 0.52078 0.19147  -0.09220 0.03779  66  ARG A CZ  
529 N  NH1 . ARG A 70 ? 0.47572 0.65698 0.54319 0.17993  -0.07625 0.03301  66  ARG A NH1 
530 N  NH2 . ARG A 70 ? 0.50080 0.61866 0.50030 0.20525  -0.07640 0.04901  66  ARG A NH2 
531 N  N   . THR A 71 ? 0.18865 0.27034 0.26684 -0.07560 -0.07557 0.09203  67  THR A N   
532 C  CA  . THR A 71 ? 0.24636 0.25731 0.30360 -0.07113 -0.09739 0.08835  67  THR A CA  
533 C  C   . THR A 71 ? 0.16607 0.27734 0.29414 -0.09274 -0.05722 0.10270  67  THR A C   
534 O  O   . THR A 71 ? 0.20292 0.32495 0.35313 -0.03215 -0.08394 0.07349  67  THR A O   
535 C  CB  . THR A 71 ? 0.35256 0.20439 0.37201 -0.07707 -0.14647 0.06486  67  THR A CB  
536 O  OG1 . THR A 71 ? 0.45131 0.31437 0.41501 -0.02634 -0.17716 0.02152  67  THR A OG1 
537 C  CG2 . THR A 71 ? 0.34844 0.23522 0.39025 -0.06094 -0.13862 0.06551  67  THR A CG2 
538 N  N   A TRP A 72 ? 0.18569 0.29180 0.26638 -0.08640 -0.06239 0.10533  68  TRP A N   
539 N  N   B TRP A 72 ? 0.16654 0.25513 0.23792 -0.09889 -0.05354 0.10378  68  TRP A N   
540 C  CA  A TRP A 72 ? 0.19595 0.26523 0.27517 -0.07532 -0.05339 0.11451  68  TRP A CA  
541 C  CA  B TRP A 72 ? 0.16894 0.20599 0.23752 -0.08891 -0.04557 0.09364  68  TRP A CA  
542 C  C   A TRP A 72 ? 0.21198 0.24587 0.30209 -0.04694 -0.07480 0.07418  68  TRP A C   
543 C  C   B TRP A 72 ? 0.18479 0.19175 0.25208 -0.07276 -0.05033 0.10424  68  TRP A C   
544 O  O   A TRP A 72 ? 0.23381 0.25645 0.34578 -0.00715 -0.08159 0.05154  68  TRP A O   
545 O  O   B TRP A 72 ? 0.18579 0.16558 0.30068 -0.05290 -0.04895 0.10209  68  TRP A O   
546 C  CB  A TRP A 72 ? 0.17970 0.32668 0.27570 -0.06250 -0.03369 0.12329  68  TRP A CB  
547 C  CB  B TRP A 72 ? 0.17279 0.25640 0.25426 -0.08862 -0.04043 0.09526  68  TRP A CB  
548 C  CG  A TRP A 72 ? 0.16977 0.35755 0.27168 -0.04767 -0.03566 0.08798  68  TRP A CG  
549 C  CG  B TRP A 72 ? 0.15427 0.25365 0.23866 -0.09801 -0.05445 0.07062  68  TRP A CG  
550 C  CD1 A TRP A 72 ? 0.18759 0.40008 0.24918 -0.03132 -0.04621 0.07795  68  TRP A CD1 
551 C  CD1 B TRP A 72 ? 0.16759 0.29573 0.17745 -0.09075 -0.05429 0.10936  68  TRP A CD1 
552 C  CD2 A TRP A 72 ? 0.14868 0.28490 0.26040 -0.09418 -0.03623 0.07786  68  TRP A CD2 
553 C  CD2 B TRP A 72 ? 0.19646 0.26287 0.23663 -0.07610 -0.07648 0.04784  68  TRP A CD2 
554 N  NE1 A TRP A 72 ? 0.19209 0.39155 0.24032 -0.01494 -0.03801 0.07982  68  TRP A NE1 
555 N  NE1 B TRP A 72 ? 0.17156 0.25929 0.21219 -0.09687 -0.06112 0.09983  68  TRP A NE1 
556 C  CE2 A TRP A 72 ? 0.18863 0.37003 0.24846 -0.02502 -0.03543 0.06951  68  TRP A CE2 
557 C  CE2 B TRP A 72 ? 0.20229 0.27363 0.21805 -0.06590 -0.06746 0.07469  68  TRP A CE2 
558 C  CE3 A TRP A 72 ? 0.17316 0.31831 0.26738 -0.07755 -0.03598 0.07520  68  TRP A CE3 
559 C  CE3 B TRP A 72 ? 0.21696 0.25176 0.26335 -0.06496 -0.08079 0.03688  68  TRP A CE3 
560 C  CZ2 A TRP A 72 ? 0.24050 0.41070 0.26525 0.01484  -0.04294 0.05961  68  TRP A CZ2 
561 C  CZ2 B TRP A 72 ? 0.24554 0.31679 0.23992 -0.01026 -0.09462 0.04323  68  TRP A CZ2 
562 C  CZ3 A TRP A 72 ? 0.22017 0.34106 0.22730 -0.04761 -0.02845 0.09138  68  TRP A CZ3 
563 C  CZ3 B TRP A 72 ? 0.25165 0.27240 0.27331 -0.01810 -0.08731 0.04083  68  TRP A CZ3 
564 C  CH2 A TRP A 72 ? 0.25412 0.37773 0.25834 0.00706  -0.04704 0.06784  68  TRP A CH2 
565 C  CH2 B TRP A 72 ? 0.26768 0.29065 0.26158 -0.00182 -0.09680 0.04179  68  TRP A CH2 
566 N  N   . HIS A 73 ? 0.20068 0.19359 0.26654 -0.06348 -0.06519 0.09870  69  HIS A N   
567 C  CA  . HIS A 73 ? 0.18226 0.20978 0.27604 -0.05108 -0.06193 0.09394  69  HIS A CA  
568 C  C   . HIS A 73 ? 0.19261 0.21125 0.31754 -0.05620 -0.03750 0.11670  69  HIS A C   
569 O  O   . HIS A 73 ? 0.19650 0.29278 0.32392 -0.03722 -0.02465 0.10711  69  HIS A O   
570 C  CB  . HIS A 73 ? 0.16435 0.21001 0.28915 -0.03861 -0.05714 0.06601  69  HIS A CB  
571 C  CG  . HIS A 73 ? 0.17816 0.22627 0.25277 -0.05892 -0.04822 0.08252  69  HIS A CG  
572 N  ND1 . HIS A 73 ? 0.19085 0.19345 0.26818 -0.05817 -0.03715 0.09410  69  HIS A ND1 
573 C  CD2 . HIS A 73 ? 0.21290 0.24422 0.23207 -0.05068 -0.02673 0.09942  69  HIS A CD2 
574 C  CE1 . HIS A 73 ? 0.20452 0.18462 0.27370 -0.04914 -0.03516 0.08541  69  HIS A CE1 
575 N  NE2 . HIS A 73 ? 0.21659 0.19360 0.27953 -0.05708 -0.03192 0.08532  69  HIS A NE2 
576 N  N   . LYS A 74 ? 0.19318 0.23618 0.35499 -0.06643 -0.01771 0.10316  70  LYS A N   
577 C  CA  . LYS A 74 ? 0.19864 0.27777 0.39055 -0.05965 0.00957  0.12598  70  LYS A CA  
578 C  C   . LYS A 74 ? 0.24635 0.41239 0.44889 -0.03621 -0.01248 0.08814  70  LYS A C   
579 O  O   . LYS A 74 ? 0.27267 0.45692 0.44507 -0.01757 0.02580  0.10781  70  LYS A O   
580 C  CB  . LYS A 74 ? 0.24784 0.24446 0.39782 -0.04303 -0.01190 0.11753  70  LYS A CB  
581 C  CG  . LYS A 74 ? 0.21555 0.22043 0.41776 -0.07430 -0.02359 0.10371  70  LYS A CG  
582 C  CD  . LYS A 74 ? 0.21772 0.21763 0.42536 -0.06763 -0.04077 0.10926  70  LYS A CD  
583 C  CE  . LYS A 74 ? 0.20096 0.23346 0.42168 -0.07158 -0.05548 0.12790  70  LYS A CE  
584 N  NZ  . LYS A 74 ? 0.22533 0.25325 0.39968 -0.04162 -0.06121 0.15881  70  LYS A NZ  
585 O  OXT . LYS A 74 ? 0.24852 0.38094 0.47746 -0.05925 -0.04879 0.06692  70  LYS A OXT 
586 N  N   . PRO B 1  ? 0.18620 0.28708 0.59111 -0.00492 -0.05335 -0.04990 1   PRO B N   
587 C  CA  . PRO B 1  ? 0.16069 0.20777 0.53005 -0.04134 -0.02610 0.00862  1   PRO B CA  
588 C  C   . PRO B 1  ? 0.17365 0.20664 0.45472 -0.02891 -0.02961 0.03702  1   PRO B C   
589 O  O   . PRO B 1  ? 0.20272 0.26621 0.45268 -0.00606 -0.06734 0.04898  1   PRO B O   
590 C  CB  . PRO B 1  ? 0.19589 0.21544 0.52211 -0.01985 -0.04325 0.02923  1   PRO B CB  
591 C  CG  . PRO B 1  ? 0.26724 0.25535 0.53798 0.01857  -0.08385 -0.01083 1   PRO B CG  
592 C  CD  . PRO B 1  ? 0.22098 0.27746 0.58284 -0.01445 -0.08379 -0.05808 1   PRO B CD  
593 N  N   . ARG B 2  ? 0.14557 0.18121 0.38207 -0.02896 0.01083  0.05410  2   ARG B N   
594 C  CA  . ARG B 2  ? 0.14111 0.17529 0.32053 -0.02395 0.02181  0.07698  2   ARG B CA  
595 C  C   . ARG B 2  ? 0.10557 0.15853 0.30635 -0.03157 -0.01894 0.08179  2   ARG B C   
596 O  O   . ARG B 2  ? 0.12170 0.14162 0.29903 -0.01835 -0.03044 0.07923  2   ARG B O   
597 C  CB  . ARG B 2  ? 0.17132 0.20133 0.33067 0.00973  0.01479  0.03963  2   ARG B CB  
598 C  CG  . ARG B 2  ? 0.24776 0.19387 0.35812 0.01893  0.00112  0.01949  2   ARG B CG  
599 C  CD  . ARG B 2  ? 0.31205 0.27077 0.38179 0.04430  -0.02106 -0.00946 2   ARG B CD  
600 N  NE  . ARG B 2  ? 0.31366 0.28404 0.43036 0.00113  -0.03130 -0.02590 2   ARG B NE  
601 C  CZ  . ARG B 2  ? 0.30232 0.26205 0.47092 -0.05098 -0.03218 -0.02461 2   ARG B CZ  
602 N  NH1 . ARG B 2  ? 0.34754 0.28099 0.47982 -0.04473 -0.03641 -0.00702 2   ARG B NH1 
603 N  NH2 . ARG B 2  ? 0.29661 0.22327 0.48712 -0.07437 -0.03036 -0.01004 2   ARG B NH2 
604 N  N   . VAL B 3  ? 0.10626 0.16730 0.30794 -0.02613 -0.00544 0.09731  3   VAL B N   
605 C  CA  . VAL B 3  ? 0.13327 0.14210 0.28757 -0.03670 -0.01084 0.08842  3   VAL B CA  
606 C  C   . VAL B 3  ? 0.13719 0.12470 0.26380 -0.03606 -0.00650 0.07704  3   VAL B C   
607 O  O   . VAL B 3  ? 0.14797 0.14640 0.32526 -0.03910 0.00454  0.08120  3   VAL B O   
608 C  CB  . VAL B 3  ? 0.15066 0.19093 0.29513 -0.03179 -0.03324 0.08837  3   VAL B CB  
609 C  CG1 . VAL B 3  ? 0.14425 0.18775 0.28319 -0.04013 -0.04676 0.07289  3   VAL B CG1 
610 C  CG2 . VAL B 3  ? 0.21104 0.20758 0.28668 -0.02734 -0.03393 0.11489  3   VAL B CG2 
611 N  N   . M3L B 4  ? 0.11261 0.14223 0.26304 -0.03275 -0.00359 0.07964  4   M3L B N   
612 C  CA  . M3L B 4  ? 0.12776 0.15057 0.24907 -0.03930 -0.01252 0.09362  4   M3L B CA  
613 C  CB  . M3L B 4  ? 0.12064 0.13432 0.28765 -0.03924 -0.04756 0.06221  4   M3L B CB  
614 C  CG  . M3L B 4  ? 0.13395 0.15185 0.27602 -0.04797 -0.04791 0.05356  4   M3L B CG  
615 C  CD  . M3L B 4  ? 0.12097 0.17372 0.26283 -0.03290 -0.00390 0.04981  4   M3L B CD  
616 C  CE  . M3L B 4  ? 0.13347 0.14018 0.27131 -0.01406 -0.02101 0.03449  4   M3L B CE  
617 N  NZ  . M3L B 4  ? 0.10581 0.17076 0.28226 -0.03319 -0.00649 0.03281  4   M3L B NZ  
618 C  C   . M3L B 4  ? 0.15793 0.15222 0.23197 -0.03565 -0.02173 0.10269  4   M3L B C   
619 O  O   . M3L B 4  ? 0.15501 0.16034 0.24958 -0.03199 -0.02969 0.09968  4   M3L B O   
620 C  CM1 . M3L B 4  ? 0.13042 0.22169 0.27552 -0.05247 -0.01676 0.03440  4   M3L B CM1 
621 C  CM2 . M3L B 4  ? 0.16871 0.16777 0.28558 -0.01986 -0.03099 0.02201  4   M3L B CM2 
622 C  CM3 . M3L B 4  ? 0.12332 0.18782 0.27897 -0.00797 -0.00275 0.02763  4   M3L B CM3 
623 N  N   . ALA B 5  ? 0.16698 0.17241 0.25332 -0.02443 -0.00481 0.11768  5   ALA B N   
624 C  CA  . ALA B 5  ? 0.17834 0.22297 0.25385 -0.03150 -0.00676 0.13344  5   ALA B CA  
625 C  C   . ALA B 5  ? 0.17776 0.16917 0.28650 -0.05995 -0.04431 0.10173  5   ALA B C   
626 O  O   . ALA B 5  ? 0.16244 0.23923 0.28990 -0.06586 -0.03256 0.09020  5   ALA B O   
627 C  CB  . ALA B 5  ? 0.24349 0.26954 0.25090 0.00482  -0.02365 0.13413  5   ALA B CB  
628 N  N   . ALA B 6  ? 0.19152 0.18526 0.26646 -0.06379 -0.04162 0.11494  6   ALA B N   
629 C  CA  . ALA B 6  ? 0.17788 0.24658 0.25661 -0.07022 -0.02512 0.11424  6   ALA B CA  
630 C  C   . ALA B 6  ? 0.16301 0.25106 0.24646 -0.06192 -0.03976 0.14073  6   ALA B C   
631 O  O   . ALA B 6  ? 0.17870 0.27026 0.26119 -0.06301 -0.04796 0.15318  6   ALA B O   
632 C  CB  . ALA B 6  ? 0.22890 0.19268 0.28283 -0.04972 -0.03592 0.07821  6   ALA B CB  
633 N  N   . GLN B 7  ? 0.17459 0.22890 0.28654 -0.08235 -0.05431 0.12420  7   GLN B N   
634 C  CA  . GLN B 7  ? 0.20858 0.23490 0.30680 -0.09823 -0.05110 0.11898  7   GLN B CA  
635 C  C   . GLN B 7  ? 0.26179 0.29095 0.36617 -0.09466 -0.04237 0.15811  7   GLN B C   
636 O  O   . GLN B 7  ? 0.24844 0.35504 0.40982 -0.06026 -0.03883 0.15026  7   GLN B O   
637 C  CB  . GLN B 7  ? 0.21202 0.23920 0.30887 -0.10278 -0.04441 0.11395  7   GLN B CB  
638 C  CG  . GLN B 7  ? 0.21124 0.24220 0.36796 -0.10042 -0.05523 0.11065  7   GLN B CG  
639 C  CD  . GLN B 7  ? 0.21265 0.24800 0.43616 -0.09686 -0.05716 0.10672  7   GLN B CD  
640 O  OE1 . GLN B 7  ? 0.21302 0.26238 0.45787 -0.09690 -0.05513 0.11611  7   GLN B OE1 
641 N  NE2 . GLN B 7  ? 0.23631 0.32293 0.44258 -0.05323 -0.04897 0.09195  7   GLN B NE2 
642 N  N   . ALA B 8  ? 0.31952 0.37129 0.39852 -0.07349 -0.05809 0.14651  8   ALA B N   
643 C  CA  . ALA B 8  ? 0.39908 0.44230 0.40045 -0.03546 -0.08345 0.14153  8   ALA B CA  
644 C  C   . ALA B 8  ? 0.46917 0.42438 0.42296 -0.02179 -0.14104 0.14583  8   ALA B C   
645 O  O   . ALA B 8  ? 0.50644 0.34053 0.44513 -0.00867 -0.18404 0.16796  8   ALA B O   
646 C  CB  . ALA B 8  ? 0.39144 0.42199 0.35822 -0.05004 -0.04864 0.17479  8   ALA B CB  
647 ZN ZN  . ZN  C .  ? 0.13872 0.15700 0.23048 -0.02887 -0.03775 0.08293  101 ZN  A ZN  
648 ZN ZN  . ZN  D .  ? 0.10443 0.13306 0.23155 -0.03474 -0.02690 0.08516  102 ZN  A ZN  
649 C  C   . FMT E .  ? 0.18047 0.42299 0.38166 0.02413  0.04972  0.13323  103 FMT A C   
650 O  O1  . FMT E .  ? 0.14562 0.36992 0.33642 -0.04297 -0.01024 0.12468  103 FMT A O1  
651 O  O2  . FMT E .  ? 0.24416 0.39843 0.42901 0.05958  0.04818  0.13611  103 FMT A O2  
652 C  C   . FMT F .  ? 0.61167 0.55157 0.56899 -0.03191 -0.06896 -0.06241 104 FMT A C   
653 O  O1  . FMT F .  ? 0.65293 0.53877 0.56937 -0.01143 -0.07991 -0.05693 104 FMT A O1  
654 O  O2  . FMT F .  ? 0.56679 0.55627 0.56566 -0.06120 -0.05792 -0.06481 104 FMT A O2  
655 C  C   . FMT G .  ? 0.47965 0.66988 0.67729 0.07175  -0.12609 -0.13682 105 FMT A C   
656 O  O1  . FMT G .  ? 0.49070 0.69979 0.67044 0.08600  -0.13006 -0.12335 105 FMT A O1  
657 O  O2  . FMT G .  ? 0.46842 0.68073 0.67702 0.07407  -0.11813 -0.15775 105 FMT A O2  
658 C  C   . FMT H .  ? 0.44512 0.68849 0.61268 -0.10747 -0.03248 0.00012  106 FMT A C   
659 O  O1  . FMT H .  ? 0.45016 0.74490 0.62058 -0.08280 -0.02553 0.00248  106 FMT A O1  
660 O  O2  . FMT H .  ? 0.41234 0.63225 0.58479 -0.14344 -0.01626 0.02272  106 FMT A O2  
661 C  C   . FMT I .  ? 0.30618 0.32091 0.33345 0.00260  0.00391  0.00120  107 FMT A C   
662 O  O1  . FMT I .  ? 0.33021 0.31476 0.38387 -0.02571 -0.03552 -0.00897 107 FMT A O1  
663 O  O2  . FMT I .  ? 0.35111 0.36151 0.41116 0.03335  -0.00063 0.01453  107 FMT A O2  
664 C  C   . FMT J .  ? 0.57324 0.39498 0.46014 0.01339  -0.03008 -0.01465 501 FMT B C   
665 O  O1  . FMT J .  ? 0.59729 0.40728 0.49067 0.03146  -0.04967 -0.01778 501 FMT B O1  
666 O  O2  . FMT J .  ? 0.57755 0.40696 0.46283 0.03262  -0.02247 -0.02818 501 FMT B O2  
# 
loop_
_pdbx_poly_seq_scheme.asym_id 
_pdbx_poly_seq_scheme.entity_id 
_pdbx_poly_seq_scheme.seq_id 
_pdbx_poly_seq_scheme.mon_id 
_pdbx_poly_seq_scheme.ndb_seq_num 
_pdbx_poly_seq_scheme.pdb_seq_num 
_pdbx_poly_seq_scheme.auth_seq_num 
_pdbx_poly_seq_scheme.pdb_mon_id 
_pdbx_poly_seq_scheme.auth_mon_id 
_pdbx_poly_seq_scheme.pdb_strand_id 
_pdbx_poly_seq_scheme.pdb_ins_code 
_pdbx_poly_seq_scheme.hetero 
A 1 1  GLY 1  -3 ?  ?   ?   A . n 
A 1 2  SER 2  -2 ?  ?   ?   A . n 
A 1 3  ILE 3  -1 ?  ?   ?   A . n 
A 1 4  ASN 4  0  ?  ?   ?   A . n 
A 1 5  MET 5  1  ?  ?   ?   A . n 
A 1 6  ALA 6  2  ?  ?   ?   A . n 
A 1 7  THR 7  3  3  THR THR A . n 
A 1 8  VAL 8  4  4  VAL VAL A . n 
A 1 9  PRO 9  5  5  PRO PRO A . n 
A 1 10 VAL 10 6  6  VAL VAL A . n 
A 1 11 TYR 11 7  7  TYR TYR A . n 
A 1 12 CYS 12 8  8  CYS CYS A . n 
A 1 13 VAL 13 9  9  VAL VAL A . n 
A 1 14 CYS 14 10 10 CYS CYS A . n 
A 1 15 ARG 15 11 11 ARG ARG A . n 
A 1 16 LEU 16 12 12 LEU LEU A . n 
A 1 17 PRO 17 13 13 PRO PRO A . n 
A 1 18 TYR 18 14 14 TYR TYR A . n 
A 1 19 ASP 19 15 15 ASP ASP A . n 
A 1 20 VAL 20 16 16 VAL VAL A . n 
A 1 21 THR 21 17 17 THR THR A . n 
A 1 22 ARG 22 18 18 ARG ARG A . n 
A 1 23 PHE 23 19 19 PHE PHE A . n 
A 1 24 MET 24 20 20 MET MET A . n 
A 1 25 ILE 25 21 21 ILE ILE A . n 
A 1 26 GLU 26 22 22 GLU GLU A . n 
A 1 27 CYS 27 23 23 CYS CYS A . n 
A 1 28 ASP 28 24 24 ASP ASP A . n 
A 1 29 ALA 29 25 25 ALA ALA A . n 
A 1 30 CYS 30 26 26 CYS CYS A . n 
A 1 31 LYS 31 27 27 LYS LYS A . n 
A 1 32 ASP 32 28 28 ASP ASP A . n 
A 1 33 TRP 33 29 29 TRP TRP A . n 
A 1 34 PHE 34 30 30 PHE PHE A . n 
A 1 35 HIS 35 31 31 HIS HIS A . n 
A 1 36 GLY 36 32 32 GLY GLY A . n 
A 1 37 SER 37 33 33 SER SER A . n 
A 1 38 CYS 38 34 34 CYS CYS A . n 
A 1 39 VAL 39 35 35 VAL VAL A . n 
A 1 40 GLY 40 36 36 GLY GLY A . n 
A 1 41 VAL 41 37 37 VAL VAL A . n 
A 1 42 GLU 42 38 38 GLU GLU A . n 
A 1 43 GLU 43 39 39 GLU GLU A . n 
A 1 44 GLU 44 40 40 GLU GLU A . n 
A 1 45 GLU 45 41 41 GLU GLU A . n 
A 1 46 ALA 46 42 42 ALA ALA A . n 
A 1 47 PRO 47 43 43 PRO PRO A . n 
A 1 48 ASP 48 44 44 ASP ASP A . n 
A 1 49 ILE 49 45 45 ILE ILE A . n 
A 1 50 ASP 50 46 46 ASP ASP A . n 
A 1 51 ILE 51 47 47 ILE ILE A . n 
A 1 52 TYR 52 48 48 TYR TYR A . n 
A 1 53 HIS 53 49 49 HIS HIS A . n 
A 1 54 CYS 54 50 50 CYS CYS A . n 
A 1 55 PRO 55 51 51 PRO PRO A . n 
A 1 56 ASN 56 52 52 ASN ASN A . n 
A 1 57 CYS 57 53 53 CYS CYS A . n 
A 1 58 GLU 58 54 54 GLU GLU A . n 
A 1 59 LYS 59 55 55 LYS LYS A . n 
A 1 60 THR 60 56 56 THR THR A . n 
A 1 61 HIS 61 57 57 HIS HIS A . n 
A 1 62 GLY 62 58 58 GLY GLY A . n 
A 1 63 LYS 63 59 59 LYS LYS A . n 
A 1 64 SER 64 60 60 SER SER A . n 
A 1 65 THR 65 61 61 THR THR A . n 
A 1 66 LEU 66 62 62 LEU LEU A . n 
A 1 67 LYS 67 63 63 LYS LYS A . n 
A 1 68 LYS 68 64 64 LYS LYS A . n 
A 1 69 LYS 69 65 65 LYS LYS A . n 
A 1 70 ARG 70 66 66 ARG ARG A . n 
A 1 71 THR 71 67 67 THR THR A . n 
A 1 72 TRP 72 68 68 TRP TRP A . n 
A 1 73 HIS 73 69 69 HIS HIS A . n 
A 1 74 LYS 74 70 70 LYS LYS A . n 
B 2 1  PRO 1  1  1  PRO PRO B . n 
B 2 2  ARG 2  2  2  ARG ARG B . n 
B 2 3  VAL 3  3  3  VAL VAL B . n 
B 2 4  M3L 4  4  4  M3L M3L B . n 
B 2 5  ALA 5  5  5  ALA ALA B . n 
B 2 6  ALA 6  6  6  ALA ALA B . n 
B 2 7  GLN 7  7  7  GLN GLN B . n 
B 2 8  ALA 8  8  8  ALA ALA B . n 
B 2 9  GLY 9  9  ?  ?   ?   B . n 
B 2 10 ARG 10 10 ?  ?   ?   B . n 
B 2 11 GLN 11 11 ?  ?   ?   B . n 
B 2 12 SER 12 12 ?  ?   ?   B . n 
# 
loop_
_pdbx_nonpoly_scheme.asym_id 
_pdbx_nonpoly_scheme.entity_id 
_pdbx_nonpoly_scheme.mon_id 
_pdbx_nonpoly_scheme.ndb_seq_num 
_pdbx_nonpoly_scheme.pdb_seq_num 
_pdbx_nonpoly_scheme.auth_seq_num 
_pdbx_nonpoly_scheme.pdb_mon_id 
_pdbx_nonpoly_scheme.auth_mon_id 
_pdbx_nonpoly_scheme.pdb_strand_id 
_pdbx_nonpoly_scheme.pdb_ins_code 
C 3 ZN  1   101 71  ZN  ZN  A . 
D 3 ZN  1   102 72  ZN  ZN  A . 
E 4 FMT 1   103 101 FMT FMT A . 
F 4 FMT 1   104 201 FMT FMT A . 
G 4 FMT 1   105 301 FMT FMT A . 
H 4 FMT 1   106 401 FMT FMT A . 
I 4 FMT 1   107 601 FMT FMT A . 
J 4 FMT 1   501 501 FMT FMT B . 
K 5 HOH 1   201 59  HOH HOH A . 
K 5 HOH 2   202 20  HOH HOH A . 
K 5 HOH 3   203 97  HOH HOH A . 
K 5 HOH 4   204 153 HOH HOH A . 
K 5 HOH 5   205 137 HOH HOH A . 
K 5 HOH 6   206 13  HOH HOH A . 
K 5 HOH 7   207 124 HOH HOH A . 
K 5 HOH 8   208 89  HOH HOH A . 
K 5 HOH 9   209 138 HOH HOH A . 
K 5 HOH 10  210 4   HOH HOH A . 
K 5 HOH 11  211 71  HOH HOH A . 
K 5 HOH 12  212 55  HOH HOH A . 
K 5 HOH 13  213 148 HOH HOH A . 
K 5 HOH 14  214 146 HOH HOH A . 
K 5 HOH 15  215 111 HOH HOH A . 
K 5 HOH 16  216 42  HOH HOH A . 
K 5 HOH 17  217 131 HOH HOH A . 
K 5 HOH 18  218 135 HOH HOH A . 
K 5 HOH 19  219 118 HOH HOH A . 
K 5 HOH 20  220 142 HOH HOH A . 
K 5 HOH 21  221 102 HOH HOH A . 
K 5 HOH 22  222 125 HOH HOH A . 
K 5 HOH 23  223 1   HOH HOH A . 
K 5 HOH 24  224 64  HOH HOH A . 
K 5 HOH 25  225 130 HOH HOH A . 
K 5 HOH 26  226 72  HOH HOH A . 
K 5 HOH 27  227 98  HOH HOH A . 
K 5 HOH 28  228 28  HOH HOH A . 
K 5 HOH 29  229 105 HOH HOH A . 
K 5 HOH 30  230 120 HOH HOH A . 
K 5 HOH 31  231 19  HOH HOH A . 
K 5 HOH 32  232 7   HOH HOH A . 
K 5 HOH 33  233 29  HOH HOH A . 
K 5 HOH 34  234 53  HOH HOH A . 
K 5 HOH 35  235 32  HOH HOH A . 
K 5 HOH 36  236 78  HOH HOH A . 
K 5 HOH 37  237 87  HOH HOH A . 
K 5 HOH 38  238 15  HOH HOH A . 
K 5 HOH 39  239 94  HOH HOH A . 
K 5 HOH 40  240 140 HOH HOH A . 
K 5 HOH 41  241 144 HOH HOH A . 
K 5 HOH 42  242 43  HOH HOH A . 
K 5 HOH 43  243 95  HOH HOH A . 
K 5 HOH 44  244 27  HOH HOH A . 
K 5 HOH 45  245 61  HOH HOH A . 
K 5 HOH 46  246 121 HOH HOH A . 
K 5 HOH 47  247 37  HOH HOH A . 
K 5 HOH 48  248 47  HOH HOH A . 
K 5 HOH 49  249 3   HOH HOH A . 
K 5 HOH 50  250 54  HOH HOH A . 
K 5 HOH 51  251 85  HOH HOH A . 
K 5 HOH 52  252 11  HOH HOH A . 
K 5 HOH 53  253 18  HOH HOH A . 
K 5 HOH 54  254 23  HOH HOH A . 
K 5 HOH 55  255 44  HOH HOH A . 
K 5 HOH 56  256 83  HOH HOH A . 
K 5 HOH 57  257 14  HOH HOH A . 
K 5 HOH 58  258 86  HOH HOH A . 
K 5 HOH 59  259 149 HOH HOH A . 
K 5 HOH 60  260 6   HOH HOH A . 
K 5 HOH 61  261 49  HOH HOH A . 
K 5 HOH 62  262 22  HOH HOH A . 
K 5 HOH 63  263 82  HOH HOH A . 
K 5 HOH 64  264 21  HOH HOH A . 
K 5 HOH 65  265 60  HOH HOH A . 
K 5 HOH 66  266 119 HOH HOH A . 
K 5 HOH 67  267 51  HOH HOH A . 
K 5 HOH 68  268 67  HOH HOH A . 
K 5 HOH 69  269 91  HOH HOH A . 
K 5 HOH 70  270 8   HOH HOH A . 
K 5 HOH 71  271 5   HOH HOH A . 
K 5 HOH 72  272 38  HOH HOH A . 
K 5 HOH 73  273 96  HOH HOH A . 
K 5 HOH 74  274 2   HOH HOH A . 
K 5 HOH 75  275 52  HOH HOH A . 
K 5 HOH 76  276 141 HOH HOH A . 
K 5 HOH 77  277 117 HOH HOH A . 
K 5 HOH 78  278 48  HOH HOH A . 
K 5 HOH 79  279 126 HOH HOH A . 
K 5 HOH 80  280 113 HOH HOH A . 
K 5 HOH 81  281 65  HOH HOH A . 
K 5 HOH 82  282 99  HOH HOH A . 
K 5 HOH 83  283 16  HOH HOH A . 
K 5 HOH 84  284 66  HOH HOH A . 
K 5 HOH 85  285 112 HOH HOH A . 
K 5 HOH 86  286 10  HOH HOH A . 
K 5 HOH 87  287 45  HOH HOH A . 
K 5 HOH 88  288 114 HOH HOH A . 
K 5 HOH 89  289 115 HOH HOH A . 
K 5 HOH 90  290 40  HOH HOH A . 
K 5 HOH 91  291 123 HOH HOH A . 
K 5 HOH 92  292 31  HOH HOH A . 
K 5 HOH 93  293 151 HOH HOH A . 
K 5 HOH 94  294 92  HOH HOH A . 
K 5 HOH 95  295 134 HOH HOH A . 
K 5 HOH 96  296 122 HOH HOH A . 
K 5 HOH 97  297 136 HOH HOH A . 
K 5 HOH 98  298 103 HOH HOH A . 
K 5 HOH 99  299 84  HOH HOH A . 
K 5 HOH 100 300 147 HOH HOH A . 
K 5 HOH 101 301 88  HOH HOH A . 
K 5 HOH 102 302 77  HOH HOH A . 
K 5 HOH 103 303 73  HOH HOH A . 
K 5 HOH 104 304 127 HOH HOH A . 
K 5 HOH 105 305 75  HOH HOH A . 
K 5 HOH 106 306 12  HOH HOH A . 
K 5 HOH 107 307 100 HOH HOH A . 
K 5 HOH 108 308 36  HOH HOH A . 
K 5 HOH 109 309 107 HOH HOH A . 
K 5 HOH 110 310 116 HOH HOH A . 
L 5 HOH 1   601 106 HOH HOH B . 
L 5 HOH 2   602 150 HOH HOH B . 
L 5 HOH 3   603 34  HOH HOH B . 
L 5 HOH 4   604 33  HOH HOH B . 
L 5 HOH 5   605 24  HOH HOH B . 
L 5 HOH 6   606 143 HOH HOH B . 
L 5 HOH 7   607 133 HOH HOH B . 
L 5 HOH 8   608 17  HOH HOH B . 
L 5 HOH 9   609 50  HOH HOH B . 
L 5 HOH 10  610 68  HOH HOH B . 
L 5 HOH 11  611 101 HOH HOH B . 
L 5 HOH 12  612 139 HOH HOH B . 
L 5 HOH 13  613 90  HOH HOH B . 
L 5 HOH 14  614 81  HOH HOH B . 
# 
_pdbx_struct_mod_residue.id               1 
_pdbx_struct_mod_residue.label_asym_id    B 
_pdbx_struct_mod_residue.label_comp_id    M3L 
_pdbx_struct_mod_residue.label_seq_id     4 
_pdbx_struct_mod_residue.auth_asym_id     B 
_pdbx_struct_mod_residue.auth_comp_id     M3L 
_pdbx_struct_mod_residue.auth_seq_id      4 
_pdbx_struct_mod_residue.PDB_ins_code     ? 
_pdbx_struct_mod_residue.parent_comp_id   LYS 
_pdbx_struct_mod_residue.details          'modified residue' 
# 
_pdbx_struct_assembly.id                   1 
_pdbx_struct_assembly.details              author_defined_assembly 
_pdbx_struct_assembly.method_details       ? 
_pdbx_struct_assembly.oligomeric_details   dimeric 
_pdbx_struct_assembly.oligomeric_count     2 
# 
_pdbx_struct_assembly_gen.assembly_id       1 
_pdbx_struct_assembly_gen.oper_expression   1 
_pdbx_struct_assembly_gen.asym_id_list      A,B,C,D,E,F,G,H,I,J,K,L 
# 
_pdbx_struct_oper_list.id                   1 
_pdbx_struct_oper_list.type                 'identity operation' 
_pdbx_struct_oper_list.name                 1_555 
_pdbx_struct_oper_list.symmetry_operation   x,y,z 
_pdbx_struct_oper_list.matrix[1][1]         1.0000000000 
_pdbx_struct_oper_list.matrix[1][2]         0.0000000000 
_pdbx_struct_oper_list.matrix[1][3]         0.0000000000 
_pdbx_struct_oper_list.vector[1]            0.0000000000 
_pdbx_struct_oper_list.matrix[2][1]         0.0000000000 
_pdbx_struct_oper_list.matrix[2][2]         1.0000000000 
_pdbx_struct_oper_list.matrix[2][3]         0.0000000000 
_pdbx_struct_oper_list.vector[2]            0.0000000000 
_pdbx_struct_oper_list.matrix[3][1]         0.0000000000 
_pdbx_struct_oper_list.matrix[3][2]         0.0000000000 
_pdbx_struct_oper_list.matrix[3][3]         1.0000000000 
_pdbx_struct_oper_list.vector[3]            0.0000000000 
# 
loop_
_pdbx_struct_special_symmetry.id 
_pdbx_struct_special_symmetry.PDB_model_num 
_pdbx_struct_special_symmetry.auth_asym_id 
_pdbx_struct_special_symmetry.auth_comp_id 
_pdbx_struct_special_symmetry.auth_seq_id 
_pdbx_struct_special_symmetry.PDB_ins_code 
_pdbx_struct_special_symmetry.label_asym_id 
_pdbx_struct_special_symmetry.label_comp_id 
_pdbx_struct_special_symmetry.label_seq_id 
1 1 A HOH 227 ? K HOH . 
2 1 A HOH 292 ? K HOH . 
3 1 A HOH 307 ? K HOH . 
# 
loop_
_pdbx_struct_conn_angle.id 
_pdbx_struct_conn_angle.ptnr1_label_atom_id 
_pdbx_struct_conn_angle.ptnr1_label_alt_id 
_pdbx_struct_conn_angle.ptnr1_label_asym_id 
_pdbx_struct_conn_angle.ptnr1_label_comp_id 
_pdbx_struct_conn_angle.ptnr1_label_seq_id 
_pdbx_struct_conn_angle.ptnr1_auth_atom_id 
_pdbx_struct_conn_angle.ptnr1_auth_asym_id 
_pdbx_struct_conn_angle.ptnr1_auth_comp_id 
_pdbx_struct_conn_angle.ptnr1_auth_seq_id 
_pdbx_struct_conn_angle.ptnr1_PDB_ins_code 
_pdbx_struct_conn_angle.ptnr1_symmetry 
_pdbx_struct_conn_angle.ptnr2_label_atom_id 
_pdbx_struct_conn_angle.ptnr2_label_alt_id 
_pdbx_struct_conn_angle.ptnr2_label_asym_id 
_pdbx_struct_conn_angle.ptnr2_label_comp_id 
_pdbx_struct_conn_angle.ptnr2_label_seq_id 
_pdbx_struct_conn_angle.ptnr2_auth_atom_id 
_pdbx_struct_conn_angle.ptnr2_auth_asym_id 
_pdbx_struct_conn_angle.ptnr2_auth_comp_id 
_pdbx_struct_conn_angle.ptnr2_auth_seq_id 
_pdbx_struct_conn_angle.ptnr2_PDB_ins_code 
_pdbx_struct_conn_angle.ptnr2_symmetry 
_pdbx_struct_conn_angle.ptnr3_label_atom_id 
_pdbx_struct_conn_angle.ptnr3_label_alt_id 
_pdbx_struct_conn_angle.ptnr3_label_asym_id 
_pdbx_struct_conn_angle.ptnr3_label_comp_id 
_pdbx_struct_conn_angle.ptnr3_label_seq_id 
_pdbx_struct_conn_angle.ptnr3_auth_atom_id 
_pdbx_struct_conn_angle.ptnr3_auth_asym_id 
_pdbx_struct_conn_angle.ptnr3_auth_comp_id 
_pdbx_struct_conn_angle.ptnr3_auth_seq_id 
_pdbx_struct_conn_angle.ptnr3_PDB_ins_code 
_pdbx_struct_conn_angle.ptnr3_symmetry 
_pdbx_struct_conn_angle.value 
_pdbx_struct_conn_angle.value_esd 
1  SG  ? A CYS 12 ? A CYS 8  ? 1_555 ZN ? D ZN . ? A ZN 102 ? 1_555 SG  ? A CYS 14 ? A CYS 10 ? 1_555 114.1 ? 
2  SG  ? A CYS 12 ? A CYS 8  ? 1_555 ZN ? D ZN . ? A ZN 102 ? 1_555 ND1 ? A HIS 35 ? A HIS 31 ? 1_555 103.8 ? 
3  SG  ? A CYS 14 ? A CYS 10 ? 1_555 ZN ? D ZN . ? A ZN 102 ? 1_555 ND1 ? A HIS 35 ? A HIS 31 ? 1_555 96.3  ? 
4  SG  ? A CYS 12 ? A CYS 8  ? 1_555 ZN ? D ZN . ? A ZN 102 ? 1_555 SG  ? A CYS 38 ? A CYS 34 ? 1_555 109.0 ? 
5  SG  ? A CYS 14 ? A CYS 10 ? 1_555 ZN ? D ZN . ? A ZN 102 ? 1_555 SG  ? A CYS 38 ? A CYS 34 ? 1_555 120.4 ? 
6  ND1 ? A HIS 35 ? A HIS 31 ? 1_555 ZN ? D ZN . ? A ZN 102 ? 1_555 SG  ? A CYS 38 ? A CYS 34 ? 1_555 111.4 ? 
7  SG  ? A CYS 27 ? A CYS 23 ? 1_555 ZN ? C ZN . ? A ZN 101 ? 1_555 SG  ? A CYS 30 ? A CYS 26 ? 1_555 104.3 ? 
8  SG  ? A CYS 27 ? A CYS 23 ? 1_555 ZN ? C ZN . ? A ZN 101 ? 1_555 SG  ? A CYS 54 ? A CYS 50 ? 1_555 112.1 ? 
9  SG  ? A CYS 30 ? A CYS 26 ? 1_555 ZN ? C ZN . ? A ZN 101 ? 1_555 SG  ? A CYS 54 ? A CYS 50 ? 1_555 117.9 ? 
10 SG  ? A CYS 27 ? A CYS 23 ? 1_555 ZN ? C ZN . ? A ZN 101 ? 1_555 SG  ? A CYS 57 ? A CYS 53 ? 1_555 109.0 ? 
11 SG  ? A CYS 30 ? A CYS 26 ? 1_555 ZN ? C ZN . ? A ZN 101 ? 1_555 SG  ? A CYS 57 ? A CYS 53 ? 1_555 109.6 ? 
12 SG  ? A CYS 54 ? A CYS 50 ? 1_555 ZN ? C ZN . ? A ZN 101 ? 1_555 SG  ? A CYS 57 ? A CYS 53 ? 1_555 103.9 ? 
# 
loop_
_pdbx_audit_revision_history.ordinal 
_pdbx_audit_revision_history.data_content_type 
_pdbx_audit_revision_history.major_revision 
_pdbx_audit_revision_history.minor_revision 
_pdbx_audit_revision_history.revision_date 
1 'Structure model' 1 0 2021-05-26 
2 'Structure model' 1 1 2021-06-09 
3 'Structure model' 1 2 2023-10-18 
# 
_pdbx_audit_revision_details.ordinal             1 
_pdbx_audit_revision_details.revision_ordinal    1 
_pdbx_audit_revision_details.data_content_type   'Structure model' 
_pdbx_audit_revision_details.provider            repository 
_pdbx_audit_revision_details.type                'Initial release' 
_pdbx_audit_revision_details.description         ? 
_pdbx_audit_revision_details.details             ? 
# 
loop_
_pdbx_audit_revision_group.ordinal 
_pdbx_audit_revision_group.revision_ordinal 
_pdbx_audit_revision_group.data_content_type 
_pdbx_audit_revision_group.group 
1 2 'Structure model' 'Database references'    
2 3 'Structure model' 'Data collection'        
3 3 'Structure model' 'Database references'    
4 3 'Structure model' 'Refinement description' 
# 
loop_
_pdbx_audit_revision_category.ordinal 
_pdbx_audit_revision_category.revision_ordinal 
_pdbx_audit_revision_category.data_content_type 
_pdbx_audit_revision_category.category 
1 2 'Structure model' citation                      
2 3 'Structure model' chem_comp_atom                
3 3 'Structure model' chem_comp_bond                
4 3 'Structure model' database_2                    
5 3 'Structure model' pdbx_initial_refinement_model 
# 
loop_
_pdbx_audit_revision_item.ordinal 
_pdbx_audit_revision_item.revision_ordinal 
_pdbx_audit_revision_item.data_content_type 
_pdbx_audit_revision_item.item 
1 2 'Structure model' '_citation.journal_volume'            
2 2 'Structure model' '_citation.page_first'                
3 2 'Structure model' '_citation.page_last'                 
4 3 'Structure model' '_database_2.pdbx_DOI'                
5 3 'Structure model' '_database_2.pdbx_database_accession' 
# 
loop_
_space_group_symop.id 
_space_group_symop.operation_xyz 
1 x,y,z               
2 x,-y,-z             
3 -x,y,-z             
4 -x,-y,z             
5 x+1/2,y+1/2,z+1/2   
6 x+1/2,-y+1/2,-z+1/2 
7 -x+1/2,y+1/2,-z+1/2 
8 -x+1/2,-y+1/2,z+1/2 
# 
loop_
_software.citation_id 
_software.classification 
_software.compiler_name 
_software.compiler_version 
_software.contact_author 
_software.contact_author_email 
_software.date 
_software.description 
_software.dependencies 
_software.hardware 
_software.language 
_software.location 
_software.mods 
_software.name 
_software.os 
_software.os_version 
_software.type 
_software.version 
_software.pdbx_ordinal 
? 'data collection' ? ? ? ? ? ? ? ? ? ? ? SERGUI   ? ? ? .           1 
? refinement        ? ? ? ? ? ? ? ? ? ? ? PHENIX   ? ? ? 1.19.1_4122 2 
? 'data reduction'  ? ? ? ? ? ? ? ? ? ? ? HKL-2000 ? ? ? .           3 
? 'data scaling'    ? ? ? ? ? ? ? ? ? ? ? HKL-2000 ? ? ? .           4 
? phasing           ? ? ? ? ? ? ? ? ? ? ? PHENIX   ? ? ? .           5 
# 
_pdbx_entry_details.entry_id                 7M10 
_pdbx_entry_details.has_ligand_of_interest   N 
_pdbx_entry_details.compound_details         ? 
_pdbx_entry_details.source_details           ? 
_pdbx_entry_details.nonpolymer_details       ? 
_pdbx_entry_details.sequence_details         ? 
# 
_pdbx_validate_torsion.id              1 
_pdbx_validate_torsion.PDB_model_num   1 
_pdbx_validate_torsion.auth_comp_id    CYS 
_pdbx_validate_torsion.auth_asym_id    A 
_pdbx_validate_torsion.auth_seq_id     8 
_pdbx_validate_torsion.PDB_ins_code    ? 
_pdbx_validate_torsion.label_alt_id    ? 
_pdbx_validate_torsion.phi             75.27 
_pdbx_validate_torsion.psi             175.57 
# 
loop_
_pdbx_unobs_or_zero_occ_residues.id 
_pdbx_unobs_or_zero_occ_residues.PDB_model_num 
_pdbx_unobs_or_zero_occ_residues.polymer_flag 
_pdbx_unobs_or_zero_occ_residues.occupancy_flag 
_pdbx_unobs_or_zero_occ_residues.auth_asym_id 
_pdbx_unobs_or_zero_occ_residues.auth_comp_id 
_pdbx_unobs_or_zero_occ_residues.auth_seq_id 
_pdbx_unobs_or_zero_occ_residues.PDB_ins_code 
_pdbx_unobs_or_zero_occ_residues.label_asym_id 
_pdbx_unobs_or_zero_occ_residues.label_comp_id 
_pdbx_unobs_or_zero_occ_residues.label_seq_id 
1  1 Y 1 A GLY -3 ? A GLY 1  
2  1 Y 1 A SER -2 ? A SER 2  
3  1 Y 1 A ILE -1 ? A ILE 3  
4  1 Y 1 A ASN 0  ? A ASN 4  
5  1 Y 1 A MET 1  ? A MET 5  
6  1 Y 1 A ALA 2  ? A ALA 6  
7  1 Y 1 B GLY 9  ? B GLY 9  
8  1 Y 1 B ARG 10 ? B ARG 10 
9  1 Y 1 B GLN 11 ? B GLN 11 
10 1 Y 1 B SER 12 ? B SER 12 
# 
loop_
_chem_comp_atom.comp_id 
_chem_comp_atom.atom_id 
_chem_comp_atom.type_symbol 
_chem_comp_atom.pdbx_aromatic_flag 
_chem_comp_atom.pdbx_stereo_config 
_chem_comp_atom.pdbx_ordinal 
ALA N    N  N N 1   
ALA CA   C  N S 2   
ALA C    C  N N 3   
ALA O    O  N N 4   
ALA CB   C  N N 5   
ALA OXT  O  N N 6   
ALA H    H  N N 7   
ALA H2   H  N N 8   
ALA HA   H  N N 9   
ALA HB1  H  N N 10  
ALA HB2  H  N N 11  
ALA HB3  H  N N 12  
ALA HXT  H  N N 13  
ARG N    N  N N 14  
ARG CA   C  N S 15  
ARG C    C  N N 16  
ARG O    O  N N 17  
ARG CB   C  N N 18  
ARG CG   C  N N 19  
ARG CD   C  N N 20  
ARG NE   N  N N 21  
ARG CZ   C  N N 22  
ARG NH1  N  N N 23  
ARG NH2  N  N N 24  
ARG OXT  O  N N 25  
ARG H    H  N N 26  
ARG H2   H  N N 27  
ARG HA   H  N N 28  
ARG HB2  H  N N 29  
ARG HB3  H  N N 30  
ARG HG2  H  N N 31  
ARG HG3  H  N N 32  
ARG HD2  H  N N 33  
ARG HD3  H  N N 34  
ARG HE   H  N N 35  
ARG HH11 H  N N 36  
ARG HH12 H  N N 37  
ARG HH21 H  N N 38  
ARG HH22 H  N N 39  
ARG HXT  H  N N 40  
ASN N    N  N N 41  
ASN CA   C  N S 42  
ASN C    C  N N 43  
ASN O    O  N N 44  
ASN CB   C  N N 45  
ASN CG   C  N N 46  
ASN OD1  O  N N 47  
ASN ND2  N  N N 48  
ASN OXT  O  N N 49  
ASN H    H  N N 50  
ASN H2   H  N N 51  
ASN HA   H  N N 52  
ASN HB2  H  N N 53  
ASN HB3  H  N N 54  
ASN HD21 H  N N 55  
ASN HD22 H  N N 56  
ASN HXT  H  N N 57  
ASP N    N  N N 58  
ASP CA   C  N S 59  
ASP C    C  N N 60  
ASP O    O  N N 61  
ASP CB   C  N N 62  
ASP CG   C  N N 63  
ASP OD1  O  N N 64  
ASP OD2  O  N N 65  
ASP OXT  O  N N 66  
ASP H    H  N N 67  
ASP H2   H  N N 68  
ASP HA   H  N N 69  
ASP HB2  H  N N 70  
ASP HB3  H  N N 71  
ASP HD2  H  N N 72  
ASP HXT  H  N N 73  
CYS N    N  N N 74  
CYS CA   C  N R 75  
CYS C    C  N N 76  
CYS O    O  N N 77  
CYS CB   C  N N 78  
CYS SG   S  N N 79  
CYS OXT  O  N N 80  
CYS H    H  N N 81  
CYS H2   H  N N 82  
CYS HA   H  N N 83  
CYS HB2  H  N N 84  
CYS HB3  H  N N 85  
CYS HG   H  N N 86  
CYS HXT  H  N N 87  
FMT C    C  N N 88  
FMT O1   O  N N 89  
FMT O2   O  N N 90  
FMT H    H  N N 91  
FMT HO2  H  N N 92  
GLN N    N  N N 93  
GLN CA   C  N S 94  
GLN C    C  N N 95  
GLN O    O  N N 96  
GLN CB   C  N N 97  
GLN CG   C  N N 98  
GLN CD   C  N N 99  
GLN OE1  O  N N 100 
GLN NE2  N  N N 101 
GLN OXT  O  N N 102 
GLN H    H  N N 103 
GLN H2   H  N N 104 
GLN HA   H  N N 105 
GLN HB2  H  N N 106 
GLN HB3  H  N N 107 
GLN HG2  H  N N 108 
GLN HG3  H  N N 109 
GLN HE21 H  N N 110 
GLN HE22 H  N N 111 
GLN HXT  H  N N 112 
GLU N    N  N N 113 
GLU CA   C  N S 114 
GLU C    C  N N 115 
GLU O    O  N N 116 
GLU CB   C  N N 117 
GLU CG   C  N N 118 
GLU CD   C  N N 119 
GLU OE1  O  N N 120 
GLU OE2  O  N N 121 
GLU OXT  O  N N 122 
GLU H    H  N N 123 
GLU H2   H  N N 124 
GLU HA   H  N N 125 
GLU HB2  H  N N 126 
GLU HB3  H  N N 127 
GLU HG2  H  N N 128 
GLU HG3  H  N N 129 
GLU HE2  H  N N 130 
GLU HXT  H  N N 131 
GLY N    N  N N 132 
GLY CA   C  N N 133 
GLY C    C  N N 134 
GLY O    O  N N 135 
GLY OXT  O  N N 136 
GLY H    H  N N 137 
GLY H2   H  N N 138 
GLY HA2  H  N N 139 
GLY HA3  H  N N 140 
GLY HXT  H  N N 141 
HIS N    N  N N 142 
HIS CA   C  N S 143 
HIS C    C  N N 144 
HIS O    O  N N 145 
HIS CB   C  N N 146 
HIS CG   C  Y N 147 
HIS ND1  N  Y N 148 
HIS CD2  C  Y N 149 
HIS CE1  C  Y N 150 
HIS NE2  N  Y N 151 
HIS OXT  O  N N 152 
HIS H    H  N N 153 
HIS H2   H  N N 154 
HIS HA   H  N N 155 
HIS HB2  H  N N 156 
HIS HB3  H  N N 157 
HIS HD1  H  N N 158 
HIS HD2  H  N N 159 
HIS HE1  H  N N 160 
HIS HE2  H  N N 161 
HIS HXT  H  N N 162 
HOH O    O  N N 163 
HOH H1   H  N N 164 
HOH H2   H  N N 165 
ILE N    N  N N 166 
ILE CA   C  N S 167 
ILE C    C  N N 168 
ILE O    O  N N 169 
ILE CB   C  N S 170 
ILE CG1  C  N N 171 
ILE CG2  C  N N 172 
ILE CD1  C  N N 173 
ILE OXT  O  N N 174 
ILE H    H  N N 175 
ILE H2   H  N N 176 
ILE HA   H  N N 177 
ILE HB   H  N N 178 
ILE HG12 H  N N 179 
ILE HG13 H  N N 180 
ILE HG21 H  N N 181 
ILE HG22 H  N N 182 
ILE HG23 H  N N 183 
ILE HD11 H  N N 184 
ILE HD12 H  N N 185 
ILE HD13 H  N N 186 
ILE HXT  H  N N 187 
LEU N    N  N N 188 
LEU CA   C  N S 189 
LEU C    C  N N 190 
LEU O    O  N N 191 
LEU CB   C  N N 192 
LEU CG   C  N N 193 
LEU CD1  C  N N 194 
LEU CD2  C  N N 195 
LEU OXT  O  N N 196 
LEU H    H  N N 197 
LEU H2   H  N N 198 
LEU HA   H  N N 199 
LEU HB2  H  N N 200 
LEU HB3  H  N N 201 
LEU HG   H  N N 202 
LEU HD11 H  N N 203 
LEU HD12 H  N N 204 
LEU HD13 H  N N 205 
LEU HD21 H  N N 206 
LEU HD22 H  N N 207 
LEU HD23 H  N N 208 
LEU HXT  H  N N 209 
LYS N    N  N N 210 
LYS CA   C  N S 211 
LYS C    C  N N 212 
LYS O    O  N N 213 
LYS CB   C  N N 214 
LYS CG   C  N N 215 
LYS CD   C  N N 216 
LYS CE   C  N N 217 
LYS NZ   N  N N 218 
LYS OXT  O  N N 219 
LYS H    H  N N 220 
LYS H2   H  N N 221 
LYS HA   H  N N 222 
LYS HB2  H  N N 223 
LYS HB3  H  N N 224 
LYS HG2  H  N N 225 
LYS HG3  H  N N 226 
LYS HD2  H  N N 227 
LYS HD3  H  N N 228 
LYS HE2  H  N N 229 
LYS HE3  H  N N 230 
LYS HZ1  H  N N 231 
LYS HZ2  H  N N 232 
LYS HZ3  H  N N 233 
LYS HXT  H  N N 234 
M3L N    N  N N 235 
M3L CA   C  N S 236 
M3L CB   C  N N 237 
M3L CG   C  N N 238 
M3L CD   C  N N 239 
M3L CE   C  N N 240 
M3L NZ   N  N N 241 
M3L C    C  N N 242 
M3L O    O  N N 243 
M3L OXT  O  N N 244 
M3L CM1  C  N N 245 
M3L CM2  C  N N 246 
M3L CM3  C  N N 247 
M3L H    H  N N 248 
M3L H2   H  N N 249 
M3L HA   H  N N 250 
M3L HB2  H  N N 251 
M3L HB3  H  N N 252 
M3L HG2  H  N N 253 
M3L HG3  H  N N 254 
M3L HD2  H  N N 255 
M3L HD3  H  N N 256 
M3L HE2  H  N N 257 
M3L HE3  H  N N 258 
M3L HXT  H  N N 259 
M3L HM11 H  N N 260 
M3L HM12 H  N N 261 
M3L HM13 H  N N 262 
M3L HM21 H  N N 263 
M3L HM22 H  N N 264 
M3L HM23 H  N N 265 
M3L HM31 H  N N 266 
M3L HM32 H  N N 267 
M3L HM33 H  N N 268 
MET N    N  N N 269 
MET CA   C  N S 270 
MET C    C  N N 271 
MET O    O  N N 272 
MET CB   C  N N 273 
MET CG   C  N N 274 
MET SD   S  N N 275 
MET CE   C  N N 276 
MET OXT  O  N N 277 
MET H    H  N N 278 
MET H2   H  N N 279 
MET HA   H  N N 280 
MET HB2  H  N N 281 
MET HB3  H  N N 282 
MET HG2  H  N N 283 
MET HG3  H  N N 284 
MET HE1  H  N N 285 
MET HE2  H  N N 286 
MET HE3  H  N N 287 
MET HXT  H  N N 288 
PHE N    N  N N 289 
PHE CA   C  N S 290 
PHE C    C  N N 291 
PHE O    O  N N 292 
PHE CB   C  N N 293 
PHE CG   C  Y N 294 
PHE CD1  C  Y N 295 
PHE CD2  C  Y N 296 
PHE CE1  C  Y N 297 
PHE CE2  C  Y N 298 
PHE CZ   C  Y N 299 
PHE OXT  O  N N 300 
PHE H    H  N N 301 
PHE H2   H  N N 302 
PHE HA   H  N N 303 
PHE HB2  H  N N 304 
PHE HB3  H  N N 305 
PHE HD1  H  N N 306 
PHE HD2  H  N N 307 
PHE HE1  H  N N 308 
PHE HE2  H  N N 309 
PHE HZ   H  N N 310 
PHE HXT  H  N N 311 
PRO N    N  N N 312 
PRO CA   C  N S 313 
PRO C    C  N N 314 
PRO O    O  N N 315 
PRO CB   C  N N 316 
PRO CG   C  N N 317 
PRO CD   C  N N 318 
PRO OXT  O  N N 319 
PRO H    H  N N 320 
PRO HA   H  N N 321 
PRO HB2  H  N N 322 
PRO HB3  H  N N 323 
PRO HG2  H  N N 324 
PRO HG3  H  N N 325 
PRO HD2  H  N N 326 
PRO HD3  H  N N 327 
PRO HXT  H  N N 328 
SER N    N  N N 329 
SER CA   C  N S 330 
SER C    C  N N 331 
SER O    O  N N 332 
SER CB   C  N N 333 
SER OG   O  N N 334 
SER OXT  O  N N 335 
SER H    H  N N 336 
SER H2   H  N N 337 
SER HA   H  N N 338 
SER HB2  H  N N 339 
SER HB3  H  N N 340 
SER HG   H  N N 341 
SER HXT  H  N N 342 
THR N    N  N N 343 
THR CA   C  N S 344 
THR C    C  N N 345 
THR O    O  N N 346 
THR CB   C  N R 347 
THR OG1  O  N N 348 
THR CG2  C  N N 349 
THR OXT  O  N N 350 
THR H    H  N N 351 
THR H2   H  N N 352 
THR HA   H  N N 353 
THR HB   H  N N 354 
THR HG1  H  N N 355 
THR HG21 H  N N 356 
THR HG22 H  N N 357 
THR HG23 H  N N 358 
THR HXT  H  N N 359 
TRP N    N  N N 360 
TRP CA   C  N S 361 
TRP C    C  N N 362 
TRP O    O  N N 363 
TRP CB   C  N N 364 
TRP CG   C  Y N 365 
TRP CD1  C  Y N 366 
TRP CD2  C  Y N 367 
TRP NE1  N  Y N 368 
TRP CE2  C  Y N 369 
TRP CE3  C  Y N 370 
TRP CZ2  C  Y N 371 
TRP CZ3  C  Y N 372 
TRP CH2  C  Y N 373 
TRP OXT  O  N N 374 
TRP H    H  N N 375 
TRP H2   H  N N 376 
TRP HA   H  N N 377 
TRP HB2  H  N N 378 
TRP HB3  H  N N 379 
TRP HD1  H  N N 380 
TRP HE1  H  N N 381 
TRP HE3  H  N N 382 
TRP HZ2  H  N N 383 
TRP HZ3  H  N N 384 
TRP HH2  H  N N 385 
TRP HXT  H  N N 386 
TYR N    N  N N 387 
TYR CA   C  N S 388 
TYR C    C  N N 389 
TYR O    O  N N 390 
TYR CB   C  N N 391 
TYR CG   C  Y N 392 
TYR CD1  C  Y N 393 
TYR CD2  C  Y N 394 
TYR CE1  C  Y N 395 
TYR CE2  C  Y N 396 
TYR CZ   C  Y N 397 
TYR OH   O  N N 398 
TYR OXT  O  N N 399 
TYR H    H  N N 400 
TYR H2   H  N N 401 
TYR HA   H  N N 402 
TYR HB2  H  N N 403 
TYR HB3  H  N N 404 
TYR HD1  H  N N 405 
TYR HD2  H  N N 406 
TYR HE1  H  N N 407 
TYR HE2  H  N N 408 
TYR HH   H  N N 409 
TYR HXT  H  N N 410 
VAL N    N  N N 411 
VAL CA   C  N S 412 
VAL C    C  N N 413 
VAL O    O  N N 414 
VAL CB   C  N N 415 
VAL CG1  C  N N 416 
VAL CG2  C  N N 417 
VAL OXT  O  N N 418 
VAL H    H  N N 419 
VAL H2   H  N N 420 
VAL HA   H  N N 421 
VAL HB   H  N N 422 
VAL HG11 H  N N 423 
VAL HG12 H  N N 424 
VAL HG13 H  N N 425 
VAL HG21 H  N N 426 
VAL HG22 H  N N 427 
VAL HG23 H  N N 428 
VAL HXT  H  N N 429 
ZN  ZN   ZN N N 430 
# 
loop_
_chem_comp_bond.comp_id 
_chem_comp_bond.atom_id_1 
_chem_comp_bond.atom_id_2 
_chem_comp_bond.value_order 
_chem_comp_bond.pdbx_aromatic_flag 
_chem_comp_bond.pdbx_stereo_config 
_chem_comp_bond.pdbx_ordinal 
ALA N   CA   sing N N 1   
ALA N   H    sing N N 2   
ALA N   H2   sing N N 3   
ALA CA  C    sing N N 4   
ALA CA  CB   sing N N 5   
ALA CA  HA   sing N N 6   
ALA C   O    doub N N 7   
ALA C   OXT  sing N N 8   
ALA CB  HB1  sing N N 9   
ALA CB  HB2  sing N N 10  
ALA CB  HB3  sing N N 11  
ALA OXT HXT  sing N N 12  
ARG N   CA   sing N N 13  
ARG N   H    sing N N 14  
ARG N   H2   sing N N 15  
ARG CA  C    sing N N 16  
ARG CA  CB   sing N N 17  
ARG CA  HA   sing N N 18  
ARG C   O    doub N N 19  
ARG C   OXT  sing N N 20  
ARG CB  CG   sing N N 21  
ARG CB  HB2  sing N N 22  
ARG CB  HB3  sing N N 23  
ARG CG  CD   sing N N 24  
ARG CG  HG2  sing N N 25  
ARG CG  HG3  sing N N 26  
ARG CD  NE   sing N N 27  
ARG CD  HD2  sing N N 28  
ARG CD  HD3  sing N N 29  
ARG NE  CZ   sing N N 30  
ARG NE  HE   sing N N 31  
ARG CZ  NH1  sing N N 32  
ARG CZ  NH2  doub N N 33  
ARG NH1 HH11 sing N N 34  
ARG NH1 HH12 sing N N 35  
ARG NH2 HH21 sing N N 36  
ARG NH2 HH22 sing N N 37  
ARG OXT HXT  sing N N 38  
ASN N   CA   sing N N 39  
ASN N   H    sing N N 40  
ASN N   H2   sing N N 41  
ASN CA  C    sing N N 42  
ASN CA  CB   sing N N 43  
ASN CA  HA   sing N N 44  
ASN C   O    doub N N 45  
ASN C   OXT  sing N N 46  
ASN CB  CG   sing N N 47  
ASN CB  HB2  sing N N 48  
ASN CB  HB3  sing N N 49  
ASN CG  OD1  doub N N 50  
ASN CG  ND2  sing N N 51  
ASN ND2 HD21 sing N N 52  
ASN ND2 HD22 sing N N 53  
ASN OXT HXT  sing N N 54  
ASP N   CA   sing N N 55  
ASP N   H    sing N N 56  
ASP N   H2   sing N N 57  
ASP CA  C    sing N N 58  
ASP CA  CB   sing N N 59  
ASP CA  HA   sing N N 60  
ASP C   O    doub N N 61  
ASP C   OXT  sing N N 62  
ASP CB  CG   sing N N 63  
ASP CB  HB2  sing N N 64  
ASP CB  HB3  sing N N 65  
ASP CG  OD1  doub N N 66  
ASP CG  OD2  sing N N 67  
ASP OD2 HD2  sing N N 68  
ASP OXT HXT  sing N N 69  
CYS N   CA   sing N N 70  
CYS N   H    sing N N 71  
CYS N   H2   sing N N 72  
CYS CA  C    sing N N 73  
CYS CA  CB   sing N N 74  
CYS CA  HA   sing N N 75  
CYS C   O    doub N N 76  
CYS C   OXT  sing N N 77  
CYS CB  SG   sing N N 78  
CYS CB  HB2  sing N N 79  
CYS CB  HB3  sing N N 80  
CYS SG  HG   sing N N 81  
CYS OXT HXT  sing N N 82  
FMT C   O1   doub N N 83  
FMT C   O2   sing N N 84  
FMT C   H    sing N N 85  
FMT O2  HO2  sing N N 86  
GLN N   CA   sing N N 87  
GLN N   H    sing N N 88  
GLN N   H2   sing N N 89  
GLN CA  C    sing N N 90  
GLN CA  CB   sing N N 91  
GLN CA  HA   sing N N 92  
GLN C   O    doub N N 93  
GLN C   OXT  sing N N 94  
GLN CB  CG   sing N N 95  
GLN CB  HB2  sing N N 96  
GLN CB  HB3  sing N N 97  
GLN CG  CD   sing N N 98  
GLN CG  HG2  sing N N 99  
GLN CG  HG3  sing N N 100 
GLN CD  OE1  doub N N 101 
GLN CD  NE2  sing N N 102 
GLN NE2 HE21 sing N N 103 
GLN NE2 HE22 sing N N 104 
GLN OXT HXT  sing N N 105 
GLU N   CA   sing N N 106 
GLU N   H    sing N N 107 
GLU N   H2   sing N N 108 
GLU CA  C    sing N N 109 
GLU CA  CB   sing N N 110 
GLU CA  HA   sing N N 111 
GLU C   O    doub N N 112 
GLU C   OXT  sing N N 113 
GLU CB  CG   sing N N 114 
GLU CB  HB2  sing N N 115 
GLU CB  HB3  sing N N 116 
GLU CG  CD   sing N N 117 
GLU CG  HG2  sing N N 118 
GLU CG  HG3  sing N N 119 
GLU CD  OE1  doub N N 120 
GLU CD  OE2  sing N N 121 
GLU OE2 HE2  sing N N 122 
GLU OXT HXT  sing N N 123 
GLY N   CA   sing N N 124 
GLY N   H    sing N N 125 
GLY N   H2   sing N N 126 
GLY CA  C    sing N N 127 
GLY CA  HA2  sing N N 128 
GLY CA  HA3  sing N N 129 
GLY C   O    doub N N 130 
GLY C   OXT  sing N N 131 
GLY OXT HXT  sing N N 132 
HIS N   CA   sing N N 133 
HIS N   H    sing N N 134 
HIS N   H2   sing N N 135 
HIS CA  C    sing N N 136 
HIS CA  CB   sing N N 137 
HIS CA  HA   sing N N 138 
HIS C   O    doub N N 139 
HIS C   OXT  sing N N 140 
HIS CB  CG   sing N N 141 
HIS CB  HB2  sing N N 142 
HIS CB  HB3  sing N N 143 
HIS CG  ND1  sing Y N 144 
HIS CG  CD2  doub Y N 145 
HIS ND1 CE1  doub Y N 146 
HIS ND1 HD1  sing N N 147 
HIS CD2 NE2  sing Y N 148 
HIS CD2 HD2  sing N N 149 
HIS CE1 NE2  sing Y N 150 
HIS CE1 HE1  sing N N 151 
HIS NE2 HE2  sing N N 152 
HIS OXT HXT  sing N N 153 
HOH O   H1   sing N N 154 
HOH O   H2   sing N N 155 
ILE N   CA   sing N N 156 
ILE N   H    sing N N 157 
ILE N   H2   sing N N 158 
ILE CA  C    sing N N 159 
ILE CA  CB   sing N N 160 
ILE CA  HA   sing N N 161 
ILE C   O    doub N N 162 
ILE C   OXT  sing N N 163 
ILE CB  CG1  sing N N 164 
ILE CB  CG2  sing N N 165 
ILE CB  HB   sing N N 166 
ILE CG1 CD1  sing N N 167 
ILE CG1 HG12 sing N N 168 
ILE CG1 HG13 sing N N 169 
ILE CG2 HG21 sing N N 170 
ILE CG2 HG22 sing N N 171 
ILE CG2 HG23 sing N N 172 
ILE CD1 HD11 sing N N 173 
ILE CD1 HD12 sing N N 174 
ILE CD1 HD13 sing N N 175 
ILE OXT HXT  sing N N 176 
LEU N   CA   sing N N 177 
LEU N   H    sing N N 178 
LEU N   H2   sing N N 179 
LEU CA  C    sing N N 180 
LEU CA  CB   sing N N 181 
LEU CA  HA   sing N N 182 
LEU C   O    doub N N 183 
LEU C   OXT  sing N N 184 
LEU CB  CG   sing N N 185 
LEU CB  HB2  sing N N 186 
LEU CB  HB3  sing N N 187 
LEU CG  CD1  sing N N 188 
LEU CG  CD2  sing N N 189 
LEU CG  HG   sing N N 190 
LEU CD1 HD11 sing N N 191 
LEU CD1 HD12 sing N N 192 
LEU CD1 HD13 sing N N 193 
LEU CD2 HD21 sing N N 194 
LEU CD2 HD22 sing N N 195 
LEU CD2 HD23 sing N N 196 
LEU OXT HXT  sing N N 197 
LYS N   CA   sing N N 198 
LYS N   H    sing N N 199 
LYS N   H2   sing N N 200 
LYS CA  C    sing N N 201 
LYS CA  CB   sing N N 202 
LYS CA  HA   sing N N 203 
LYS C   O    doub N N 204 
LYS C   OXT  sing N N 205 
LYS CB  CG   sing N N 206 
LYS CB  HB2  sing N N 207 
LYS CB  HB3  sing N N 208 
LYS CG  CD   sing N N 209 
LYS CG  HG2  sing N N 210 
LYS CG  HG3  sing N N 211 
LYS CD  CE   sing N N 212 
LYS CD  HD2  sing N N 213 
LYS CD  HD3  sing N N 214 
LYS CE  NZ   sing N N 215 
LYS CE  HE2  sing N N 216 
LYS CE  HE3  sing N N 217 
LYS NZ  HZ1  sing N N 218 
LYS NZ  HZ2  sing N N 219 
LYS NZ  HZ3  sing N N 220 
LYS OXT HXT  sing N N 221 
M3L N   CA   sing N N 222 
M3L N   H    sing N N 223 
M3L N   H2   sing N N 224 
M3L CA  CB   sing N N 225 
M3L CA  C    sing N N 226 
M3L CA  HA   sing N N 227 
M3L CB  CG   sing N N 228 
M3L CB  HB2  sing N N 229 
M3L CB  HB3  sing N N 230 
M3L CG  CD   sing N N 231 
M3L CG  HG2  sing N N 232 
M3L CG  HG3  sing N N 233 
M3L CD  CE   sing N N 234 
M3L CD  HD2  sing N N 235 
M3L CD  HD3  sing N N 236 
M3L CE  NZ   sing N N 237 
M3L CE  HE2  sing N N 238 
M3L CE  HE3  sing N N 239 
M3L NZ  CM1  sing N N 240 
M3L NZ  CM2  sing N N 241 
M3L NZ  CM3  sing N N 242 
M3L C   O    doub N N 243 
M3L C   OXT  sing N N 244 
M3L OXT HXT  sing N N 245 
M3L CM1 HM11 sing N N 246 
M3L CM1 HM12 sing N N 247 
M3L CM1 HM13 sing N N 248 
M3L CM2 HM21 sing N N 249 
M3L CM2 HM22 sing N N 250 
M3L CM2 HM23 sing N N 251 
M3L CM3 HM31 sing N N 252 
M3L CM3 HM32 sing N N 253 
M3L CM3 HM33 sing N N 254 
MET N   CA   sing N N 255 
MET N   H    sing N N 256 
MET N   H2   sing N N 257 
MET CA  C    sing N N 258 
MET CA  CB   sing N N 259 
MET CA  HA   sing N N 260 
MET C   O    doub N N 261 
MET C   OXT  sing N N 262 
MET CB  CG   sing N N 263 
MET CB  HB2  sing N N 264 
MET CB  HB3  sing N N 265 
MET CG  SD   sing N N 266 
MET CG  HG2  sing N N 267 
MET CG  HG3  sing N N 268 
MET SD  CE   sing N N 269 
MET CE  HE1  sing N N 270 
MET CE  HE2  sing N N 271 
MET CE  HE3  sing N N 272 
MET OXT HXT  sing N N 273 
PHE N   CA   sing N N 274 
PHE N   H    sing N N 275 
PHE N   H2   sing N N 276 
PHE CA  C    sing N N 277 
PHE CA  CB   sing N N 278 
PHE CA  HA   sing N N 279 
PHE C   O    doub N N 280 
PHE C   OXT  sing N N 281 
PHE CB  CG   sing N N 282 
PHE CB  HB2  sing N N 283 
PHE CB  HB3  sing N N 284 
PHE CG  CD1  doub Y N 285 
PHE CG  CD2  sing Y N 286 
PHE CD1 CE1  sing Y N 287 
PHE CD1 HD1  sing N N 288 
PHE CD2 CE2  doub Y N 289 
PHE CD2 HD2  sing N N 290 
PHE CE1 CZ   doub Y N 291 
PHE CE1 HE1  sing N N 292 
PHE CE2 CZ   sing Y N 293 
PHE CE2 HE2  sing N N 294 
PHE CZ  HZ   sing N N 295 
PHE OXT HXT  sing N N 296 
PRO N   CA   sing N N 297 
PRO N   CD   sing N N 298 
PRO N   H    sing N N 299 
PRO CA  C    sing N N 300 
PRO CA  CB   sing N N 301 
PRO CA  HA   sing N N 302 
PRO C   O    doub N N 303 
PRO C   OXT  sing N N 304 
PRO CB  CG   sing N N 305 
PRO CB  HB2  sing N N 306 
PRO CB  HB3  sing N N 307 
PRO CG  CD   sing N N 308 
PRO CG  HG2  sing N N 309 
PRO CG  HG3  sing N N 310 
PRO CD  HD2  sing N N 311 
PRO CD  HD3  sing N N 312 
PRO OXT HXT  sing N N 313 
SER N   CA   sing N N 314 
SER N   H    sing N N 315 
SER N   H2   sing N N 316 
SER CA  C    sing N N 317 
SER CA  CB   sing N N 318 
SER CA  HA   sing N N 319 
SER C   O    doub N N 320 
SER C   OXT  sing N N 321 
SER CB  OG   sing N N 322 
SER CB  HB2  sing N N 323 
SER CB  HB3  sing N N 324 
SER OG  HG   sing N N 325 
SER OXT HXT  sing N N 326 
THR N   CA   sing N N 327 
THR N   H    sing N N 328 
THR N   H2   sing N N 329 
THR CA  C    sing N N 330 
THR CA  CB   sing N N 331 
THR CA  HA   sing N N 332 
THR C   O    doub N N 333 
THR C   OXT  sing N N 334 
THR CB  OG1  sing N N 335 
THR CB  CG2  sing N N 336 
THR CB  HB   sing N N 337 
THR OG1 HG1  sing N N 338 
THR CG2 HG21 sing N N 339 
THR CG2 HG22 sing N N 340 
THR CG2 HG23 sing N N 341 
THR OXT HXT  sing N N 342 
TRP N   CA   sing N N 343 
TRP N   H    sing N N 344 
TRP N   H2   sing N N 345 
TRP CA  C    sing N N 346 
TRP CA  CB   sing N N 347 
TRP CA  HA   sing N N 348 
TRP C   O    doub N N 349 
TRP C   OXT  sing N N 350 
TRP CB  CG   sing N N 351 
TRP CB  HB2  sing N N 352 
TRP CB  HB3  sing N N 353 
TRP CG  CD1  doub Y N 354 
TRP CG  CD2  sing Y N 355 
TRP CD1 NE1  sing Y N 356 
TRP CD1 HD1  sing N N 357 
TRP CD2 CE2  doub Y N 358 
TRP CD2 CE3  sing Y N 359 
TRP NE1 CE2  sing Y N 360 
TRP NE1 HE1  sing N N 361 
TRP CE2 CZ2  sing Y N 362 
TRP CE3 CZ3  doub Y N 363 
TRP CE3 HE3  sing N N 364 
TRP CZ2 CH2  doub Y N 365 
TRP CZ2 HZ2  sing N N 366 
TRP CZ3 CH2  sing Y N 367 
TRP CZ3 HZ3  sing N N 368 
TRP CH2 HH2  sing N N 369 
TRP OXT HXT  sing N N 370 
TYR N   CA   sing N N 371 
TYR N   H    sing N N 372 
TYR N   H2   sing N N 373 
TYR CA  C    sing N N 374 
TYR CA  CB   sing N N 375 
TYR CA  HA   sing N N 376 
TYR C   O    doub N N 377 
TYR C   OXT  sing N N 378 
TYR CB  CG   sing N N 379 
TYR CB  HB2  sing N N 380 
TYR CB  HB3  sing N N 381 
TYR CG  CD1  doub Y N 382 
TYR CG  CD2  sing Y N 383 
TYR CD1 CE1  sing Y N 384 
TYR CD1 HD1  sing N N 385 
TYR CD2 CE2  doub Y N 386 
TYR CD2 HD2  sing N N 387 
TYR CE1 CZ   doub Y N 388 
TYR CE1 HE1  sing N N 389 
TYR CE2 CZ   sing Y N 390 
TYR CE2 HE2  sing N N 391 
TYR CZ  OH   sing N N 392 
TYR OH  HH   sing N N 393 
TYR OXT HXT  sing N N 394 
VAL N   CA   sing N N 395 
VAL N   H    sing N N 396 
VAL N   H2   sing N N 397 
VAL CA  C    sing N N 398 
VAL CA  CB   sing N N 399 
VAL CA  HA   sing N N 400 
VAL C   O    doub N N 401 
VAL C   OXT  sing N N 402 
VAL CB  CG1  sing N N 403 
VAL CB  CG2  sing N N 404 
VAL CB  HB   sing N N 405 
VAL CG1 HG11 sing N N 406 
VAL CG1 HG12 sing N N 407 
VAL CG1 HG13 sing N N 408 
VAL CG2 HG21 sing N N 409 
VAL CG2 HG22 sing N N 410 
VAL CG2 HG23 sing N N 411 
VAL OXT HXT  sing N N 412 
# 
_pdbx_audit_support.funding_organization   
'National Institutes of Health/National Institute of General Medical Sciences (NIH/NIGMS)' 
_pdbx_audit_support.country                'United States' 
_pdbx_audit_support.grant_number           GM049245-23 
_pdbx_audit_support.ordinal                1 
# 
loop_
_pdbx_entity_nonpoly.entity_id 
_pdbx_entity_nonpoly.name 
_pdbx_entity_nonpoly.comp_id 
3 'ZINC ION'    ZN  
4 'FORMIC ACID' FMT 
5 water         HOH 
# 
_pdbx_initial_refinement_model.id               1 
_pdbx_initial_refinement_model.entity_id_list   ? 
_pdbx_initial_refinement_model.type             'experimental model' 
_pdbx_initial_refinement_model.source_name      PDB 
_pdbx_initial_refinement_model.accession_code   3KQI 
_pdbx_initial_refinement_model.details          ? 
# 
_pdbx_struct_assembly_auth_evidence.id                     1 
_pdbx_struct_assembly_auth_evidence.assembly_id            1 
_pdbx_struct_assembly_auth_evidence.experimental_support   'isothermal titration calorimetry' 
_pdbx_struct_assembly_auth_evidence.details                ? 
# 
_space_group.name_H-M_alt     'I 2 2 2' 
_space_group.name_Hall        'I 2 2' 
_space_group.IT_number        23 
_space_group.crystal_system   orthorhombic 
_space_group.id               1 
# 
